data_1JYH
# 
_entry.id   1JYH 
# 
_audit_conform.dict_name       mmcif_pdbx.dic 
_audit_conform.dict_version    5.386 
_audit_conform.dict_location   http://mmcif.pdb.org/dictionaries/ascii/mmcif_pdbx.dic 
# 
loop_
_database_2.database_id 
_database_2.database_code 
_database_2.pdbx_database_accession 
_database_2.pdbx_DOI 
PDB   1JYH         pdb_00001jyh 10.2210/pdb1jyh/pdb 
RCSB  RCSB014333   ?            ?                   
WWPDB D_1000014333 ?            ?                   
# 
loop_
_pdbx_audit_revision_history.ordinal 
_pdbx_audit_revision_history.data_content_type 
_pdbx_audit_revision_history.major_revision 
_pdbx_audit_revision_history.minor_revision 
_pdbx_audit_revision_history.revision_date 
1 'Structure model' 1 0 2002-04-10 
2 'Structure model' 1 1 2008-04-27 
3 'Structure model' 1 2 2011-07-13 
4 'Structure model' 1 3 2021-02-03 
5 'Structure model' 1 4 2024-02-07 
# 
_pdbx_audit_revision_details.ordinal             1 
_pdbx_audit_revision_details.revision_ordinal    1 
_pdbx_audit_revision_details.data_content_type   'Structure model' 
_pdbx_audit_revision_details.provider            repository 
_pdbx_audit_revision_details.type                'Initial release' 
_pdbx_audit_revision_details.description         ? 
_pdbx_audit_revision_details.details             ? 
# 
loop_
_pdbx_audit_revision_group.ordinal 
_pdbx_audit_revision_group.revision_ordinal 
_pdbx_audit_revision_group.data_content_type 
_pdbx_audit_revision_group.group 
1 2 'Structure model' 'Version format compliance' 
2 3 'Structure model' 'Version format compliance' 
3 4 'Structure model' 'Database references'       
4 4 'Structure model' 'Structure summary'         
5 5 'Structure model' 'Data collection'           
6 5 'Structure model' 'Database references'       
# 
loop_
_pdbx_audit_revision_category.ordinal 
_pdbx_audit_revision_category.revision_ordinal 
_pdbx_audit_revision_category.data_content_type 
_pdbx_audit_revision_category.category 
1 4 'Structure model' audit_author    
2 4 'Structure model' citation_author 
3 5 'Structure model' chem_comp_atom  
4 5 'Structure model' chem_comp_bond  
5 5 'Structure model' database_2      
# 
loop_
_pdbx_audit_revision_item.ordinal 
_pdbx_audit_revision_item.revision_ordinal 
_pdbx_audit_revision_item.data_content_type 
_pdbx_audit_revision_item.item 
1 4 'Structure model' '_audit_author.identifier_ORCID'      
2 4 'Structure model' '_citation_author.identifier_ORCID'   
3 5 'Structure model' '_database_2.pdbx_DOI'                
4 5 'Structure model' '_database_2.pdbx_database_accession' 
# 
_pdbx_database_status.status_code                     REL 
_pdbx_database_status.entry_id                        1JYH 
_pdbx_database_status.recvd_initial_deposition_date   2001-09-12 
_pdbx_database_status.deposit_site                    RCSB 
_pdbx_database_status.process_site                    RCSB 
_pdbx_database_status.SG_entry                        Y 
_pdbx_database_status.status_code_sf                  REL 
_pdbx_database_status.pdb_format_compatible           Y 
_pdbx_database_status.status_code_mr                  ? 
_pdbx_database_status.status_code_cs                  ? 
_pdbx_database_status.status_code_nmr_data            ? 
_pdbx_database_status.methods_development_category    ? 
# 
_pdbx_database_related.db_name        TargetDB 
_pdbx_database_related.db_id          NYSGXRC-T473 
_pdbx_database_related.details        . 
_pdbx_database_related.content_type   unspecified 
# 
loop_
_audit_author.name 
_audit_author.pdbx_ordinal 
_audit_author.identifier_ORCID 
'Romanowski, M.J.'                                               1 ?                   
'Gibney, S.A.'                                                   2 ?                   
'Burley, S.K.'                                                   3 0000-0002-2487-9713 
'New York SGX Research Center for Structural Genomics (NYSGXRC)' 4 ?                   
# 
_citation.id                        primary 
_citation.title                     
'Crystal structure of the Escherichia coli SbmC protein that protects cells from the DNA replication inhibitor microcin B17.' 
_citation.journal_abbrev            Proteins 
_citation.journal_volume            47 
_citation.page_first                403 
_citation.page_last                 407 
_citation.year                      2002 
_citation.journal_id_ASTM           PSFGEY 
_citation.country                   US 
_citation.journal_id_ISSN           0887-3585 
_citation.journal_id_CSD            0867 
_citation.book_publisher            ? 
_citation.pdbx_database_id_PubMed   11948793 
_citation.pdbx_database_id_DOI      10.1002/prot.10102 
# 
loop_
_citation_author.citation_id 
_citation_author.name 
_citation_author.ordinal 
_citation_author.identifier_ORCID 
primary 'Romanowski, M.J.' 1 ?                   
primary 'Gibney, S.A.'     2 ?                   
primary 'Burley, S.K.'     3 0000-0002-2487-9713 
# 
loop_
_entity.id 
_entity.type 
_entity.src_method 
_entity.pdbx_description 
_entity.formula_weight 
_entity.pdbx_number_of_molecules 
_entity.pdbx_ec 
_entity.pdbx_mutation 
_entity.pdbx_fragment 
_entity.details 
1 polymer man 'DNA Gyrase inhibitory protein' 18097.383 1   ? ? ? ? 
2 water   nat water                           18.015    177 ? ? ? ? 
# 
_entity_name_com.entity_id   1 
_entity_name_com.name        'Gyrase inhibitory protein GyrI' 
# 
_entity_poly.entity_id                      1 
_entity_poly.type                           'polypeptide(L)' 
_entity_poly.nstd_linkage                   no 
_entity_poly.nstd_monomer                   no 
_entity_poly.pdbx_seq_one_letter_code       
;MNYEIKQEEKRTVAGFHLVGPWEQTVKKGFEQLMMWVDSKNIVPKEWVAVYYDNPDETPAEKLRCDTVVTVPGYFTLPEN
SEGVILTEITGGQYAVAVARVVGDDFAKPWYQFFNSLLQDSAYEMLPKPCFEVYLNNGAEDGYWDIEMYVAVQPKHH
;
_entity_poly.pdbx_seq_one_letter_code_can   
;MNYEIKQEEKRTVAGFHLVGPWEQTVKKGFEQLMMWVDSKNIVPKEWVAVYYDNPDETPAEKLRCDTVVTVPGYFTLPEN
SEGVILTEITGGQYAVAVARVVGDDFAKPWYQFFNSLLQDSAYEMLPKPCFEVYLNNGAEDGYWDIEMYVAVQPKHH
;
_entity_poly.pdbx_strand_id                 A 
_entity_poly.pdbx_target_identifier         NYSGXRC-T473 
# 
_pdbx_entity_nonpoly.entity_id   2 
_pdbx_entity_nonpoly.name        water 
_pdbx_entity_nonpoly.comp_id     HOH 
# 
loop_
_entity_poly_seq.entity_id 
_entity_poly_seq.num 
_entity_poly_seq.mon_id 
_entity_poly_seq.hetero 
1 1   MET n 
1 2   ASN n 
1 3   TYR n 
1 4   GLU n 
1 5   ILE n 
1 6   LYS n 
1 7   GLN n 
1 8   GLU n 
1 9   GLU n 
1 10  LYS n 
1 11  ARG n 
1 12  THR n 
1 13  VAL n 
1 14  ALA n 
1 15  GLY n 
1 16  PHE n 
1 17  HIS n 
1 18  LEU n 
1 19  VAL n 
1 20  GLY n 
1 21  PRO n 
1 22  TRP n 
1 23  GLU n 
1 24  GLN n 
1 25  THR n 
1 26  VAL n 
1 27  LYS n 
1 28  LYS n 
1 29  GLY n 
1 30  PHE n 
1 31  GLU n 
1 32  GLN n 
1 33  LEU n 
1 34  MET n 
1 35  MET n 
1 36  TRP n 
1 37  VAL n 
1 38  ASP n 
1 39  SER n 
1 40  LYS n 
1 41  ASN n 
1 42  ILE n 
1 43  VAL n 
1 44  PRO n 
1 45  LYS n 
1 46  GLU n 
1 47  TRP n 
1 48  VAL n 
1 49  ALA n 
1 50  VAL n 
1 51  TYR n 
1 52  TYR n 
1 53  ASP n 
1 54  ASN n 
1 55  PRO n 
1 56  ASP n 
1 57  GLU n 
1 58  THR n 
1 59  PRO n 
1 60  ALA n 
1 61  GLU n 
1 62  LYS n 
1 63  LEU n 
1 64  ARG n 
1 65  CYS n 
1 66  ASP n 
1 67  THR n 
1 68  VAL n 
1 69  VAL n 
1 70  THR n 
1 71  VAL n 
1 72  PRO n 
1 73  GLY n 
1 74  TYR n 
1 75  PHE n 
1 76  THR n 
1 77  LEU n 
1 78  PRO n 
1 79  GLU n 
1 80  ASN n 
1 81  SER n 
1 82  GLU n 
1 83  GLY n 
1 84  VAL n 
1 85  ILE n 
1 86  LEU n 
1 87  THR n 
1 88  GLU n 
1 89  ILE n 
1 90  THR n 
1 91  GLY n 
1 92  GLY n 
1 93  GLN n 
1 94  TYR n 
1 95  ALA n 
1 96  VAL n 
1 97  ALA n 
1 98  VAL n 
1 99  ALA n 
1 100 ARG n 
1 101 VAL n 
1 102 VAL n 
1 103 GLY n 
1 104 ASP n 
1 105 ASP n 
1 106 PHE n 
1 107 ALA n 
1 108 LYS n 
1 109 PRO n 
1 110 TRP n 
1 111 TYR n 
1 112 GLN n 
1 113 PHE n 
1 114 PHE n 
1 115 ASN n 
1 116 SER n 
1 117 LEU n 
1 118 LEU n 
1 119 GLN n 
1 120 ASP n 
1 121 SER n 
1 122 ALA n 
1 123 TYR n 
1 124 GLU n 
1 125 MET n 
1 126 LEU n 
1 127 PRO n 
1 128 LYS n 
1 129 PRO n 
1 130 CYS n 
1 131 PHE n 
1 132 GLU n 
1 133 VAL n 
1 134 TYR n 
1 135 LEU n 
1 136 ASN n 
1 137 ASN n 
1 138 GLY n 
1 139 ALA n 
1 140 GLU n 
1 141 ASP n 
1 142 GLY n 
1 143 TYR n 
1 144 TRP n 
1 145 ASP n 
1 146 ILE n 
1 147 GLU n 
1 148 MET n 
1 149 TYR n 
1 150 VAL n 
1 151 ALA n 
1 152 VAL n 
1 153 GLN n 
1 154 PRO n 
1 155 LYS n 
1 156 HIS n 
1 157 HIS n 
# 
_entity_src_gen.entity_id                          1 
_entity_src_gen.pdbx_src_id                        1 
_entity_src_gen.pdbx_alt_source_flag               sample 
_entity_src_gen.pdbx_seq_type                      ? 
_entity_src_gen.pdbx_beg_seq_num                   ? 
_entity_src_gen.pdbx_end_seq_num                   ? 
_entity_src_gen.gene_src_common_name               ? 
_entity_src_gen.gene_src_genus                     Escherichia 
_entity_src_gen.pdbx_gene_src_gene                 'gyrI (sbmC,yeeB)' 
_entity_src_gen.gene_src_species                   ? 
_entity_src_gen.gene_src_strain                    ? 
_entity_src_gen.gene_src_tissue                    ? 
_entity_src_gen.gene_src_tissue_fraction           ? 
_entity_src_gen.gene_src_details                   ? 
_entity_src_gen.pdbx_gene_src_fragment             ? 
_entity_src_gen.pdbx_gene_src_scientific_name      'Escherichia coli' 
_entity_src_gen.pdbx_gene_src_ncbi_taxonomy_id     562 
_entity_src_gen.pdbx_gene_src_variant              ? 
_entity_src_gen.pdbx_gene_src_cell_line            ? 
_entity_src_gen.pdbx_gene_src_atcc                 ? 
_entity_src_gen.pdbx_gene_src_organ                ? 
_entity_src_gen.pdbx_gene_src_organelle            ? 
_entity_src_gen.pdbx_gene_src_cell                 ? 
_entity_src_gen.pdbx_gene_src_cellular_location    ? 
_entity_src_gen.host_org_common_name               ? 
_entity_src_gen.pdbx_host_org_scientific_name      'Escherichia coli BL21' 
_entity_src_gen.pdbx_host_org_ncbi_taxonomy_id     511693 
_entity_src_gen.host_org_genus                     Escherichia 
_entity_src_gen.pdbx_host_org_gene                 ? 
_entity_src_gen.pdbx_host_org_organ                ? 
_entity_src_gen.host_org_species                   'Escherichia coli' 
_entity_src_gen.pdbx_host_org_tissue               ? 
_entity_src_gen.pdbx_host_org_tissue_fraction      ? 
_entity_src_gen.pdbx_host_org_strain               BL21 
_entity_src_gen.pdbx_host_org_variant              ? 
_entity_src_gen.pdbx_host_org_cell_line            ? 
_entity_src_gen.pdbx_host_org_atcc                 ? 
_entity_src_gen.pdbx_host_org_culture_collection   ? 
_entity_src_gen.pdbx_host_org_cell                 ? 
_entity_src_gen.pdbx_host_org_organelle            ? 
_entity_src_gen.pdbx_host_org_cellular_location    ? 
_entity_src_gen.pdbx_host_org_vector_type          PLASMID 
_entity_src_gen.pdbx_host_org_vector               ? 
_entity_src_gen.host_org_details                   ? 
_entity_src_gen.expression_system_id               ? 
_entity_src_gen.plasmid_name                       pGEX6P-1 
_entity_src_gen.plasmid_details                    ? 
_entity_src_gen.pdbx_description                   ? 
# 
loop_
_chem_comp.id 
_chem_comp.type 
_chem_comp.mon_nstd_flag 
_chem_comp.name 
_chem_comp.pdbx_synonyms 
_chem_comp.formula 
_chem_comp.formula_weight 
ALA 'L-peptide linking' y ALANINE         ? 'C3 H7 N O2'     89.093  
ARG 'L-peptide linking' y ARGININE        ? 'C6 H15 N4 O2 1' 175.209 
ASN 'L-peptide linking' y ASPARAGINE      ? 'C4 H8 N2 O3'    132.118 
ASP 'L-peptide linking' y 'ASPARTIC ACID' ? 'C4 H7 N O4'     133.103 
CYS 'L-peptide linking' y CYSTEINE        ? 'C3 H7 N O2 S'   121.158 
GLN 'L-peptide linking' y GLUTAMINE       ? 'C5 H10 N2 O3'   146.144 
GLU 'L-peptide linking' y 'GLUTAMIC ACID' ? 'C5 H9 N O4'     147.129 
GLY 'peptide linking'   y GLYCINE         ? 'C2 H5 N O2'     75.067  
HIS 'L-peptide linking' y HISTIDINE       ? 'C6 H10 N3 O2 1' 156.162 
HOH non-polymer         . WATER           ? 'H2 O'           18.015  
ILE 'L-peptide linking' y ISOLEUCINE      ? 'C6 H13 N O2'    131.173 
LEU 'L-peptide linking' y LEUCINE         ? 'C6 H13 N O2'    131.173 
LYS 'L-peptide linking' y LYSINE          ? 'C6 H15 N2 O2 1' 147.195 
MET 'L-peptide linking' y METHIONINE      ? 'C5 H11 N O2 S'  149.211 
PHE 'L-peptide linking' y PHENYLALANINE   ? 'C9 H11 N O2'    165.189 
PRO 'L-peptide linking' y PROLINE         ? 'C5 H9 N O2'     115.130 
SER 'L-peptide linking' y SERINE          ? 'C3 H7 N O3'     105.093 
THR 'L-peptide linking' y THREONINE       ? 'C4 H9 N O3'     119.119 
TRP 'L-peptide linking' y TRYPTOPHAN      ? 'C11 H12 N2 O2'  204.225 
TYR 'L-peptide linking' y TYROSINE        ? 'C9 H11 N O3'    181.189 
VAL 'L-peptide linking' y VALINE          ? 'C5 H11 N O2'    117.146 
# 
loop_
_pdbx_poly_seq_scheme.asym_id 
_pdbx_poly_seq_scheme.entity_id 
_pdbx_poly_seq_scheme.seq_id 
_pdbx_poly_seq_scheme.mon_id 
_pdbx_poly_seq_scheme.ndb_seq_num 
_pdbx_poly_seq_scheme.pdb_seq_num 
_pdbx_poly_seq_scheme.auth_seq_num 
_pdbx_poly_seq_scheme.pdb_mon_id 
_pdbx_poly_seq_scheme.auth_mon_id 
_pdbx_poly_seq_scheme.pdb_strand_id 
_pdbx_poly_seq_scheme.pdb_ins_code 
_pdbx_poly_seq_scheme.hetero 
A 1 1   MET 1   1   1   MET MET A . n 
A 1 2   ASN 2   2   2   ASN ASN A . n 
A 1 3   TYR 3   3   3   TYR TYR A . n 
A 1 4   GLU 4   4   4   GLU GLU A . n 
A 1 5   ILE 5   5   5   ILE ILE A . n 
A 1 6   LYS 6   6   6   LYS LYS A . n 
A 1 7   GLN 7   7   7   GLN GLN A . n 
A 1 8   GLU 8   8   8   GLU GLU A . n 
A 1 9   GLU 9   9   9   GLU GLU A . n 
A 1 10  LYS 10  10  10  LYS LYS A . n 
A 1 11  ARG 11  11  11  ARG ARG A . n 
A 1 12  THR 12  12  12  THR THR A . n 
A 1 13  VAL 13  13  13  VAL VAL A . n 
A 1 14  ALA 14  14  14  ALA ALA A . n 
A 1 15  GLY 15  15  15  GLY GLY A . n 
A 1 16  PHE 16  16  16  PHE PHE A . n 
A 1 17  HIS 17  17  17  HIS HIS A . n 
A 1 18  LEU 18  18  18  LEU LEU A . n 
A 1 19  VAL 19  19  19  VAL VAL A . n 
A 1 20  GLY 20  20  20  GLY GLY A . n 
A 1 21  PRO 21  21  21  PRO PRO A . n 
A 1 22  TRP 22  22  22  TRP TRP A . n 
A 1 23  GLU 23  23  23  GLU GLU A . n 
A 1 24  GLN 24  24  24  GLN GLN A . n 
A 1 25  THR 25  25  25  THR THR A . n 
A 1 26  VAL 26  26  26  VAL VAL A . n 
A 1 27  LYS 27  27  27  LYS LYS A . n 
A 1 28  LYS 28  28  28  LYS LYS A . n 
A 1 29  GLY 29  29  29  GLY GLY A . n 
A 1 30  PHE 30  30  30  PHE PHE A . n 
A 1 31  GLU 31  31  31  GLU GLU A . n 
A 1 32  GLN 32  32  32  GLN GLN A . n 
A 1 33  LEU 33  33  33  LEU LEU A . n 
A 1 34  MET 34  34  34  MET MET A . n 
A 1 35  MET 35  35  35  MET MET A . n 
A 1 36  TRP 36  36  36  TRP TRP A . n 
A 1 37  VAL 37  37  37  VAL VAL A . n 
A 1 38  ASP 38  38  38  ASP ASP A . n 
A 1 39  SER 39  39  39  SER SER A . n 
A 1 40  LYS 40  40  40  LYS LYS A . n 
A 1 41  ASN 41  41  41  ASN ASN A . n 
A 1 42  ILE 42  42  42  ILE ILE A . n 
A 1 43  VAL 43  43  43  VAL VAL A . n 
A 1 44  PRO 44  44  44  PRO PRO A . n 
A 1 45  LYS 45  45  45  LYS LYS A . n 
A 1 46  GLU 46  46  46  GLU GLU A . n 
A 1 47  TRP 47  47  47  TRP TRP A . n 
A 1 48  VAL 48  48  48  VAL VAL A . n 
A 1 49  ALA 49  49  49  ALA ALA A . n 
A 1 50  VAL 50  50  50  VAL VAL A . n 
A 1 51  TYR 51  51  51  TYR TYR A . n 
A 1 52  TYR 52  52  52  TYR TYR A . n 
A 1 53  ASP 53  53  53  ASP ASP A . n 
A 1 54  ASN 54  54  54  ASN ASN A . n 
A 1 55  PRO 55  55  55  PRO PRO A . n 
A 1 56  ASP 56  56  56  ASP ASP A . n 
A 1 57  GLU 57  57  57  GLU GLU A . n 
A 1 58  THR 58  58  58  THR THR A . n 
A 1 59  PRO 59  59  59  PRO PRO A . n 
A 1 60  ALA 60  60  60  ALA ALA A . n 
A 1 61  GLU 61  61  61  GLU GLU A . n 
A 1 62  LYS 62  62  62  LYS LYS A . n 
A 1 63  LEU 63  63  63  LEU LEU A . n 
A 1 64  ARG 64  64  64  ARG ARG A . n 
A 1 65  CYS 65  65  65  CYS CYS A . n 
A 1 66  ASP 66  66  66  ASP ASP A . n 
A 1 67  THR 67  67  67  THR THR A . n 
A 1 68  VAL 68  68  68  VAL VAL A . n 
A 1 69  VAL 69  69  69  VAL VAL A . n 
A 1 70  THR 70  70  70  THR THR A . n 
A 1 71  VAL 71  71  71  VAL VAL A . n 
A 1 72  PRO 72  72  72  PRO PRO A . n 
A 1 73  GLY 73  73  73  GLY GLY A . n 
A 1 74  TYR 74  74  74  TYR TYR A . n 
A 1 75  PHE 75  75  75  PHE PHE A . n 
A 1 76  THR 76  76  76  THR THR A . n 
A 1 77  LEU 77  77  77  LEU LEU A . n 
A 1 78  PRO 78  78  78  PRO PRO A . n 
A 1 79  GLU 79  79  79  GLU GLU A . n 
A 1 80  ASN 80  80  80  ASN ASN A . n 
A 1 81  SER 81  81  81  SER SER A . n 
A 1 82  GLU 82  82  82  GLU GLU A . n 
A 1 83  GLY 83  83  83  GLY GLY A . n 
A 1 84  VAL 84  84  84  VAL VAL A . n 
A 1 85  ILE 85  85  85  ILE ILE A . n 
A 1 86  LEU 86  86  86  LEU LEU A . n 
A 1 87  THR 87  87  87  THR THR A . n 
A 1 88  GLU 88  88  88  GLU GLU A . n 
A 1 89  ILE 89  89  89  ILE ILE A . n 
A 1 90  THR 90  90  90  THR THR A . n 
A 1 91  GLY 91  91  91  GLY GLY A . n 
A 1 92  GLY 92  92  92  GLY GLY A . n 
A 1 93  GLN 93  93  93  GLN GLN A . n 
A 1 94  TYR 94  94  94  TYR TYR A . n 
A 1 95  ALA 95  95  95  ALA ALA A . n 
A 1 96  VAL 96  96  96  VAL VAL A . n 
A 1 97  ALA 97  97  97  ALA ALA A . n 
A 1 98  VAL 98  98  98  VAL VAL A . n 
A 1 99  ALA 99  99  99  ALA ALA A . n 
A 1 100 ARG 100 100 100 ARG ARG A . n 
A 1 101 VAL 101 101 101 VAL VAL A . n 
A 1 102 VAL 102 102 102 VAL VAL A . n 
A 1 103 GLY 103 103 103 GLY GLY A . n 
A 1 104 ASP 104 104 104 ASP ASP A . n 
A 1 105 ASP 105 105 105 ASP ASP A . n 
A 1 106 PHE 106 106 106 PHE PHE A . n 
A 1 107 ALA 107 107 107 ALA ALA A . n 
A 1 108 LYS 108 108 108 LYS LYS A . n 
A 1 109 PRO 109 109 109 PRO PRO A . n 
A 1 110 TRP 110 110 110 TRP TRP A . n 
A 1 111 TYR 111 111 111 TYR TYR A . n 
A 1 112 GLN 112 112 112 GLN GLN A . n 
A 1 113 PHE 113 113 113 PHE PHE A . n 
A 1 114 PHE 114 114 114 PHE PHE A . n 
A 1 115 ASN 115 115 115 ASN ASN A . n 
A 1 116 SER 116 116 116 SER SER A . n 
A 1 117 LEU 117 117 117 LEU LEU A . n 
A 1 118 LEU 118 118 118 LEU LEU A . n 
A 1 119 GLN 119 119 119 GLN GLN A . n 
A 1 120 ASP 120 120 120 ASP ASP A . n 
A 1 121 SER 121 121 121 SER SER A . n 
A 1 122 ALA 122 122 122 ALA ALA A . n 
A 1 123 TYR 123 123 123 TYR TYR A . n 
A 1 124 GLU 124 124 124 GLU GLU A . n 
A 1 125 MET 125 125 125 MET MET A . n 
A 1 126 LEU 126 126 126 LEU LEU A . n 
A 1 127 PRO 127 127 127 PRO PRO A . n 
A 1 128 LYS 128 128 128 LYS LYS A . n 
A 1 129 PRO 129 129 129 PRO PRO A . n 
A 1 130 CYS 130 130 130 CYS CYS A . n 
A 1 131 PHE 131 131 131 PHE PHE A . n 
A 1 132 GLU 132 132 132 GLU GLU A . n 
A 1 133 VAL 133 133 133 VAL VAL A . n 
A 1 134 TYR 134 134 134 TYR TYR A . n 
A 1 135 LEU 135 135 135 LEU LEU A . n 
A 1 136 ASN 136 136 136 ASN ASN A . n 
A 1 137 ASN 137 137 137 ASN ASN A . n 
A 1 138 GLY 138 138 138 GLY GLY A . n 
A 1 139 ALA 139 139 139 ALA ALA A . n 
A 1 140 GLU 140 140 140 GLU GLU A . n 
A 1 141 ASP 141 141 141 ASP ASP A . n 
A 1 142 GLY 142 142 142 GLY GLY A . n 
A 1 143 TYR 143 143 143 TYR TYR A . n 
A 1 144 TRP 144 144 144 TRP TRP A . n 
A 1 145 ASP 145 145 145 ASP ASP A . n 
A 1 146 ILE 146 146 146 ILE ILE A . n 
A 1 147 GLU 147 147 147 GLU GLU A . n 
A 1 148 MET 148 148 148 MET MET A . n 
A 1 149 TYR 149 149 149 TYR TYR A . n 
A 1 150 VAL 150 150 150 VAL VAL A . n 
A 1 151 ALA 151 151 151 ALA ALA A . n 
A 1 152 VAL 152 152 152 VAL VAL A . n 
A 1 153 GLN 153 153 153 GLN GLN A . n 
A 1 154 PRO 154 154 154 PRO PRO A . n 
A 1 155 LYS 155 155 155 LYS LYS A . n 
A 1 156 HIS 156 156 ?   ?   ?   A . n 
A 1 157 HIS 157 157 ?   ?   ?   A . n 
# 
loop_
_pdbx_nonpoly_scheme.asym_id 
_pdbx_nonpoly_scheme.entity_id 
_pdbx_nonpoly_scheme.mon_id 
_pdbx_nonpoly_scheme.ndb_seq_num 
_pdbx_nonpoly_scheme.pdb_seq_num 
_pdbx_nonpoly_scheme.auth_seq_num 
_pdbx_nonpoly_scheme.pdb_mon_id 
_pdbx_nonpoly_scheme.auth_mon_id 
_pdbx_nonpoly_scheme.pdb_strand_id 
_pdbx_nonpoly_scheme.pdb_ins_code 
B 2 HOH 1   158 1   HOH HOH A . 
B 2 HOH 2   159 2   HOH HOH A . 
B 2 HOH 3   160 3   HOH HOH A . 
B 2 HOH 4   161 4   HOH HOH A . 
B 2 HOH 5   162 5   HOH HOH A . 
B 2 HOH 6   163 6   HOH HOH A . 
B 2 HOH 7   164 7   HOH HOH A . 
B 2 HOH 8   165 8   HOH HOH A . 
B 2 HOH 9   166 9   HOH HOH A . 
B 2 HOH 10  167 10  HOH HOH A . 
B 2 HOH 11  168 11  HOH HOH A . 
B 2 HOH 12  169 12  HOH HOH A . 
B 2 HOH 13  170 13  HOH HOH A . 
B 2 HOH 14  171 14  HOH HOH A . 
B 2 HOH 15  172 15  HOH HOH A . 
B 2 HOH 16  173 16  HOH HOH A . 
B 2 HOH 17  174 17  HOH HOH A . 
B 2 HOH 18  175 18  HOH HOH A . 
B 2 HOH 19  176 19  HOH HOH A . 
B 2 HOH 20  177 20  HOH HOH A . 
B 2 HOH 21  178 21  HOH HOH A . 
B 2 HOH 22  179 22  HOH HOH A . 
B 2 HOH 23  180 23  HOH HOH A . 
B 2 HOH 24  181 24  HOH HOH A . 
B 2 HOH 25  182 25  HOH HOH A . 
B 2 HOH 26  183 26  HOH HOH A . 
B 2 HOH 27  184 27  HOH HOH A . 
B 2 HOH 28  185 28  HOH HOH A . 
B 2 HOH 29  186 29  HOH HOH A . 
B 2 HOH 30  187 30  HOH HOH A . 
B 2 HOH 31  188 31  HOH HOH A . 
B 2 HOH 32  189 32  HOH HOH A . 
B 2 HOH 33  190 33  HOH HOH A . 
B 2 HOH 34  191 34  HOH HOH A . 
B 2 HOH 35  192 35  HOH HOH A . 
B 2 HOH 36  193 36  HOH HOH A . 
B 2 HOH 37  194 37  HOH HOH A . 
B 2 HOH 38  195 38  HOH HOH A . 
B 2 HOH 39  196 39  HOH HOH A . 
B 2 HOH 40  197 40  HOH HOH A . 
B 2 HOH 41  198 41  HOH HOH A . 
B 2 HOH 42  199 42  HOH HOH A . 
B 2 HOH 43  200 43  HOH HOH A . 
B 2 HOH 44  201 44  HOH HOH A . 
B 2 HOH 45  202 45  HOH HOH A . 
B 2 HOH 46  203 46  HOH HOH A . 
B 2 HOH 47  204 47  HOH HOH A . 
B 2 HOH 48  205 48  HOH HOH A . 
B 2 HOH 49  206 49  HOH HOH A . 
B 2 HOH 50  207 50  HOH HOH A . 
B 2 HOH 51  208 51  HOH HOH A . 
B 2 HOH 52  209 52  HOH HOH A . 
B 2 HOH 53  210 53  HOH HOH A . 
B 2 HOH 54  211 54  HOH HOH A . 
B 2 HOH 55  212 55  HOH HOH A . 
B 2 HOH 56  213 56  HOH HOH A . 
B 2 HOH 57  214 57  HOH HOH A . 
B 2 HOH 58  215 58  HOH HOH A . 
B 2 HOH 59  216 59  HOH HOH A . 
B 2 HOH 60  217 60  HOH HOH A . 
B 2 HOH 61  218 61  HOH HOH A . 
B 2 HOH 62  219 62  HOH HOH A . 
B 2 HOH 63  220 63  HOH HOH A . 
B 2 HOH 64  221 64  HOH HOH A . 
B 2 HOH 65  222 65  HOH HOH A . 
B 2 HOH 66  223 66  HOH HOH A . 
B 2 HOH 67  224 67  HOH HOH A . 
B 2 HOH 68  225 68  HOH HOH A . 
B 2 HOH 69  226 69  HOH HOH A . 
B 2 HOH 70  227 70  HOH HOH A . 
B 2 HOH 71  228 71  HOH HOH A . 
B 2 HOH 72  229 72  HOH HOH A . 
B 2 HOH 73  230 73  HOH HOH A . 
B 2 HOH 74  231 74  HOH HOH A . 
B 2 HOH 75  232 75  HOH HOH A . 
B 2 HOH 76  233 76  HOH HOH A . 
B 2 HOH 77  234 77  HOH HOH A . 
B 2 HOH 78  235 78  HOH HOH A . 
B 2 HOH 79  236 79  HOH HOH A . 
B 2 HOH 80  237 80  HOH HOH A . 
B 2 HOH 81  238 81  HOH HOH A . 
B 2 HOH 82  239 82  HOH HOH A . 
B 2 HOH 83  240 83  HOH HOH A . 
B 2 HOH 84  241 84  HOH HOH A . 
B 2 HOH 85  242 85  HOH HOH A . 
B 2 HOH 86  243 86  HOH HOH A . 
B 2 HOH 87  244 87  HOH HOH A . 
B 2 HOH 88  245 88  HOH HOH A . 
B 2 HOH 89  246 89  HOH HOH A . 
B 2 HOH 90  247 90  HOH HOH A . 
B 2 HOH 91  248 91  HOH HOH A . 
B 2 HOH 92  249 92  HOH HOH A . 
B 2 HOH 93  250 93  HOH HOH A . 
B 2 HOH 94  251 94  HOH HOH A . 
B 2 HOH 95  252 95  HOH HOH A . 
B 2 HOH 96  253 96  HOH HOH A . 
B 2 HOH 97  254 97  HOH HOH A . 
B 2 HOH 98  255 98  HOH HOH A . 
B 2 HOH 99  256 99  HOH HOH A . 
B 2 HOH 100 257 100 HOH HOH A . 
B 2 HOH 101 258 101 HOH HOH A . 
B 2 HOH 102 259 102 HOH HOH A . 
B 2 HOH 103 260 103 HOH HOH A . 
B 2 HOH 104 261 104 HOH HOH A . 
B 2 HOH 105 262 105 HOH HOH A . 
B 2 HOH 106 263 106 HOH HOH A . 
B 2 HOH 107 264 107 HOH HOH A . 
B 2 HOH 108 265 108 HOH HOH A . 
B 2 HOH 109 266 109 HOH HOH A . 
B 2 HOH 110 267 110 HOH HOH A . 
B 2 HOH 111 268 111 HOH HOH A . 
B 2 HOH 112 269 112 HOH HOH A . 
B 2 HOH 113 270 113 HOH HOH A . 
B 2 HOH 114 271 114 HOH HOH A . 
B 2 HOH 115 272 115 HOH HOH A . 
B 2 HOH 116 273 116 HOH HOH A . 
B 2 HOH 117 274 117 HOH HOH A . 
B 2 HOH 118 275 118 HOH HOH A . 
B 2 HOH 119 276 119 HOH HOH A . 
B 2 HOH 120 277 120 HOH HOH A . 
B 2 HOH 121 278 121 HOH HOH A . 
B 2 HOH 122 279 122 HOH HOH A . 
B 2 HOH 123 280 123 HOH HOH A . 
B 2 HOH 124 281 124 HOH HOH A . 
B 2 HOH 125 282 125 HOH HOH A . 
B 2 HOH 126 283 126 HOH HOH A . 
B 2 HOH 127 284 127 HOH HOH A . 
B 2 HOH 128 285 128 HOH HOH A . 
B 2 HOH 129 286 129 HOH HOH A . 
B 2 HOH 130 287 130 HOH HOH A . 
B 2 HOH 131 288 131 HOH HOH A . 
B 2 HOH 132 289 132 HOH HOH A . 
B 2 HOH 133 290 133 HOH HOH A . 
B 2 HOH 134 291 134 HOH HOH A . 
B 2 HOH 135 292 135 HOH HOH A . 
B 2 HOH 136 293 136 HOH HOH A . 
B 2 HOH 137 294 137 HOH HOH A . 
B 2 HOH 138 295 138 HOH HOH A . 
B 2 HOH 139 296 139 HOH HOH A . 
B 2 HOH 140 297 140 HOH HOH A . 
B 2 HOH 141 298 141 HOH HOH A . 
B 2 HOH 142 299 142 HOH HOH A . 
B 2 HOH 143 300 143 HOH HOH A . 
B 2 HOH 144 301 144 HOH HOH A . 
B 2 HOH 145 302 145 HOH HOH A . 
B 2 HOH 146 303 146 HOH HOH A . 
B 2 HOH 147 304 147 HOH HOH A . 
B 2 HOH 148 305 148 HOH HOH A . 
B 2 HOH 149 306 149 HOH HOH A . 
B 2 HOH 150 307 150 HOH HOH A . 
B 2 HOH 151 308 151 HOH HOH A . 
B 2 HOH 152 309 152 HOH HOH A . 
B 2 HOH 153 310 153 HOH HOH A . 
B 2 HOH 154 311 154 HOH HOH A . 
B 2 HOH 155 312 155 HOH HOH A . 
B 2 HOH 156 313 156 HOH HOH A . 
B 2 HOH 157 314 157 HOH HOH A . 
B 2 HOH 158 315 158 HOH HOH A . 
B 2 HOH 159 316 159 HOH HOH A . 
B 2 HOH 160 317 160 HOH HOH A . 
B 2 HOH 161 318 161 HOH HOH A . 
B 2 HOH 162 319 162 HOH HOH A . 
B 2 HOH 163 320 163 HOH HOH A . 
B 2 HOH 164 321 164 HOH HOH A . 
B 2 HOH 165 322 165 HOH HOH A . 
B 2 HOH 166 323 166 HOH HOH A . 
B 2 HOH 167 324 167 HOH HOH A . 
B 2 HOH 168 325 168 HOH HOH A . 
B 2 HOH 169 326 169 HOH HOH A . 
B 2 HOH 170 327 170 HOH HOH A . 
B 2 HOH 171 328 171 HOH HOH A . 
B 2 HOH 172 329 172 HOH HOH A . 
B 2 HOH 173 330 173 HOH HOH A . 
B 2 HOH 174 331 174 HOH HOH A . 
B 2 HOH 175 332 175 HOH HOH A . 
B 2 HOH 176 333 176 HOH HOH A . 
B 2 HOH 177 334 177 HOH HOH A . 
# 
loop_
_software.name 
_software.classification 
_software.version 
_software.citation_id 
_software.pdbx_ordinal 
MLPHARE   phasing          .   ? 1 
CNS       refinement       1.0 ? 2 
DENZO     'data reduction' .   ? 3 
SCALEPACK 'data scaling'   .   ? 4 
# 
_cell.entry_id           1JYH 
_cell.length_a           72.440 
_cell.length_b           72.440 
_cell.length_c           80.891 
_cell.angle_alpha        90.00 
_cell.angle_beta         90.00 
_cell.angle_gamma        90.00 
_cell.Z_PDB              8 
_cell.pdbx_unique_axis   ? 
# 
_symmetry.entry_id                         1JYH 
_symmetry.space_group_name_H-M             'P 43 21 2' 
_symmetry.pdbx_full_space_group_name_H-M   ? 
_symmetry.cell_setting                     ? 
_symmetry.Int_Tables_number                96 
# 
_exptl.entry_id          1JYH 
_exptl.method            'X-RAY DIFFRACTION' 
_exptl.crystals_number   2 
# 
_exptl_crystal.id                    1 
_exptl_crystal.density_meas          ? 
_exptl_crystal.density_Matthews      2.93 
_exptl_crystal.density_percent_sol   58.02 
_exptl_crystal.description           ? 
# 
_exptl_crystal_grow.crystal_id      1 
_exptl_crystal_grow.method          'VAPOR DIFFUSION, HANGING DROP' 
_exptl_crystal_grow.temp            295 
_exptl_crystal_grow.temp_details    ? 
_exptl_crystal_grow.pH              4.6 
_exptl_crystal_grow.pdbx_details    
'PEG2000 monomethyl ether, ammonium sulfate, sodium acetate, pH 4.6, VAPOR DIFFUSION, HANGING DROP, temperature 295K' 
_exptl_crystal_grow.pdbx_pH_range   . 
# 
loop_
_diffrn.id 
_diffrn.ambient_temp 
_diffrn.ambient_temp_details 
_diffrn.crystal_id 
1 100 ? 1 
2 100 ? 1 
# 
loop_
_diffrn_detector.diffrn_id 
_diffrn_detector.detector 
_diffrn_detector.type 
_diffrn_detector.pdbx_collection_date 
_diffrn_detector.details 
1 CCD MARRESEARCH 2001-08-08 ? 
2 CCD MARRESEARCH 2001-08-08 ? 
# 
loop_
_diffrn_radiation.diffrn_id 
_diffrn_radiation.wavelength_id 
_diffrn_radiation.pdbx_monochromatic_or_laue_m_l 
_diffrn_radiation.monochromator 
_diffrn_radiation.pdbx_diffrn_protocol 
_diffrn_radiation.pdbx_scattering_type 
1 1 M 'Si 111' MAD                 x-ray 
2 1 M 'Si 111' 'SINGLE WAVELENGTH' x-ray 
# 
loop_
_diffrn_radiation_wavelength.id 
_diffrn_radiation_wavelength.wavelength 
_diffrn_radiation_wavelength.wt 
1 0.97935 1.0 
2 0.97954 1.0 
3 0.97962 1.0 
# 
loop_
_diffrn_source.diffrn_id 
_diffrn_source.source 
_diffrn_source.type 
_diffrn_source.pdbx_synchrotron_site 
_diffrn_source.pdbx_synchrotron_beamline 
_diffrn_source.pdbx_wavelength 
_diffrn_source.pdbx_wavelength_list 
1 SYNCHROTRON 'NSLS BEAMLINE X9A' NSLS X9A ? '0.97935, 0.97954' 
2 SYNCHROTRON 'NSLS BEAMLINE X9A' NSLS X9A ? 0.97962            
# 
_reflns.entry_id                     1JYH 
_reflns.observed_criterion_sigma_I   0 
_reflns.observed_criterion_sigma_F   0 
_reflns.d_resolution_low             20 
_reflns.d_resolution_high            1.8 
_reflns.number_obs                   19658 
_reflns.number_all                   19658 
_reflns.percent_possible_obs         95.7 
_reflns.pdbx_Rmerge_I_obs            0.0570000 
_reflns.pdbx_Rsym_value              ? 
_reflns.pdbx_netI_over_sigmaI        ? 
_reflns.B_iso_Wilson_estimate        10.5 
_reflns.pdbx_redundancy              ? 
_reflns.R_free_details               ? 
_reflns.limit_h_max                  ? 
_reflns.limit_h_min                  ? 
_reflns.limit_k_max                  ? 
_reflns.limit_k_min                  ? 
_reflns.limit_l_max                  ? 
_reflns.limit_l_min                  ? 
_reflns.observed_criterion_F_max     ? 
_reflns.observed_criterion_F_min     ? 
_reflns.pdbx_diffrn_id               1,2 
_reflns.pdbx_ordinal                 1 
# 
_reflns_shell.d_res_high             1.80 
_reflns_shell.d_res_low              1.90 
_reflns_shell.percent_possible_all   99.3 
_reflns_shell.Rmerge_I_obs           0.0900000 
_reflns_shell.pdbx_Rsym_value        ? 
_reflns_shell.meanI_over_sigI_obs    ? 
_reflns_shell.pdbx_redundancy        ? 
_reflns_shell.percent_possible_obs   ? 
_reflns_shell.number_unique_all      ? 
_reflns_shell.pdbx_diffrn_id         ? 
_reflns_shell.pdbx_ordinal           1 
# 
_refine.entry_id                                 1JYH 
_refine.ls_number_reflns_obs                     19658 
_refine.ls_number_reflns_all                     19658 
_refine.pdbx_ls_sigma_I                          ? 
_refine.pdbx_ls_sigma_F                          0.0 
_refine.pdbx_data_cutoff_high_absF               839905.22 
_refine.pdbx_data_cutoff_low_absF                0.000000 
_refine.ls_d_res_low                             19.93 
_refine.ls_d_res_high                            1.80 
_refine.ls_percent_reflns_obs                    95.7 
_refine.ls_R_factor_obs                          0.1960000 
_refine.ls_R_factor_all                          0.1988000 
_refine.ls_R_factor_R_work                       0.1960000 
_refine.ls_R_factor_R_free                       0.2220000 
_refine.ls_R_factor_R_free_error                 0.005 
_refine.ls_R_factor_R_free_error_details         ? 
_refine.ls_percent_reflns_R_free                 9.8 
_refine.ls_number_reflns_R_free                  1932 
_refine.ls_number_parameters                     ? 
_refine.ls_number_restraints                     ? 
_refine.occupancy_min                            ? 
_refine.occupancy_max                            ? 
_refine.B_iso_mean                               17.0 
_refine.aniso_B[1][1]                            0.37 
_refine.aniso_B[2][2]                            0.37 
_refine.aniso_B[3][3]                            -0.75 
_refine.aniso_B[1][2]                            0.00 
_refine.aniso_B[1][3]                            0.00 
_refine.aniso_B[2][3]                            0.00 
_refine.solvent_model_details                    'FLAT MODEL' 
_refine.solvent_model_param_ksol                 0.449899 
_refine.solvent_model_param_bsol                 56.6921 
_refine.pdbx_ls_cross_valid_method               THROUGHOUT 
_refine.details                                  ? 
_refine.pdbx_starting_model                      ? 
_refine.pdbx_method_to_determine_struct          MAD 
_refine.pdbx_isotropic_thermal_model             RESTRAINED 
_refine.pdbx_stereochemistry_target_values       'Engh & Huber' 
_refine.pdbx_stereochem_target_val_spec_case     ? 
_refine.pdbx_R_Free_selection_details            RANDOM 
_refine.pdbx_overall_ESU_R_Free                  ? 
_refine.overall_SU_B                             ? 
_refine.ls_redundancy_reflns_obs                 ? 
_refine.B_iso_min                                ? 
_refine.B_iso_max                                ? 
_refine.correlation_coeff_Fo_to_Fc               ? 
_refine.overall_SU_R_Cruickshank_DPI             ? 
_refine.overall_SU_R_free                        ? 
_refine.overall_SU_ML                            ? 
_refine.pdbx_overall_ESU_R                       ? 
_refine.pdbx_data_cutoff_high_rms_absF           ? 
_refine.correlation_coeff_Fo_to_Fc_free          ? 
_refine.pdbx_solvent_vdw_probe_radii             ? 
_refine.pdbx_solvent_ion_probe_radii             ? 
_refine.pdbx_solvent_shrinkage_radii             ? 
_refine.pdbx_refine_id                           'X-RAY DIFFRACTION' 
_refine.pdbx_diffrn_id                           1 
_refine.pdbx_TLS_residual_ADP_flag               ? 
_refine.pdbx_overall_phase_error                 ? 
_refine.pdbx_overall_SU_R_free_Cruickshank_DPI   ? 
_refine.pdbx_overall_SU_R_Blow_DPI               ? 
_refine.pdbx_overall_SU_R_free_Blow_DPI          ? 
# 
_refine_analyze.entry_id                        1JYH 
_refine_analyze.Luzzati_coordinate_error_obs    0.19 
_refine_analyze.Luzzati_sigma_a_obs             -0.07 
_refine_analyze.Luzzati_d_res_low_obs           5.00 
_refine_analyze.Luzzati_coordinate_error_free   0.22 
_refine_analyze.Luzzati_sigma_a_free            0.04 
_refine_analyze.Luzzati_d_res_low_free          ? 
_refine_analyze.number_disordered_residues      ? 
_refine_analyze.occupancy_sum_hydrogen          ? 
_refine_analyze.occupancy_sum_non_hydrogen      ? 
_refine_analyze.pdbx_Luzzati_d_res_high_obs     ? 
_refine_analyze.pdbx_refine_id                  'X-RAY DIFFRACTION' 
# 
_refine_hist.pdbx_refine_id                   'X-RAY DIFFRACTION' 
_refine_hist.cycle_id                         LAST 
_refine_hist.pdbx_number_atoms_protein        1256 
_refine_hist.pdbx_number_atoms_nucleic_acid   0 
_refine_hist.pdbx_number_atoms_ligand         0 
_refine_hist.number_atoms_solvent             177 
_refine_hist.number_atoms_total               1433 
_refine_hist.d_res_high                       1.80 
_refine_hist.d_res_low                        19.93 
# 
loop_
_refine_ls_restr.type 
_refine_ls_restr.dev_ideal 
_refine_ls_restr.dev_ideal_target 
_refine_ls_restr.weight 
_refine_ls_restr.number 
_refine_ls_restr.pdbx_refine_id 
_refine_ls_restr.pdbx_restraint_function 
c_bond_d                0.005 ?    ? ? 'X-RAY DIFFRACTION' ? 
c_bond_d_na             ?     ?    ? ? 'X-RAY DIFFRACTION' ? 
c_bond_d_prot           ?     ?    ? ? 'X-RAY DIFFRACTION' ? 
c_angle_d               ?     ?    ? ? 'X-RAY DIFFRACTION' ? 
c_angle_d_na            ?     ?    ? ? 'X-RAY DIFFRACTION' ? 
c_angle_d_prot          ?     ?    ? ? 'X-RAY DIFFRACTION' ? 
c_angle_deg             1.3   ?    ? ? 'X-RAY DIFFRACTION' ? 
c_angle_deg_na          ?     ?    ? ? 'X-RAY DIFFRACTION' ? 
c_angle_deg_prot        ?     ?    ? ? 'X-RAY DIFFRACTION' ? 
c_dihedral_angle_d      25.0  ?    ? ? 'X-RAY DIFFRACTION' ? 
c_dihedral_angle_d_na   ?     ?    ? ? 'X-RAY DIFFRACTION' ? 
c_dihedral_angle_d_prot ?     ?    ? ? 'X-RAY DIFFRACTION' ? 
c_improper_angle_d      0.67  ?    ? ? 'X-RAY DIFFRACTION' ? 
c_improper_angle_d_na   ?     ?    ? ? 'X-RAY DIFFRACTION' ? 
c_improper_angle_d_prot ?     ?    ? ? 'X-RAY DIFFRACTION' ? 
c_mcbond_it             1.18  1.50 ? ? 'X-RAY DIFFRACTION' ? 
c_mcangle_it            1.82  2.00 ? ? 'X-RAY DIFFRACTION' ? 
c_scbond_it             2.03  2.00 ? ? 'X-RAY DIFFRACTION' ? 
c_scangle_it            3.04  2.50 ? ? 'X-RAY DIFFRACTION' ? 
# 
_refine_ls_shell.pdbx_total_number_of_bins_used   6 
_refine_ls_shell.d_res_high                       1.80 
_refine_ls_shell.d_res_low                        1.91 
_refine_ls_shell.number_reflns_R_work             2911 
_refine_ls_shell.R_factor_R_work                  0.1870000 
_refine_ls_shell.percent_reflns_obs               96.9 
_refine_ls_shell.R_factor_R_free                  0.2390000 
_refine_ls_shell.R_factor_R_free_error            0.013 
_refine_ls_shell.percent_reflns_R_free            10.1 
_refine_ls_shell.number_reflns_R_free             326 
_refine_ls_shell.number_reflns_obs                ? 
_refine_ls_shell.redundancy_reflns_obs            ? 
_refine_ls_shell.number_reflns_all                ? 
_refine_ls_shell.pdbx_refine_id                   'X-RAY DIFFRACTION' 
_refine_ls_shell.R_factor_all                     ? 
# 
loop_
_pdbx_xplor_file.serial_no 
_pdbx_xplor_file.param_file 
_pdbx_xplor_file.topol_file 
_pdbx_xplor_file.pdbx_refine_id 
1 PROTEIN_REP.PARAM PROTEIN.TOP 'X-RAY DIFFRACTION' 
2 WATER_REP.PARAM   WATER.TOP   'X-RAY DIFFRACTION' 
# 
_struct.entry_id                  1JYH 
_struct.title                     
'Crystal Structure of the Escherichia coli SbmC protein (AKA Gyrase Inhibitory Protein GyrI, AKA YeeB)' 
_struct.pdbx_model_details        ? 
_struct.pdbx_CASP_flag            ? 
_struct.pdbx_model_type_details   ? 
# 
_struct_keywords.entry_id        1JYH 
_struct_keywords.pdbx_keywords   'UNKNOWN FUNCTION' 
_struct_keywords.text            
;gyrase inhibitor, Structural Genomics, PSI, Protein Structure Initiative, New York SGX Research Center for Structural Genomics, NYSGXRC, UNKNOWN FUNCTION
;
# 
loop_
_struct_asym.id 
_struct_asym.pdbx_blank_PDB_chainid_flag 
_struct_asym.pdbx_modified 
_struct_asym.entity_id 
_struct_asym.details 
A N N 1 ? 
B N N 2 ? 
# 
_struct_ref.id                         1 
_struct_ref.db_name                    UNP 
_struct_ref.db_code                    GYRI_ECOLI 
_struct_ref.entity_id                  1 
_struct_ref.pdbx_seq_one_letter_code   
;MNYEIKQEEKRTVAGFHLVGPWEQTVKKGFEQLMMWVDSKNIVPKEWVAVYYDNPDETPAEKLRCDTVVTVPGYFTLPEN
SEGVILTEITGGQYAVAVARVVGDDFAKPWYQFFNSLLQDSAYEMLPKPCFEVYLNNGAEDGYWDIEMYVAVQPKHH
;
_struct_ref.pdbx_align_begin           1 
_struct_ref.pdbx_db_accession          P33012 
_struct_ref.pdbx_db_isoform            ? 
# 
_struct_ref_seq.align_id                      1 
_struct_ref_seq.ref_id                        1 
_struct_ref_seq.pdbx_PDB_id_code              1JYH 
_struct_ref_seq.pdbx_strand_id                A 
_struct_ref_seq.seq_align_beg                 1 
_struct_ref_seq.pdbx_seq_align_beg_ins_code   ? 
_struct_ref_seq.seq_align_end                 157 
_struct_ref_seq.pdbx_seq_align_end_ins_code   ? 
_struct_ref_seq.pdbx_db_accession             P33012 
_struct_ref_seq.db_align_beg                  1 
_struct_ref_seq.pdbx_db_align_beg_ins_code    ? 
_struct_ref_seq.db_align_end                  157 
_struct_ref_seq.pdbx_db_align_end_ins_code    ? 
_struct_ref_seq.pdbx_auth_seq_align_beg       1 
_struct_ref_seq.pdbx_auth_seq_align_end       157 
# 
_pdbx_struct_assembly.id                   1 
_pdbx_struct_assembly.details              author_defined_assembly 
_pdbx_struct_assembly.method_details       ? 
_pdbx_struct_assembly.oligomeric_details   monomeric 
_pdbx_struct_assembly.oligomeric_count     1 
# 
_pdbx_struct_assembly_gen.assembly_id       1 
_pdbx_struct_assembly_gen.oper_expression   1 
_pdbx_struct_assembly_gen.asym_id_list      A,B 
# 
_pdbx_struct_oper_list.id                   1 
_pdbx_struct_oper_list.type                 'identity operation' 
_pdbx_struct_oper_list.name                 1_555 
_pdbx_struct_oper_list.symmetry_operation   x,y,z 
_pdbx_struct_oper_list.matrix[1][1]         1.0000000000 
_pdbx_struct_oper_list.matrix[1][2]         0.0000000000 
_pdbx_struct_oper_list.matrix[1][3]         0.0000000000 
_pdbx_struct_oper_list.vector[1]            0.0000000000 
_pdbx_struct_oper_list.matrix[2][1]         0.0000000000 
_pdbx_struct_oper_list.matrix[2][2]         1.0000000000 
_pdbx_struct_oper_list.matrix[2][3]         0.0000000000 
_pdbx_struct_oper_list.vector[2]            0.0000000000 
_pdbx_struct_oper_list.matrix[3][1]         0.0000000000 
_pdbx_struct_oper_list.matrix[3][2]         0.0000000000 
_pdbx_struct_oper_list.matrix[3][3]         1.0000000000 
_pdbx_struct_oper_list.vector[3]            0.0000000000 
# 
_struct_biol.id                    1 
_struct_biol.pdbx_parent_biol_id   ? 
_struct_biol.details               ? 
# 
loop_
_struct_conf.conf_type_id 
_struct_conf.id 
_struct_conf.pdbx_PDB_helix_id 
_struct_conf.beg_label_comp_id 
_struct_conf.beg_label_asym_id 
_struct_conf.beg_label_seq_id 
_struct_conf.pdbx_beg_PDB_ins_code 
_struct_conf.end_label_comp_id 
_struct_conf.end_label_asym_id 
_struct_conf.end_label_seq_id 
_struct_conf.pdbx_end_PDB_ins_code 
_struct_conf.beg_auth_comp_id 
_struct_conf.beg_auth_asym_id 
_struct_conf.beg_auth_seq_id 
_struct_conf.end_auth_comp_id 
_struct_conf.end_auth_asym_id 
_struct_conf.end_auth_seq_id 
_struct_conf.pdbx_PDB_helix_class 
_struct_conf.details 
_struct_conf.pdbx_PDB_helix_length 
HELX_P HELX_P1 1 PRO A 21  ? LYS A 40  ? PRO A 21  LYS A 40  1 ? 20 
HELX_P HELX_P2 2 PRO A 59  ? LYS A 62  ? PRO A 59  LYS A 62  5 ? 4  
HELX_P HELX_P3 3 PHE A 106 ? LEU A 118 ? PHE A 106 LEU A 118 1 ? 13 
HELX_P HELX_P4 4 ASN A 137 ? GLY A 142 ? ASN A 137 GLY A 142 1 ? 6  
# 
_struct_conf_type.id          HELX_P 
_struct_conf_type.criteria    ? 
_struct_conf_type.reference   ? 
# 
loop_
_struct_sheet.id 
_struct_sheet.type 
_struct_sheet.number_strands 
_struct_sheet.details 
A ? 4 ? 
B ? 8 ? 
# 
loop_
_struct_sheet_order.sheet_id 
_struct_sheet_order.range_id_1 
_struct_sheet_order.range_id_2 
_struct_sheet_order.offset 
_struct_sheet_order.sense 
A 1 2 ? anti-parallel 
A 2 3 ? anti-parallel 
A 3 4 ? anti-parallel 
B 1 2 ? anti-parallel 
B 2 3 ? anti-parallel 
B 3 4 ? anti-parallel 
B 4 5 ? anti-parallel 
B 5 6 ? anti-parallel 
B 6 7 ? anti-parallel 
B 7 8 ? anti-parallel 
# 
loop_
_struct_sheet_range.sheet_id 
_struct_sheet_range.id 
_struct_sheet_range.beg_label_comp_id 
_struct_sheet_range.beg_label_asym_id 
_struct_sheet_range.beg_label_seq_id 
_struct_sheet_range.pdbx_beg_PDB_ins_code 
_struct_sheet_range.end_label_comp_id 
_struct_sheet_range.end_label_asym_id 
_struct_sheet_range.end_label_seq_id 
_struct_sheet_range.pdbx_end_PDB_ins_code 
_struct_sheet_range.beg_auth_comp_id 
_struct_sheet_range.beg_auth_asym_id 
_struct_sheet_range.beg_auth_seq_id 
_struct_sheet_range.end_auth_comp_id 
_struct_sheet_range.end_auth_asym_id 
_struct_sheet_range.end_auth_seq_id 
A 1 GLU A 4   ? GLU A 8   ? GLU A 4   GLU A 8   
A 2 GLY A 92  ? VAL A 101 ? GLY A 92  VAL A 101 
A 3 TRP A 144 ? PRO A 154 ? TRP A 144 PRO A 154 
A 4 TYR A 123 ? MET A 125 ? TYR A 123 MET A 125 
B 1 GLU A 4   ? GLU A 8   ? GLU A 4   GLU A 8   
B 2 GLY A 92  ? VAL A 101 ? GLY A 92  VAL A 101 
B 3 TRP A 144 ? PRO A 154 ? TRP A 144 PRO A 154 
B 4 CYS A 130 ? TYR A 134 ? CYS A 130 TYR A 134 
B 5 GLU A 46  ? TYR A 51  ? GLU A 46  TYR A 51  
B 6 ARG A 64  ? VAL A 71  ? ARG A 64  VAL A 71  
B 7 ARG A 11  ? VAL A 19  ? ARG A 11  VAL A 19  
B 8 ILE A 85  ? ILE A 89  ? ILE A 85  ILE A 89  
# 
loop_
_pdbx_struct_sheet_hbond.sheet_id 
_pdbx_struct_sheet_hbond.range_id_1 
_pdbx_struct_sheet_hbond.range_id_2 
_pdbx_struct_sheet_hbond.range_1_label_atom_id 
_pdbx_struct_sheet_hbond.range_1_label_comp_id 
_pdbx_struct_sheet_hbond.range_1_label_asym_id 
_pdbx_struct_sheet_hbond.range_1_label_seq_id 
_pdbx_struct_sheet_hbond.range_1_PDB_ins_code 
_pdbx_struct_sheet_hbond.range_1_auth_atom_id 
_pdbx_struct_sheet_hbond.range_1_auth_comp_id 
_pdbx_struct_sheet_hbond.range_1_auth_asym_id 
_pdbx_struct_sheet_hbond.range_1_auth_seq_id 
_pdbx_struct_sheet_hbond.range_2_label_atom_id 
_pdbx_struct_sheet_hbond.range_2_label_comp_id 
_pdbx_struct_sheet_hbond.range_2_label_asym_id 
_pdbx_struct_sheet_hbond.range_2_label_seq_id 
_pdbx_struct_sheet_hbond.range_2_PDB_ins_code 
_pdbx_struct_sheet_hbond.range_2_auth_atom_id 
_pdbx_struct_sheet_hbond.range_2_auth_comp_id 
_pdbx_struct_sheet_hbond.range_2_auth_asym_id 
_pdbx_struct_sheet_hbond.range_2_auth_seq_id 
A 1 2 N LYS A 6   ? N LYS A 6   O TYR A 94  ? O TYR A 94  
A 2 3 N ALA A 95  ? N ALA A 95  O VAL A 150 ? O VAL A 150 
A 3 4 O GLN A 153 ? O GLN A 153 N GLU A 124 ? N GLU A 124 
B 1 2 N LYS A 6   ? N LYS A 6   O TYR A 94  ? O TYR A 94  
B 2 3 N ALA A 95  ? N ALA A 95  O VAL A 150 ? O VAL A 150 
B 3 4 O TYR A 149 ? O TYR A 149 N PHE A 131 ? N PHE A 131 
B 4 5 O CYS A 130 ? O CYS A 130 N TYR A 51  ? N TYR A 51  
B 5 6 N VAL A 48  ? N VAL A 48  O VAL A 68  ? O VAL A 68  
B 6 7 O CYS A 65  ? O CYS A 65  N LEU A 18  ? N LEU A 18  
B 7 8 N GLY A 15  ? N GLY A 15  O ILE A 85  ? O ILE A 85  
# 
_pdbx_validate_torsion.id              1 
_pdbx_validate_torsion.PDB_model_num   1 
_pdbx_validate_torsion.auth_comp_id    SER 
_pdbx_validate_torsion.auth_asym_id    A 
_pdbx_validate_torsion.auth_seq_id     81 
_pdbx_validate_torsion.PDB_ins_code    ? 
_pdbx_validate_torsion.label_alt_id    ? 
_pdbx_validate_torsion.phi             -118.84 
_pdbx_validate_torsion.psi             54.03 
# 
_pdbx_SG_project.id                    1 
_pdbx_SG_project.project_name          'PSI, Protein Structure Initiative' 
_pdbx_SG_project.full_name_of_center   'New York SGX Research Center for Structural Genomics' 
_pdbx_SG_project.initial_of_center     NYSGXRC 
# 
loop_
_pdbx_unobs_or_zero_occ_residues.id 
_pdbx_unobs_or_zero_occ_residues.PDB_model_num 
_pdbx_unobs_or_zero_occ_residues.polymer_flag 
_pdbx_unobs_or_zero_occ_residues.occupancy_flag 
_pdbx_unobs_or_zero_occ_residues.auth_asym_id 
_pdbx_unobs_or_zero_occ_residues.auth_comp_id 
_pdbx_unobs_or_zero_occ_residues.auth_seq_id 
_pdbx_unobs_or_zero_occ_residues.PDB_ins_code 
_pdbx_unobs_or_zero_occ_residues.label_asym_id 
_pdbx_unobs_or_zero_occ_residues.label_comp_id 
_pdbx_unobs_or_zero_occ_residues.label_seq_id 
1 1 Y 1 A HIS 156 ? A HIS 156 
2 1 Y 1 A HIS 157 ? A HIS 157 
# 
loop_
_chem_comp_atom.comp_id 
_chem_comp_atom.atom_id 
_chem_comp_atom.type_symbol 
_chem_comp_atom.pdbx_aromatic_flag 
_chem_comp_atom.pdbx_stereo_config 
_chem_comp_atom.pdbx_ordinal 
ALA N    N N N 1   
ALA CA   C N S 2   
ALA C    C N N 3   
ALA O    O N N 4   
ALA CB   C N N 5   
ALA OXT  O N N 6   
ALA H    H N N 7   
ALA H2   H N N 8   
ALA HA   H N N 9   
ALA HB1  H N N 10  
ALA HB2  H N N 11  
ALA HB3  H N N 12  
ALA HXT  H N N 13  
ARG N    N N N 14  
ARG CA   C N S 15  
ARG C    C N N 16  
ARG O    O N N 17  
ARG CB   C N N 18  
ARG CG   C N N 19  
ARG CD   C N N 20  
ARG NE   N N N 21  
ARG CZ   C N N 22  
ARG NH1  N N N 23  
ARG NH2  N N N 24  
ARG OXT  O N N 25  
ARG H    H N N 26  
ARG H2   H N N 27  
ARG HA   H N N 28  
ARG HB2  H N N 29  
ARG HB3  H N N 30  
ARG HG2  H N N 31  
ARG HG3  H N N 32  
ARG HD2  H N N 33  
ARG HD3  H N N 34  
ARG HE   H N N 35  
ARG HH11 H N N 36  
ARG HH12 H N N 37  
ARG HH21 H N N 38  
ARG HH22 H N N 39  
ARG HXT  H N N 40  
ASN N    N N N 41  
ASN CA   C N S 42  
ASN C    C N N 43  
ASN O    O N N 44  
ASN CB   C N N 45  
ASN CG   C N N 46  
ASN OD1  O N N 47  
ASN ND2  N N N 48  
ASN OXT  O N N 49  
ASN H    H N N 50  
ASN H2   H N N 51  
ASN HA   H N N 52  
ASN HB2  H N N 53  
ASN HB3  H N N 54  
ASN HD21 H N N 55  
ASN HD22 H N N 56  
ASN HXT  H N N 57  
ASP N    N N N 58  
ASP CA   C N S 59  
ASP C    C N N 60  
ASP O    O N N 61  
ASP CB   C N N 62  
ASP CG   C N N 63  
ASP OD1  O N N 64  
ASP OD2  O N N 65  
ASP OXT  O N N 66  
ASP H    H N N 67  
ASP H2   H N N 68  
ASP HA   H N N 69  
ASP HB2  H N N 70  
ASP HB3  H N N 71  
ASP HD2  H N N 72  
ASP HXT  H N N 73  
CYS N    N N N 74  
CYS CA   C N R 75  
CYS C    C N N 76  
CYS O    O N N 77  
CYS CB   C N N 78  
CYS SG   S N N 79  
CYS OXT  O N N 80  
CYS H    H N N 81  
CYS H2   H N N 82  
CYS HA   H N N 83  
CYS HB2  H N N 84  
CYS HB3  H N N 85  
CYS HG   H N N 86  
CYS HXT  H N N 87  
GLN N    N N N 88  
GLN CA   C N S 89  
GLN C    C N N 90  
GLN O    O N N 91  
GLN CB   C N N 92  
GLN CG   C N N 93  
GLN CD   C N N 94  
GLN OE1  O N N 95  
GLN NE2  N N N 96  
GLN OXT  O N N 97  
GLN H    H N N 98  
GLN H2   H N N 99  
GLN HA   H N N 100 
GLN HB2  H N N 101 
GLN HB3  H N N 102 
GLN HG2  H N N 103 
GLN HG3  H N N 104 
GLN HE21 H N N 105 
GLN HE22 H N N 106 
GLN HXT  H N N 107 
GLU N    N N N 108 
GLU CA   C N S 109 
GLU C    C N N 110 
GLU O    O N N 111 
GLU CB   C N N 112 
GLU CG   C N N 113 
GLU CD   C N N 114 
GLU OE1  O N N 115 
GLU OE2  O N N 116 
GLU OXT  O N N 117 
GLU H    H N N 118 
GLU H2   H N N 119 
GLU HA   H N N 120 
GLU HB2  H N N 121 
GLU HB3  H N N 122 
GLU HG2  H N N 123 
GLU HG3  H N N 124 
GLU HE2  H N N 125 
GLU HXT  H N N 126 
GLY N    N N N 127 
GLY CA   C N N 128 
GLY C    C N N 129 
GLY O    O N N 130 
GLY OXT  O N N 131 
GLY H    H N N 132 
GLY H2   H N N 133 
GLY HA2  H N N 134 
GLY HA3  H N N 135 
GLY HXT  H N N 136 
HIS N    N N N 137 
HIS CA   C N S 138 
HIS C    C N N 139 
HIS O    O N N 140 
HIS CB   C N N 141 
HIS CG   C Y N 142 
HIS ND1  N Y N 143 
HIS CD2  C Y N 144 
HIS CE1  C Y N 145 
HIS NE2  N Y N 146 
HIS OXT  O N N 147 
HIS H    H N N 148 
HIS H2   H N N 149 
HIS HA   H N N 150 
HIS HB2  H N N 151 
HIS HB3  H N N 152 
HIS HD1  H N N 153 
HIS HD2  H N N 154 
HIS HE1  H N N 155 
HIS HE2  H N N 156 
HIS HXT  H N N 157 
HOH O    O N N 158 
HOH H1   H N N 159 
HOH H2   H N N 160 
ILE N    N N N 161 
ILE CA   C N S 162 
ILE C    C N N 163 
ILE O    O N N 164 
ILE CB   C N S 165 
ILE CG1  C N N 166 
ILE CG2  C N N 167 
ILE CD1  C N N 168 
ILE OXT  O N N 169 
ILE H    H N N 170 
ILE H2   H N N 171 
ILE HA   H N N 172 
ILE HB   H N N 173 
ILE HG12 H N N 174 
ILE HG13 H N N 175 
ILE HG21 H N N 176 
ILE HG22 H N N 177 
ILE HG23 H N N 178 
ILE HD11 H N N 179 
ILE HD12 H N N 180 
ILE HD13 H N N 181 
ILE HXT  H N N 182 
LEU N    N N N 183 
LEU CA   C N S 184 
LEU C    C N N 185 
LEU O    O N N 186 
LEU CB   C N N 187 
LEU CG   C N N 188 
LEU CD1  C N N 189 
LEU CD2  C N N 190 
LEU OXT  O N N 191 
LEU H    H N N 192 
LEU H2   H N N 193 
LEU HA   H N N 194 
LEU HB2  H N N 195 
LEU HB3  H N N 196 
LEU HG   H N N 197 
LEU HD11 H N N 198 
LEU HD12 H N N 199 
LEU HD13 H N N 200 
LEU HD21 H N N 201 
LEU HD22 H N N 202 
LEU HD23 H N N 203 
LEU HXT  H N N 204 
LYS N    N N N 205 
LYS CA   C N S 206 
LYS C    C N N 207 
LYS O    O N N 208 
LYS CB   C N N 209 
LYS CG   C N N 210 
LYS CD   C N N 211 
LYS CE   C N N 212 
LYS NZ   N N N 213 
LYS OXT  O N N 214 
LYS H    H N N 215 
LYS H2   H N N 216 
LYS HA   H N N 217 
LYS HB2  H N N 218 
LYS HB3  H N N 219 
LYS HG2  H N N 220 
LYS HG3  H N N 221 
LYS HD2  H N N 222 
LYS HD3  H N N 223 
LYS HE2  H N N 224 
LYS HE3  H N N 225 
LYS HZ1  H N N 226 
LYS HZ2  H N N 227 
LYS HZ3  H N N 228 
LYS HXT  H N N 229 
MET N    N N N 230 
MET CA   C N S 231 
MET C    C N N 232 
MET O    O N N 233 
MET CB   C N N 234 
MET CG   C N N 235 
MET SD   S N N 236 
MET CE   C N N 237 
MET OXT  O N N 238 
MET H    H N N 239 
MET H2   H N N 240 
MET HA   H N N 241 
MET HB2  H N N 242 
MET HB3  H N N 243 
MET HG2  H N N 244 
MET HG3  H N N 245 
MET HE1  H N N 246 
MET HE2  H N N 247 
MET HE3  H N N 248 
MET HXT  H N N 249 
PHE N    N N N 250 
PHE CA   C N S 251 
PHE C    C N N 252 
PHE O    O N N 253 
PHE CB   C N N 254 
PHE CG   C Y N 255 
PHE CD1  C Y N 256 
PHE CD2  C Y N 257 
PHE CE1  C Y N 258 
PHE CE2  C Y N 259 
PHE CZ   C Y N 260 
PHE OXT  O N N 261 
PHE H    H N N 262 
PHE H2   H N N 263 
PHE HA   H N N 264 
PHE HB2  H N N 265 
PHE HB3  H N N 266 
PHE HD1  H N N 267 
PHE HD2  H N N 268 
PHE HE1  H N N 269 
PHE HE2  H N N 270 
PHE HZ   H N N 271 
PHE HXT  H N N 272 
PRO N    N N N 273 
PRO CA   C N S 274 
PRO C    C N N 275 
PRO O    O N N 276 
PRO CB   C N N 277 
PRO CG   C N N 278 
PRO CD   C N N 279 
PRO OXT  O N N 280 
PRO H    H N N 281 
PRO HA   H N N 282 
PRO HB2  H N N 283 
PRO HB3  H N N 284 
PRO HG2  H N N 285 
PRO HG3  H N N 286 
PRO HD2  H N N 287 
PRO HD3  H N N 288 
PRO HXT  H N N 289 
SER N    N N N 290 
SER CA   C N S 291 
SER C    C N N 292 
SER O    O N N 293 
SER CB   C N N 294 
SER OG   O N N 295 
SER OXT  O N N 296 
SER H    H N N 297 
SER H2   H N N 298 
SER HA   H N N 299 
SER HB2  H N N 300 
SER HB3  H N N 301 
SER HG   H N N 302 
SER HXT  H N N 303 
THR N    N N N 304 
THR CA   C N S 305 
THR C    C N N 306 
THR O    O N N 307 
THR CB   C N R 308 
THR OG1  O N N 309 
THR CG2  C N N 310 
THR OXT  O N N 311 
THR H    H N N 312 
THR H2   H N N 313 
THR HA   H N N 314 
THR HB   H N N 315 
THR HG1  H N N 316 
THR HG21 H N N 317 
THR HG22 H N N 318 
THR HG23 H N N 319 
THR HXT  H N N 320 
TRP N    N N N 321 
TRP CA   C N S 322 
TRP C    C N N 323 
TRP O    O N N 324 
TRP CB   C N N 325 
TRP CG   C Y N 326 
TRP CD1  C Y N 327 
TRP CD2  C Y N 328 
TRP NE1  N Y N 329 
TRP CE2  C Y N 330 
TRP CE3  C Y N 331 
TRP CZ2  C Y N 332 
TRP CZ3  C Y N 333 
TRP CH2  C Y N 334 
TRP OXT  O N N 335 
TRP H    H N N 336 
TRP H2   H N N 337 
TRP HA   H N N 338 
TRP HB2  H N N 339 
TRP HB3  H N N 340 
TRP HD1  H N N 341 
TRP HE1  H N N 342 
TRP HE3  H N N 343 
TRP HZ2  H N N 344 
TRP HZ3  H N N 345 
TRP HH2  H N N 346 
TRP HXT  H N N 347 
TYR N    N N N 348 
TYR CA   C N S 349 
TYR C    C N N 350 
TYR O    O N N 351 
TYR CB   C N N 352 
TYR CG   C Y N 353 
TYR CD1  C Y N 354 
TYR CD2  C Y N 355 
TYR CE1  C Y N 356 
TYR CE2  C Y N 357 
TYR CZ   C Y N 358 
TYR OH   O N N 359 
TYR OXT  O N N 360 
TYR H    H N N 361 
TYR H2   H N N 362 
TYR HA   H N N 363 
TYR HB2  H N N 364 
TYR HB3  H N N 365 
TYR HD1  H N N 366 
TYR HD2  H N N 367 
TYR HE1  H N N 368 
TYR HE2  H N N 369 
TYR HH   H N N 370 
TYR HXT  H N N 371 
VAL N    N N N 372 
VAL CA   C N S 373 
VAL C    C N N 374 
VAL O    O N N 375 
VAL CB   C N N 376 
VAL CG1  C N N 377 
VAL CG2  C N N 378 
VAL OXT  O N N 379 
VAL H    H N N 380 
VAL H2   H N N 381 
VAL HA   H N N 382 
VAL HB   H N N 383 
VAL HG11 H N N 384 
VAL HG12 H N N 385 
VAL HG13 H N N 386 
VAL HG21 H N N 387 
VAL HG22 H N N 388 
VAL HG23 H N N 389 
VAL HXT  H N N 390 
# 
loop_
_chem_comp_bond.comp_id 
_chem_comp_bond.atom_id_1 
_chem_comp_bond.atom_id_2 
_chem_comp_bond.value_order 
_chem_comp_bond.pdbx_aromatic_flag 
_chem_comp_bond.pdbx_stereo_config 
_chem_comp_bond.pdbx_ordinal 
ALA N   CA   sing N N 1   
ALA N   H    sing N N 2   
ALA N   H2   sing N N 3   
ALA CA  C    sing N N 4   
ALA CA  CB   sing N N 5   
ALA CA  HA   sing N N 6   
ALA C   O    doub N N 7   
ALA C   OXT  sing N N 8   
ALA CB  HB1  sing N N 9   
ALA CB  HB2  sing N N 10  
ALA CB  HB3  sing N N 11  
ALA OXT HXT  sing N N 12  
ARG N   CA   sing N N 13  
ARG N   H    sing N N 14  
ARG N   H2   sing N N 15  
ARG CA  C    sing N N 16  
ARG CA  CB   sing N N 17  
ARG CA  HA   sing N N 18  
ARG C   O    doub N N 19  
ARG C   OXT  sing N N 20  
ARG CB  CG   sing N N 21  
ARG CB  HB2  sing N N 22  
ARG CB  HB3  sing N N 23  
ARG CG  CD   sing N N 24  
ARG CG  HG2  sing N N 25  
ARG CG  HG3  sing N N 26  
ARG CD  NE   sing N N 27  
ARG CD  HD2  sing N N 28  
ARG CD  HD3  sing N N 29  
ARG NE  CZ   sing N N 30  
ARG NE  HE   sing N N 31  
ARG CZ  NH1  sing N N 32  
ARG CZ  NH2  doub N N 33  
ARG NH1 HH11 sing N N 34  
ARG NH1 HH12 sing N N 35  
ARG NH2 HH21 sing N N 36  
ARG NH2 HH22 sing N N 37  
ARG OXT HXT  sing N N 38  
ASN N   CA   sing N N 39  
ASN N   H    sing N N 40  
ASN N   H2   sing N N 41  
ASN CA  C    sing N N 42  
ASN CA  CB   sing N N 43  
ASN CA  HA   sing N N 44  
ASN C   O    doub N N 45  
ASN C   OXT  sing N N 46  
ASN CB  CG   sing N N 47  
ASN CB  HB2  sing N N 48  
ASN CB  HB3  sing N N 49  
ASN CG  OD1  doub N N 50  
ASN CG  ND2  sing N N 51  
ASN ND2 HD21 sing N N 52  
ASN ND2 HD22 sing N N 53  
ASN OXT HXT  sing N N 54  
ASP N   CA   sing N N 55  
ASP N   H    sing N N 56  
ASP N   H2   sing N N 57  
ASP CA  C    sing N N 58  
ASP CA  CB   sing N N 59  
ASP CA  HA   sing N N 60  
ASP C   O    doub N N 61  
ASP C   OXT  sing N N 62  
ASP CB  CG   sing N N 63  
ASP CB  HB2  sing N N 64  
ASP CB  HB3  sing N N 65  
ASP CG  OD1  doub N N 66  
ASP CG  OD2  sing N N 67  
ASP OD2 HD2  sing N N 68  
ASP OXT HXT  sing N N 69  
CYS N   CA   sing N N 70  
CYS N   H    sing N N 71  
CYS N   H2   sing N N 72  
CYS CA  C    sing N N 73  
CYS CA  CB   sing N N 74  
CYS CA  HA   sing N N 75  
CYS C   O    doub N N 76  
CYS C   OXT  sing N N 77  
CYS CB  SG   sing N N 78  
CYS CB  HB2  sing N N 79  
CYS CB  HB3  sing N N 80  
CYS SG  HG   sing N N 81  
CYS OXT HXT  sing N N 82  
GLN N   CA   sing N N 83  
GLN N   H    sing N N 84  
GLN N   H2   sing N N 85  
GLN CA  C    sing N N 86  
GLN CA  CB   sing N N 87  
GLN CA  HA   sing N N 88  
GLN C   O    doub N N 89  
GLN C   OXT  sing N N 90  
GLN CB  CG   sing N N 91  
GLN CB  HB2  sing N N 92  
GLN CB  HB3  sing N N 93  
GLN CG  CD   sing N N 94  
GLN CG  HG2  sing N N 95  
GLN CG  HG3  sing N N 96  
GLN CD  OE1  doub N N 97  
GLN CD  NE2  sing N N 98  
GLN NE2 HE21 sing N N 99  
GLN NE2 HE22 sing N N 100 
GLN OXT HXT  sing N N 101 
GLU N   CA   sing N N 102 
GLU N   H    sing N N 103 
GLU N   H2   sing N N 104 
GLU CA  C    sing N N 105 
GLU CA  CB   sing N N 106 
GLU CA  HA   sing N N 107 
GLU C   O    doub N N 108 
GLU C   OXT  sing N N 109 
GLU CB  CG   sing N N 110 
GLU CB  HB2  sing N N 111 
GLU CB  HB3  sing N N 112 
GLU CG  CD   sing N N 113 
GLU CG  HG2  sing N N 114 
GLU CG  HG3  sing N N 115 
GLU CD  OE1  doub N N 116 
GLU CD  OE2  sing N N 117 
GLU OE2 HE2  sing N N 118 
GLU OXT HXT  sing N N 119 
GLY N   CA   sing N N 120 
GLY N   H    sing N N 121 
GLY N   H2   sing N N 122 
GLY CA  C    sing N N 123 
GLY CA  HA2  sing N N 124 
GLY CA  HA3  sing N N 125 
GLY C   O    doub N N 126 
GLY C   OXT  sing N N 127 
GLY OXT HXT  sing N N 128 
HIS N   CA   sing N N 129 
HIS N   H    sing N N 130 
HIS N   H2   sing N N 131 
HIS CA  C    sing N N 132 
HIS CA  CB   sing N N 133 
HIS CA  HA   sing N N 134 
HIS C   O    doub N N 135 
HIS C   OXT  sing N N 136 
HIS CB  CG   sing N N 137 
HIS CB  HB2  sing N N 138 
HIS CB  HB3  sing N N 139 
HIS CG  ND1  sing Y N 140 
HIS CG  CD2  doub Y N 141 
HIS ND1 CE1  doub Y N 142 
HIS ND1 HD1  sing N N 143 
HIS CD2 NE2  sing Y N 144 
HIS CD2 HD2  sing N N 145 
HIS CE1 NE2  sing Y N 146 
HIS CE1 HE1  sing N N 147 
HIS NE2 HE2  sing N N 148 
HIS OXT HXT  sing N N 149 
HOH O   H1   sing N N 150 
HOH O   H2   sing N N 151 
ILE N   CA   sing N N 152 
ILE N   H    sing N N 153 
ILE N   H2   sing N N 154 
ILE CA  C    sing N N 155 
ILE CA  CB   sing N N 156 
ILE CA  HA   sing N N 157 
ILE C   O    doub N N 158 
ILE C   OXT  sing N N 159 
ILE CB  CG1  sing N N 160 
ILE CB  CG2  sing N N 161 
ILE CB  HB   sing N N 162 
ILE CG1 CD1  sing N N 163 
ILE CG1 HG12 sing N N 164 
ILE CG1 HG13 sing N N 165 
ILE CG2 HG21 sing N N 166 
ILE CG2 HG22 sing N N 167 
ILE CG2 HG23 sing N N 168 
ILE CD1 HD11 sing N N 169 
ILE CD1 HD12 sing N N 170 
ILE CD1 HD13 sing N N 171 
ILE OXT HXT  sing N N 172 
LEU N   CA   sing N N 173 
LEU N   H    sing N N 174 
LEU N   H2   sing N N 175 
LEU CA  C    sing N N 176 
LEU CA  CB   sing N N 177 
LEU CA  HA   sing N N 178 
LEU C   O    doub N N 179 
LEU C   OXT  sing N N 180 
LEU CB  CG   sing N N 181 
LEU CB  HB2  sing N N 182 
LEU CB  HB3  sing N N 183 
LEU CG  CD1  sing N N 184 
LEU CG  CD2  sing N N 185 
LEU CG  HG   sing N N 186 
LEU CD1 HD11 sing N N 187 
LEU CD1 HD12 sing N N 188 
LEU CD1 HD13 sing N N 189 
LEU CD2 HD21 sing N N 190 
LEU CD2 HD22 sing N N 191 
LEU CD2 HD23 sing N N 192 
LEU OXT HXT  sing N N 193 
LYS N   CA   sing N N 194 
LYS N   H    sing N N 195 
LYS N   H2   sing N N 196 
LYS CA  C    sing N N 197 
LYS CA  CB   sing N N 198 
LYS CA  HA   sing N N 199 
LYS C   O    doub N N 200 
LYS C   OXT  sing N N 201 
LYS CB  CG   sing N N 202 
LYS CB  HB2  sing N N 203 
LYS CB  HB3  sing N N 204 
LYS CG  CD   sing N N 205 
LYS CG  HG2  sing N N 206 
LYS CG  HG3  sing N N 207 
LYS CD  CE   sing N N 208 
LYS CD  HD2  sing N N 209 
LYS CD  HD3  sing N N 210 
LYS CE  NZ   sing N N 211 
LYS CE  HE2  sing N N 212 
LYS CE  HE3  sing N N 213 
LYS NZ  HZ1  sing N N 214 
LYS NZ  HZ2  sing N N 215 
LYS NZ  HZ3  sing N N 216 
LYS OXT HXT  sing N N 217 
MET N   CA   sing N N 218 
MET N   H    sing N N 219 
MET N   H2   sing N N 220 
MET CA  C    sing N N 221 
MET CA  CB   sing N N 222 
MET CA  HA   sing N N 223 
MET C   O    doub N N 224 
MET C   OXT  sing N N 225 
MET CB  CG   sing N N 226 
MET CB  HB2  sing N N 227 
MET CB  HB3  sing N N 228 
MET CG  SD   sing N N 229 
MET CG  HG2  sing N N 230 
MET CG  HG3  sing N N 231 
MET SD  CE   sing N N 232 
MET CE  HE1  sing N N 233 
MET CE  HE2  sing N N 234 
MET CE  HE3  sing N N 235 
MET OXT HXT  sing N N 236 
PHE N   CA   sing N N 237 
PHE N   H    sing N N 238 
PHE N   H2   sing N N 239 
PHE CA  C    sing N N 240 
PHE CA  CB   sing N N 241 
PHE CA  HA   sing N N 242 
PHE C   O    doub N N 243 
PHE C   OXT  sing N N 244 
PHE CB  CG   sing N N 245 
PHE CB  HB2  sing N N 246 
PHE CB  HB3  sing N N 247 
PHE CG  CD1  doub Y N 248 
PHE CG  CD2  sing Y N 249 
PHE CD1 CE1  sing Y N 250 
PHE CD1 HD1  sing N N 251 
PHE CD2 CE2  doub Y N 252 
PHE CD2 HD2  sing N N 253 
PHE CE1 CZ   doub Y N 254 
PHE CE1 HE1  sing N N 255 
PHE CE2 CZ   sing Y N 256 
PHE CE2 HE2  sing N N 257 
PHE CZ  HZ   sing N N 258 
PHE OXT HXT  sing N N 259 
PRO N   CA   sing N N 260 
PRO N   CD   sing N N 261 
PRO N   H    sing N N 262 
PRO CA  C    sing N N 263 
PRO CA  CB   sing N N 264 
PRO CA  HA   sing N N 265 
PRO C   O    doub N N 266 
PRO C   OXT  sing N N 267 
PRO CB  CG   sing N N 268 
PRO CB  HB2  sing N N 269 
PRO CB  HB3  sing N N 270 
PRO CG  CD   sing N N 271 
PRO CG  HG2  sing N N 272 
PRO CG  HG3  sing N N 273 
PRO CD  HD2  sing N N 274 
PRO CD  HD3  sing N N 275 
PRO OXT HXT  sing N N 276 
SER N   CA   sing N N 277 
SER N   H    sing N N 278 
SER N   H2   sing N N 279 
SER CA  C    sing N N 280 
SER CA  CB   sing N N 281 
SER CA  HA   sing N N 282 
SER C   O    doub N N 283 
SER C   OXT  sing N N 284 
SER CB  OG   sing N N 285 
SER CB  HB2  sing N N 286 
SER CB  HB3  sing N N 287 
SER OG  HG   sing N N 288 
SER OXT HXT  sing N N 289 
THR N   CA   sing N N 290 
THR N   H    sing N N 291 
THR N   H2   sing N N 292 
THR CA  C    sing N N 293 
THR CA  CB   sing N N 294 
THR CA  HA   sing N N 295 
THR C   O    doub N N 296 
THR C   OXT  sing N N 297 
THR CB  OG1  sing N N 298 
THR CB  CG2  sing N N 299 
THR CB  HB   sing N N 300 
THR OG1 HG1  sing N N 301 
THR CG2 HG21 sing N N 302 
THR CG2 HG22 sing N N 303 
THR CG2 HG23 sing N N 304 
THR OXT HXT  sing N N 305 
TRP N   CA   sing N N 306 
TRP N   H    sing N N 307 
TRP N   H2   sing N N 308 
TRP CA  C    sing N N 309 
TRP CA  CB   sing N N 310 
TRP CA  HA   sing N N 311 
TRP C   O    doub N N 312 
TRP C   OXT  sing N N 313 
TRP CB  CG   sing N N 314 
TRP CB  HB2  sing N N 315 
TRP CB  HB3  sing N N 316 
TRP CG  CD1  doub Y N 317 
TRP CG  CD2  sing Y N 318 
TRP CD1 NE1  sing Y N 319 
TRP CD1 HD1  sing N N 320 
TRP CD2 CE2  doub Y N 321 
TRP CD2 CE3  sing Y N 322 
TRP NE1 CE2  sing Y N 323 
TRP NE1 HE1  sing N N 324 
TRP CE2 CZ2  sing Y N 325 
TRP CE3 CZ3  doub Y N 326 
TRP CE3 HE3  sing N N 327 
TRP CZ2 CH2  doub Y N 328 
TRP CZ2 HZ2  sing N N 329 
TRP CZ3 CH2  sing Y N 330 
TRP CZ3 HZ3  sing N N 331 
TRP CH2 HH2  sing N N 332 
TRP OXT HXT  sing N N 333 
TYR N   CA   sing N N 334 
TYR N   H    sing N N 335 
TYR N   H2   sing N N 336 
TYR CA  C    sing N N 337 
TYR CA  CB   sing N N 338 
TYR CA  HA   sing N N 339 
TYR C   O    doub N N 340 
TYR C   OXT  sing N N 341 
TYR CB  CG   sing N N 342 
TYR CB  HB2  sing N N 343 
TYR CB  HB3  sing N N 344 
TYR CG  CD1  doub Y N 345 
TYR CG  CD2  sing Y N 346 
TYR CD1 CE1  sing Y N 347 
TYR CD1 HD1  sing N N 348 
TYR CD2 CE2  doub Y N 349 
TYR CD2 HD2  sing N N 350 
TYR CE1 CZ   doub Y N 351 
TYR CE1 HE1  sing N N 352 
TYR CE2 CZ   sing Y N 353 
TYR CE2 HE2  sing N N 354 
TYR CZ  OH   sing N N 355 
TYR OH  HH   sing N N 356 
TYR OXT HXT  sing N N 357 
VAL N   CA   sing N N 358 
VAL N   H    sing N N 359 
VAL N   H2   sing N N 360 
VAL CA  C    sing N N 361 
VAL CA  CB   sing N N 362 
VAL CA  HA   sing N N 363 
VAL C   O    doub N N 364 
VAL C   OXT  sing N N 365 
VAL CB  CG1  sing N N 366 
VAL CB  CG2  sing N N 367 
VAL CB  HB   sing N N 368 
VAL CG1 HG11 sing N N 369 
VAL CG1 HG12 sing N N 370 
VAL CG1 HG13 sing N N 371 
VAL CG2 HG21 sing N N 372 
VAL CG2 HG22 sing N N 373 
VAL CG2 HG23 sing N N 374 
VAL OXT HXT  sing N N 375 
# 
_atom_sites.entry_id                    1JYH 
_atom_sites.fract_transf_matrix[1][1]   -0.00958934 
_atom_sites.fract_transf_matrix[1][2]   -0.00260195 
_atom_sites.fract_transf_matrix[1][3]   0.00958396 
_atom_sites.fract_transf_matrix[2][1]   0.00333967 
_atom_sites.fract_transf_matrix[2][2]   -0.01339172 
_atom_sites.fract_transf_matrix[2][3]   -0.00029417 
_atom_sites.fract_transf_matrix[3][1]   0.00837490 
_atom_sites.fract_transf_matrix[3][2]   0.00189320 
_atom_sites.fract_transf_matrix[3][3]   0.00889359 
_atom_sites.fract_transf_vector[1]      0.197070 
_atom_sites.fract_transf_vector[2]      0.440078 
_atom_sites.fract_transf_vector[3]      0.503609 
# 
loop_
_atom_type.symbol 
C 
N 
O 
S 
# 
loop_
_atom_site.group_PDB 
_atom_site.id 
_atom_site.type_symbol 
_atom_site.label_atom_id 
_atom_site.label_alt_id 
_atom_site.label_comp_id 
_atom_site.label_asym_id 
_atom_site.label_entity_id 
_atom_site.label_seq_id 
_atom_site.pdbx_PDB_ins_code 
_atom_site.Cartn_x 
_atom_site.Cartn_y 
_atom_site.Cartn_z 
_atom_site.occupancy 
_atom_site.B_iso_or_equiv 
_atom_site.pdbx_formal_charge 
_atom_site.auth_seq_id 
_atom_site.auth_comp_id 
_atom_site.auth_asym_id 
_atom_site.auth_atom_id 
_atom_site.pdbx_PDB_model_num 
ATOM   1    N N   . MET A 1 1   ? -12.911 0.116   -13.866 1.00 22.64 ? 1   MET A N   1 
ATOM   2    C CA  . MET A 1 1   ? -13.708 0.634   -12.725 1.00 22.23 ? 1   MET A CA  1 
ATOM   3    C C   . MET A 1 1   ? -13.479 2.126   -12.509 1.00 19.70 ? 1   MET A C   1 
ATOM   4    O O   . MET A 1 1   ? -12.584 2.724   -13.109 1.00 18.21 ? 1   MET A O   1 
ATOM   5    C CB  . MET A 1 1   ? -13.369 -0.121  -11.444 1.00 24.11 ? 1   MET A CB  1 
ATOM   6    C CG  . MET A 1 1   ? -12.012 0.211   -10.857 1.00 24.99 ? 1   MET A CG  1 
ATOM   7    S SD  . MET A 1 1   ? -12.037 -0.139  -9.096  1.00 24.88 ? 1   MET A SD  1 
ATOM   8    C CE  . MET A 1 1   ? -11.700 -1.902  -9.092  1.00 18.39 ? 1   MET A CE  1 
ATOM   9    N N   . ASN A 1 2   ? -14.285 2.712   -11.629 1.00 17.00 ? 2   ASN A N   1 
ATOM   10   C CA  . ASN A 1 2   ? -14.215 4.140   -11.347 1.00 16.47 ? 2   ASN A CA  1 
ATOM   11   C C   . ASN A 1 2   ? -13.078 4.589   -10.437 1.00 13.71 ? 2   ASN A C   1 
ATOM   12   O O   . ASN A 1 2   ? -12.585 3.836   -9.596  1.00 11.74 ? 2   ASN A O   1 
ATOM   13   C CB  . ASN A 1 2   ? -15.544 4.611   -10.753 1.00 17.37 ? 2   ASN A CB  1 
ATOM   14   C CG  . ASN A 1 2   ? -16.727 4.231   -11.614 1.00 20.60 ? 2   ASN A CG  1 
ATOM   15   O OD1 . ASN A 1 2   ? -16.734 4.486   -12.815 1.00 23.98 ? 2   ASN A OD1 1 
ATOM   16   N ND2 . ASN A 1 2   ? -17.734 3.621   -11.004 1.00 21.06 ? 2   ASN A ND2 1 
ATOM   17   N N   . TYR A 1 3   ? -12.682 5.842   -10.619 1.00 12.27 ? 3   TYR A N   1 
ATOM   18   C CA  . TYR A 1 3   ? -11.619 6.453   -9.831  1.00 11.52 ? 3   TYR A CA  1 
ATOM   19   C C   . TYR A 1 3   ? -11.668 7.962   -10.045 1.00 10.75 ? 3   TYR A C   1 
ATOM   20   O O   . TYR A 1 3   ? -12.336 8.449   -10.966 1.00 11.64 ? 3   TYR A O   1 
ATOM   21   C CB  . TYR A 1 3   ? -10.247 5.906   -10.268 1.00 9.65  ? 3   TYR A CB  1 
ATOM   22   C CG  . TYR A 1 3   ? -9.882  6.201   -11.710 1.00 11.96 ? 3   TYR A CG  1 
ATOM   23   C CD1 . TYR A 1 3   ? -9.347  7.437   -12.082 1.00 11.99 ? 3   TYR A CD1 1 
ATOM   24   C CD2 . TYR A 1 3   ? -10.111 5.259   -12.711 1.00 13.41 ? 3   TYR A CD2 1 
ATOM   25   C CE1 . TYR A 1 3   ? -9.056  7.730   -13.419 1.00 14.86 ? 3   TYR A CE1 1 
ATOM   26   C CE2 . TYR A 1 3   ? -9.825  5.539   -14.045 1.00 14.52 ? 3   TYR A CE2 1 
ATOM   27   C CZ  . TYR A 1 3   ? -9.301  6.776   -14.393 1.00 15.31 ? 3   TYR A CZ  1 
ATOM   28   O OH  . TYR A 1 3   ? -9.050  7.062   -15.715 1.00 17.92 ? 3   TYR A OH  1 
ATOM   29   N N   . GLU A 1 4   ? -10.983 8.700   -9.178  1.00 9.09  ? 4   GLU A N   1 
ATOM   30   C CA  . GLU A 1 4   ? -10.902 10.151  -9.309  1.00 9.47  ? 4   GLU A CA  1 
ATOM   31   C C   . GLU A 1 4   ? -9.501  10.570  -8.873  1.00 10.06 ? 4   GLU A C   1 
ATOM   32   O O   . GLU A 1 4   ? -8.840  9.855   -8.120  1.00 11.15 ? 4   GLU A O   1 
ATOM   33   C CB  . GLU A 1 4   ? -11.981 10.853  -8.472  1.00 10.04 ? 4   GLU A CB  1 
ATOM   34   C CG  . GLU A 1 4   ? -11.882 10.658  -6.974  1.00 10.13 ? 4   GLU A CG  1 
ATOM   35   C CD  . GLU A 1 4   ? -12.992 11.386  -6.227  1.00 14.50 ? 4   GLU A CD  1 
ATOM   36   O OE1 . GLU A 1 4   ? -13.615 12.297  -6.814  1.00 17.68 ? 4   GLU A OE1 1 
ATOM   37   O OE2 . GLU A 1 4   ? -13.237 11.055  -5.052  1.00 13.19 ? 4   GLU A OE2 1 
ATOM   38   N N   . ILE A 1 5   ? -9.047  11.719  -9.361  1.00 9.51  ? 5   ILE A N   1 
ATOM   39   C CA  . ILE A 1 5   ? -7.709  12.211  -9.045  1.00 11.45 ? 5   ILE A CA  1 
ATOM   40   C C   . ILE A 1 5   ? -7.706  13.098  -7.803  1.00 10.58 ? 5   ILE A C   1 
ATOM   41   O O   . ILE A 1 5   ? -8.500  14.030  -7.705  1.00 11.29 ? 5   ILE A O   1 
ATOM   42   C CB  . ILE A 1 5   ? -7.130  13.020  -10.229 1.00 12.70 ? 5   ILE A CB  1 
ATOM   43   C CG1 . ILE A 1 5   ? -7.246  12.209  -11.526 1.00 15.31 ? 5   ILE A CG1 1 
ATOM   44   C CG2 . ILE A 1 5   ? -5.689  13.410  -9.935  1.00 12.42 ? 5   ILE A CG2 1 
ATOM   45   C CD1 . ILE A 1 5   ? -6.614  10.834  -11.475 1.00 17.20 ? 5   ILE A CD1 1 
ATOM   46   N N   . LYS A 1 6   ? -6.803  12.814  -6.868  1.00 9.84  ? 6   LYS A N   1 
ATOM   47   C CA  . LYS A 1 6   ? -6.704  13.592  -5.634  1.00 10.85 ? 6   LYS A CA  1 
ATOM   48   C C   . LYS A 1 6   ? -5.283  14.084  -5.375  1.00 10.52 ? 6   LYS A C   1 
ATOM   49   O O   . LYS A 1 6   ? -4.314  13.390  -5.679  1.00 10.52 ? 6   LYS A O   1 
ATOM   50   C CB  . LYS A 1 6   ? -7.167  12.750  -4.436  1.00 11.89 ? 6   LYS A CB  1 
ATOM   51   C CG  . LYS A 1 6   ? -8.618  12.282  -4.521  1.00 13.15 ? 6   LYS A CG  1 
ATOM   52   C CD  . LYS A 1 6   ? -9.036  11.487  -3.286  1.00 14.72 ? 6   LYS A CD  1 
ATOM   53   C CE  . LYS A 1 6   ? -9.049  12.359  -2.036  1.00 15.74 ? 6   LYS A CE  1 
ATOM   54   N NZ  . LYS A 1 6   ? -9.991  13.502  -2.170  1.00 16.59 ? 6   LYS A NZ  1 
ATOM   55   N N   . GLN A 1 7   ? -5.169  15.285  -4.815  1.00 9.74  ? 7   GLN A N   1 
ATOM   56   C CA  . GLN A 1 7   ? -3.869  15.862  -4.485  1.00 10.32 ? 7   GLN A CA  1 
ATOM   57   C C   . GLN A 1 7   ? -3.555  15.429  -3.051  1.00 11.49 ? 7   GLN A C   1 
ATOM   58   O O   . GLN A 1 7   ? -4.145  15.941  -2.096  1.00 11.18 ? 7   GLN A O   1 
ATOM   59   C CB  . GLN A 1 7   ? -3.932  17.389  -4.576  1.00 12.33 ? 7   GLN A CB  1 
ATOM   60   C CG  . GLN A 1 7   ? -2.595  18.101  -4.390  1.00 14.06 ? 7   GLN A CG  1 
ATOM   61   C CD  . GLN A 1 7   ? -1.621  17.852  -5.529  1.00 17.42 ? 7   GLN A CD  1 
ATOM   62   O OE1 . GLN A 1 7   ? -1.969  17.992  -6.706  1.00 20.30 ? 7   GLN A OE1 1 
ATOM   63   N NE2 . GLN A 1 7   ? -0.392  17.499  -5.186  1.00 20.32 ? 7   GLN A NE2 1 
ATOM   64   N N   . GLU A 1 8   ? -2.626  14.487  -2.914  1.00 9.57  ? 8   GLU A N   1 
ATOM   65   C CA  . GLU A 1 8   ? -2.242  13.940  -1.612  1.00 10.38 ? 8   GLU A CA  1 
ATOM   66   C C   . GLU A 1 8   ? -0.977  14.548  -1.025  1.00 9.50  ? 8   GLU A C   1 
ATOM   67   O O   . GLU A 1 8   ? -0.045  14.883  -1.752  1.00 9.05  ? 8   GLU A O   1 
ATOM   68   C CB  . GLU A 1 8   ? -2.001  12.431  -1.732  1.00 10.64 ? 8   GLU A CB  1 
ATOM   69   C CG  . GLU A 1 8   ? -3.197  11.602  -2.158  1.00 11.87 ? 8   GLU A CG  1 
ATOM   70   C CD  . GLU A 1 8   ? -4.203  11.428  -1.044  1.00 12.01 ? 8   GLU A CD  1 
ATOM   71   O OE1 . GLU A 1 8   ? -3.805  10.959  0.043   1.00 11.67 ? 8   GLU A OE1 1 
ATOM   72   O OE2 . GLU A 1 8   ? -5.390  11.753  -1.256  1.00 12.18 ? 8   GLU A OE2 1 
ATOM   73   N N   . GLU A 1 9   ? -0.944  14.680  0.296   1.00 8.93  ? 9   GLU A N   1 
ATOM   74   C CA  . GLU A 1 9   ? 0.256   15.170  0.953   1.00 9.97  ? 9   GLU A CA  1 
ATOM   75   C C   . GLU A 1 9   ? 1.108   13.923  1.184   1.00 9.14  ? 9   GLU A C   1 
ATOM   76   O O   . GLU A 1 9   ? 0.614   12.797  1.061   1.00 9.91  ? 9   GLU A O   1 
ATOM   77   C CB  . GLU A 1 9   ? -0.071  15.825  2.298   1.00 9.09  ? 9   GLU A CB  1 
ATOM   78   C CG  . GLU A 1 9   ? -0.824  17.140  2.188   1.00 11.22 ? 9   GLU A CG  1 
ATOM   79   C CD  . GLU A 1 9   ? -0.769  17.944  3.474   1.00 14.07 ? 9   GLU A CD  1 
ATOM   80   O OE1 . GLU A 1 9   ? -0.761  17.331  4.564   1.00 14.90 ? 9   GLU A OE1 1 
ATOM   81   O OE2 . GLU A 1 9   ? -0.740  19.191  3.394   1.00 12.74 ? 9   GLU A OE2 1 
ATOM   82   N N   . LYS A 1 10  ? 2.382   14.113  1.503   1.00 8.12  ? 10  LYS A N   1 
ATOM   83   C CA  . LYS A 1 10  ? 3.268   12.981  1.742   1.00 9.35  ? 10  LYS A CA  1 
ATOM   84   C C   . LYS A 1 10  ? 2.771   12.186  2.942   1.00 9.84  ? 10  LYS A C   1 
ATOM   85   O O   . LYS A 1 10  ? 2.012   12.698  3.766   1.00 10.10 ? 10  LYS A O   1 
ATOM   86   C CB  . LYS A 1 10  ? 4.691   13.469  2.022   1.00 11.61 ? 10  LYS A CB  1 
ATOM   87   C CG  . LYS A 1 10  ? 4.846   14.217  3.342   1.00 12.14 ? 10  LYS A CG  1 
ATOM   88   C CD  . LYS A 1 10  ? 6.292   14.643  3.566   1.00 14.68 ? 10  LYS A CD  1 
ATOM   89   C CE  . LYS A 1 10  ? 6.486   15.263  4.948   1.00 16.38 ? 10  LYS A CE  1 
ATOM   90   N NZ  . LYS A 1 10  ? 7.897   15.689  5.163   1.00 16.79 ? 10  LYS A NZ  1 
ATOM   91   N N   . ARG A 1 11  ? 3.206   10.933  3.029   1.00 9.13  ? 11  ARG A N   1 
ATOM   92   C CA  . ARG A 1 11  ? 2.832   10.063  4.136   1.00 9.19  ? 11  ARG A CA  1 
ATOM   93   C C   . ARG A 1 11  ? 4.085   9.570   4.842   1.00 9.12  ? 11  ARG A C   1 
ATOM   94   O O   . ARG A 1 11  ? 5.042   9.151   4.190   1.00 8.86  ? 11  ARG A O   1 
ATOM   95   C CB  . ARG A 1 11  ? 2.068   8.831   3.636   1.00 8.50  ? 11  ARG A CB  1 
ATOM   96   C CG  . ARG A 1 11  ? 0.603   9.049   3.266   1.00 8.69  ? 11  ARG A CG  1 
ATOM   97   C CD  . ARG A 1 11  ? 0.030   7.768   2.647   1.00 8.99  ? 11  ARG A CD  1 
ATOM   98   N NE  . ARG A 1 11  ? -1.432  7.763   2.609   1.00 9.44  ? 11  ARG A NE  1 
ATOM   99   C CZ  . ARG A 1 11  ? -2.168  8.516   1.799   1.00 9.41  ? 11  ARG A CZ  1 
ATOM   100  N NH1 . ARG A 1 11  ? -1.584  9.338   0.935   1.00 10.76 ? 11  ARG A NH1 1 
ATOM   101  N NH2 . ARG A 1 11  ? -3.496  8.468   1.874   1.00 7.71  ? 11  ARG A NH2 1 
ATOM   102  N N   . THR A 1 12  ? 4.085   9.633   6.167   1.00 8.33  ? 12  THR A N   1 
ATOM   103  C CA  . THR A 1 12  ? 5.206   9.108   6.941   1.00 9.09  ? 12  THR A CA  1 
ATOM   104  C C   . THR A 1 12  ? 4.757   7.686   7.279   1.00 9.45  ? 12  THR A C   1 
ATOM   105  O O   . THR A 1 12  ? 3.670   7.488   7.825   1.00 9.38  ? 12  THR A O   1 
ATOM   106  C CB  . THR A 1 12  ? 5.432   9.915   8.242   1.00 9.34  ? 12  THR A CB  1 
ATOM   107  O OG1 . THR A 1 12  ? 5.897   11.231  7.911   1.00 8.76  ? 12  THR A OG1 1 
ATOM   108  C CG2 . THR A 1 12  ? 6.475   9.230   9.126   1.00 9.98  ? 12  THR A CG2 1 
ATOM   109  N N   . VAL A 1 13  ? 5.569   6.691   6.939   1.00 8.09  ? 13  VAL A N   1 
ATOM   110  C CA  . VAL A 1 13  ? 5.194   5.306   7.209   1.00 8.63  ? 13  VAL A CA  1 
ATOM   111  C C   . VAL A 1 13  ? 6.257   4.533   7.985   1.00 7.98  ? 13  VAL A C   1 
ATOM   112  O O   . VAL A 1 13  ? 7.457   4.751   7.805   1.00 9.40  ? 13  VAL A O   1 
ATOM   113  C CB  . VAL A 1 13  ? 4.888   4.546   5.896   1.00 8.12  ? 13  VAL A CB  1 
ATOM   114  C CG1 . VAL A 1 13  ? 3.701   5.190   5.191   1.00 8.65  ? 13  VAL A CG1 1 
ATOM   115  C CG2 . VAL A 1 13  ? 6.116   4.542   4.990   1.00 9.11  ? 13  VAL A CG2 1 
ATOM   116  N N   . ALA A 1 14  ? 5.800   3.627   8.844   1.00 8.02  ? 14  ALA A N   1 
ATOM   117  C CA  . ALA A 1 14  ? 6.691   2.818   9.665   1.00 8.51  ? 14  ALA A CA  1 
ATOM   118  C C   . ALA A 1 14  ? 6.308   1.352   9.556   1.00 8.23  ? 14  ALA A C   1 
ATOM   119  O O   . ALA A 1 14  ? 5.129   1.003   9.619   1.00 8.76  ? 14  ALA A O   1 
ATOM   120  C CB  . ALA A 1 14  ? 6.609   3.266   11.122  1.00 10.43 ? 14  ALA A CB  1 
ATOM   121  N N   . GLY A 1 15  ? 7.304   0.489   9.402   1.00 7.98  ? 15  GLY A N   1 
ATOM   122  C CA  . GLY A 1 15  ? 7.002   -0.924  9.298   1.00 8.07  ? 15  GLY A CA  1 
ATOM   123  C C   . GLY A 1 15  ? 8.137   -1.779  8.784   1.00 10.39 ? 15  GLY A C   1 
ATOM   124  O O   . GLY A 1 15  ? 9.292   -1.610  9.188   1.00 10.16 ? 15  GLY A O   1 
ATOM   125  N N   . PHE A 1 16  ? 7.809   -2.700  7.884   1.00 9.25  ? 16  PHE A N   1 
ATOM   126  C CA  . PHE A 1 16  ? 8.813   -3.602  7.348   1.00 9.84  ? 16  PHE A CA  1 
ATOM   127  C C   . PHE A 1 16  ? 8.929   -3.636  5.834   1.00 9.72  ? 16  PHE A C   1 
ATOM   128  O O   . PHE A 1 16  ? 7.934   -3.547  5.112   1.00 10.20 ? 16  PHE A O   1 
ATOM   129  C CB  . PHE A 1 16  ? 8.551   -5.017  7.868   1.00 10.19 ? 16  PHE A CB  1 
ATOM   130  C CG  . PHE A 1 16  ? 8.563   -5.114  9.366   1.00 10.68 ? 16  PHE A CG  1 
ATOM   131  C CD1 . PHE A 1 16  ? 7.411   -4.871  10.104  1.00 10.75 ? 16  PHE A CD1 1 
ATOM   132  C CD2 . PHE A 1 16  ? 9.749   -5.382  10.042  1.00 12.25 ? 16  PHE A CD2 1 
ATOM   133  C CE1 . PHE A 1 16  ? 7.440   -4.887  11.500  1.00 12.32 ? 16  PHE A CE1 1 
ATOM   134  C CE2 . PHE A 1 16  ? 9.791   -5.399  11.432  1.00 12.55 ? 16  PHE A CE2 1 
ATOM   135  C CZ  . PHE A 1 16  ? 8.636   -5.152  12.164  1.00 14.33 ? 16  PHE A CZ  1 
ATOM   136  N N   . HIS A 1 17  ? 10.170  -3.772  5.371   1.00 9.19  ? 17  HIS A N   1 
ATOM   137  C CA  . HIS A 1 17  ? 10.481  -3.855  3.955   1.00 8.96  ? 17  HIS A CA  1 
ATOM   138  C C   . HIS A 1 17  ? 10.808  -5.312  3.671   1.00 10.29 ? 17  HIS A C   1 
ATOM   139  O O   . HIS A 1 17  ? 11.632  -5.913  4.362   1.00 9.67  ? 17  HIS A O   1 
ATOM   140  C CB  . HIS A 1 17  ? 11.689  -2.977  3.637   1.00 9.72  ? 17  HIS A CB  1 
ATOM   141  C CG  . HIS A 1 17  ? 12.072  -2.974  2.192   1.00 10.23 ? 17  HIS A CG  1 
ATOM   142  N ND1 . HIS A 1 17  ? 13.074  -3.771  1.684   1.00 11.83 ? 17  HIS A ND1 1 
ATOM   143  C CD2 . HIS A 1 17  ? 11.599  -2.251  1.151   1.00 9.51  ? 17  HIS A CD2 1 
ATOM   144  C CE1 . HIS A 1 17  ? 13.207  -3.533  0.391   1.00 9.79  ? 17  HIS A CE1 1 
ATOM   145  N NE2 . HIS A 1 17  ? 12.324  -2.616  0.043   1.00 13.01 ? 17  HIS A NE2 1 
ATOM   146  N N   . LEU A 1 18  ? 10.166  -5.885  2.658   1.00 9.53  ? 18  LEU A N   1 
ATOM   147  C CA  . LEU A 1 18  ? 10.408  -7.284  2.335   1.00 12.18 ? 18  LEU A CA  1 
ATOM   148  C C   . LEU A 1 18  ? 10.735  -7.513  0.874   1.00 11.95 ? 18  LEU A C   1 
ATOM   149  O O   . LEU A 1 18  ? 10.173  -6.870  -0.012  1.00 10.54 ? 18  LEU A O   1 
ATOM   150  C CB  . LEU A 1 18  ? 9.202   -8.142  2.734   1.00 14.18 ? 18  LEU A CB  1 
ATOM   151  C CG  . LEU A 1 18  ? 8.839   -8.109  4.225   1.00 17.05 ? 18  LEU A CG  1 
ATOM   152  C CD1 . LEU A 1 18  ? 7.883   -6.958  4.481   1.00 18.18 ? 18  LEU A CD1 1 
ATOM   153  C CD2 . LEU A 1 18  ? 8.192   -9.420  4.635   1.00 18.81 ? 18  LEU A CD2 1 
ATOM   154  N N   . VAL A 1 19  ? 11.645  -8.452  0.639   1.00 12.47 ? 19  VAL A N   1 
ATOM   155  C CA  . VAL A 1 19  ? 12.081  -8.800  -0.704  1.00 11.64 ? 19  VAL A CA  1 
ATOM   156  C C   . VAL A 1 19  ? 11.723  -10.258 -0.986  1.00 12.87 ? 19  VAL A C   1 
ATOM   157  O O   . VAL A 1 19  ? 12.008  -11.143 -0.177  1.00 13.06 ? 19  VAL A O   1 
ATOM   158  C CB  . VAL A 1 19  ? 13.606  -8.615  -0.842  1.00 12.53 ? 19  VAL A CB  1 
ATOM   159  C CG1 . VAL A 1 19  ? 14.043  -8.938  -2.257  1.00 12.44 ? 19  VAL A CG1 1 
ATOM   160  C CG2 . VAL A 1 19  ? 13.991  -7.180  -0.472  1.00 12.08 ? 19  VAL A CG2 1 
ATOM   161  N N   . GLY A 1 20  ? 11.093  -10.499 -2.129  1.00 13.09 ? 20  GLY A N   1 
ATOM   162  C CA  . GLY A 1 20  ? 10.705  -11.854 -2.487  1.00 14.14 ? 20  GLY A CA  1 
ATOM   163  C C   . GLY A 1 20  ? 9.271   -11.935 -2.978  1.00 14.60 ? 20  GLY A C   1 
ATOM   164  O O   . GLY A 1 20  ? 8.570   -10.920 -3.008  1.00 13.65 ? 20  GLY A O   1 
ATOM   165  N N   . PRO A 1 21  ? 8.797   -13.132 -3.364  1.00 14.61 ? 21  PRO A N   1 
ATOM   166  C CA  . PRO A 1 21  ? 7.427   -13.310 -3.858  1.00 15.41 ? 21  PRO A CA  1 
ATOM   167  C C   . PRO A 1 21  ? 6.383   -12.802 -2.873  1.00 15.86 ? 21  PRO A C   1 
ATOM   168  O O   . PRO A 1 21  ? 6.424   -13.130 -1.687  1.00 15.65 ? 21  PRO A O   1 
ATOM   169  C CB  . PRO A 1 21  ? 7.335   -14.820 -4.098  1.00 16.14 ? 21  PRO A CB  1 
ATOM   170  C CG  . PRO A 1 21  ? 8.322   -15.387 -3.126  1.00 19.53 ? 21  PRO A CG  1 
ATOM   171  C CD  . PRO A 1 21  ? 9.484   -14.430 -3.238  1.00 16.46 ? 21  PRO A CD  1 
ATOM   172  N N   . TRP A 1 22  ? 5.443   -12.008 -3.375  1.00 16.05 ? 22  TRP A N   1 
ATOM   173  C CA  . TRP A 1 22  ? 4.412   -11.427 -2.529  1.00 17.66 ? 22  TRP A CA  1 
ATOM   174  C C   . TRP A 1 22  ? 3.469   -12.443 -1.901  1.00 19.96 ? 22  TRP A C   1 
ATOM   175  O O   . TRP A 1 22  ? 2.836   -12.150 -0.887  1.00 20.43 ? 22  TRP A O   1 
ATOM   176  C CB  . TRP A 1 22  ? 3.626   -10.367 -3.308  1.00 15.31 ? 22  TRP A CB  1 
ATOM   177  C CG  . TRP A 1 22  ? 4.487   -9.186  -3.705  1.00 14.58 ? 22  TRP A CG  1 
ATOM   178  C CD1 . TRP A 1 22  ? 5.685   -8.828  -3.151  1.00 13.36 ? 22  TRP A CD1 1 
ATOM   179  C CD2 . TRP A 1 22  ? 4.210   -8.215  -4.722  1.00 13.28 ? 22  TRP A CD2 1 
ATOM   180  N NE1 . TRP A 1 22  ? 6.172   -7.696  -3.762  1.00 11.58 ? 22  TRP A NE1 1 
ATOM   181  C CE2 . TRP A 1 22  ? 5.289   -7.299  -4.729  1.00 12.58 ? 22  TRP A CE2 1 
ATOM   182  C CE3 . TRP A 1 22  ? 3.158   -8.027  -5.629  1.00 12.85 ? 22  TRP A CE3 1 
ATOM   183  C CZ2 . TRP A 1 22  ? 5.346   -6.214  -5.609  1.00 11.63 ? 22  TRP A CZ2 1 
ATOM   184  C CZ3 . TRP A 1 22  ? 3.214   -6.946  -6.503  1.00 13.92 ? 22  TRP A CZ3 1 
ATOM   185  C CH2 . TRP A 1 22  ? 4.303   -6.053  -6.487  1.00 12.45 ? 22  TRP A CH2 1 
ATOM   186  N N   . GLU A 1 23  ? 3.387   -13.633 -2.492  1.00 21.47 ? 23  GLU A N   1 
ATOM   187  C CA  . GLU A 1 23  ? 2.532   -14.684 -1.952  1.00 23.61 ? 23  GLU A CA  1 
ATOM   188  C C   . GLU A 1 23  ? 2.965   -15.059 -0.537  1.00 24.02 ? 23  GLU A C   1 
ATOM   189  O O   . GLU A 1 23  ? 2.206   -15.679 0.209   1.00 25.57 ? 23  GLU A O   1 
ATOM   190  C CB  . GLU A 1 23  ? 2.572   -15.936 -2.837  1.00 24.76 ? 23  GLU A CB  1 
ATOM   191  C CG  . GLU A 1 23  ? 1.646   -15.892 -4.045  1.00 26.16 ? 23  GLU A CG  1 
ATOM   192  C CD  . GLU A 1 23  ? 2.234   -15.149 -5.230  1.00 27.19 ? 23  GLU A CD  1 
ATOM   193  O OE1 . GLU A 1 23  ? 3.288   -14.493 -5.073  1.00 24.84 ? 23  GLU A OE1 1 
ATOM   194  O OE2 . GLU A 1 23  ? 1.630   -15.219 -6.324  1.00 28.13 ? 23  GLU A OE2 1 
ATOM   195  N N   . GLN A 1 24  ? 4.192   -14.692 -0.173  1.00 23.73 ? 24  GLN A N   1 
ATOM   196  C CA  . GLN A 1 24  ? 4.707   -14.979 1.161   1.00 23.60 ? 24  GLN A CA  1 
ATOM   197  C C   . GLN A 1 24  ? 5.072   -13.737 1.969   1.00 22.59 ? 24  GLN A C   1 
ATOM   198  O O   . GLN A 1 24  ? 4.745   -13.642 3.154   1.00 22.34 ? 24  GLN A O   1 
ATOM   199  C CB  . GLN A 1 24  ? 5.949   -15.872 1.097   1.00 25.82 ? 24  GLN A CB  1 
ATOM   200  C CG  . GLN A 1 24  ? 5.669   -17.342 0.845   1.00 29.03 ? 24  GLN A CG  1 
ATOM   201  C CD  . GLN A 1 24  ? 5.221   -17.606 -0.570  1.00 31.68 ? 24  GLN A CD  1 
ATOM   202  O OE1 . GLN A 1 24  ? 5.877   -17.188 -1.523  1.00 31.83 ? 24  GLN A OE1 1 
ATOM   203  N NE2 . GLN A 1 24  ? 4.104   -18.309 -0.720  1.00 32.42 ? 24  GLN A NE2 1 
ATOM   204  N N   . THR A 1 25  ? 5.750   -12.787 1.332   1.00 19.84 ? 25  THR A N   1 
ATOM   205  C CA  . THR A 1 25  ? 6.188   -11.584 2.034   1.00 18.12 ? 25  THR A CA  1 
ATOM   206  C C   . THR A 1 25  ? 5.091   -10.657 2.558   1.00 18.66 ? 25  THR A C   1 
ATOM   207  O O   . THR A 1 25  ? 5.208   -10.146 3.669   1.00 19.24 ? 25  THR A O   1 
ATOM   208  C CB  . THR A 1 25  ? 7.138   -10.742 1.160   1.00 16.35 ? 25  THR A CB  1 
ATOM   209  O OG1 . THR A 1 25  ? 6.429   -10.273 0.010   1.00 16.24 ? 25  THR A OG1 1 
ATOM   210  C CG2 . THR A 1 25  ? 8.335   -11.583 0.708   1.00 18.12 ? 25  THR A CG2 1 
ATOM   211  N N   . VAL A 1 26  ? 4.035   -10.430 1.781   1.00 18.59 ? 26  VAL A N   1 
ATOM   212  C CA  . VAL A 1 26  ? 2.972   -9.540  2.240   1.00 17.36 ? 26  VAL A CA  1 
ATOM   213  C C   . VAL A 1 26  ? 2.354   -10.038 3.546   1.00 18.05 ? 26  VAL A C   1 
ATOM   214  O O   . VAL A 1 26  ? 2.276   -9.296  4.529   1.00 15.87 ? 26  VAL A O   1 
ATOM   215  C CB  . VAL A 1 26  ? 1.870   -9.371  1.172   1.00 16.50 ? 26  VAL A CB  1 
ATOM   216  C CG1 . VAL A 1 26  ? 0.731   -8.512  1.725   1.00 15.65 ? 26  VAL A CG1 1 
ATOM   217  C CG2 . VAL A 1 26  ? 2.455   -8.709  -0.073  1.00 16.91 ? 26  VAL A CG2 1 
ATOM   218  N N   . LYS A 1 27  ? 1.919   -11.295 3.560   1.00 19.04 ? 27  LYS A N   1 
ATOM   219  C CA  . LYS A 1 27  ? 1.321   -11.868 4.757   1.00 20.35 ? 27  LYS A CA  1 
ATOM   220  C C   . LYS A 1 27  ? 2.316   -11.815 5.914   1.00 19.93 ? 27  LYS A C   1 
ATOM   221  O O   . LYS A 1 27  ? 1.972   -11.411 7.026   1.00 19.74 ? 27  LYS A O   1 
ATOM   222  C CB  . LYS A 1 27  ? 0.906   -13.318 4.497   1.00 22.88 ? 27  LYS A CB  1 
ATOM   223  C CG  . LYS A 1 27  ? 0.240   -13.993 5.687   1.00 26.96 ? 27  LYS A CG  1 
ATOM   224  C CD  . LYS A 1 27  ? -0.169  -15.420 5.357   1.00 30.25 ? 27  LYS A CD  1 
ATOM   225  C CE  . LYS A 1 27  ? -0.882  -16.073 6.531   1.00 32.14 ? 27  LYS A CE  1 
ATOM   226  N NZ  . LYS A 1 27  ? -2.125  -15.329 6.895   1.00 35.38 ? 27  LYS A NZ  1 
ATOM   227  N N   . LYS A 1 28  ? 3.554   -12.219 5.642   1.00 19.71 ? 28  LYS A N   1 
ATOM   228  C CA  . LYS A 1 28  ? 4.612   -12.230 6.647   1.00 19.26 ? 28  LYS A CA  1 
ATOM   229  C C   . LYS A 1 28  ? 4.858   -10.840 7.226   1.00 18.51 ? 28  LYS A C   1 
ATOM   230  O O   . LYS A 1 28  ? 4.941   -10.669 8.443   1.00 17.43 ? 28  LYS A O   1 
ATOM   231  C CB  . LYS A 1 28  ? 5.910   -12.763 6.032   1.00 21.29 ? 28  LYS A CB  1 
ATOM   232  C CG  . LYS A 1 28  ? 7.111   -12.736 6.963   1.00 23.99 ? 28  LYS A CG  1 
ATOM   233  C CD  . LYS A 1 28  ? 8.323   -13.384 6.301   1.00 28.25 ? 28  LYS A CD  1 
ATOM   234  C CE  . LYS A 1 28  ? 9.553   -13.335 7.193   1.00 30.95 ? 28  LYS A CE  1 
ATOM   235  N NZ  . LYS A 1 28  ? 10.014  -11.940 7.426   1.00 34.45 ? 28  LYS A NZ  1 
ATOM   236  N N   . GLY A 1 29  ? 4.974   -9.855  6.341   1.00 16.39 ? 29  GLY A N   1 
ATOM   237  C CA  . GLY A 1 29  ? 5.219   -8.494  6.774   1.00 14.47 ? 29  GLY A CA  1 
ATOM   238  C C   . GLY A 1 29  ? 4.123   -7.937  7.660   1.00 13.40 ? 29  GLY A C   1 
ATOM   239  O O   . GLY A 1 29  ? 4.406   -7.308  8.677   1.00 13.67 ? 29  GLY A O   1 
ATOM   240  N N   . PHE A 1 30  ? 2.867   -8.159  7.285   1.00 12.60 ? 30  PHE A N   1 
ATOM   241  C CA  . PHE A 1 30  ? 1.774   -7.642  8.093   1.00 13.95 ? 30  PHE A CA  1 
ATOM   242  C C   . PHE A 1 30  ? 1.693   -8.318  9.457   1.00 14.33 ? 30  PHE A C   1 
ATOM   243  O O   . PHE A 1 30  ? 1.238   -7.710  10.424  1.00 13.38 ? 30  PHE A O   1 
ATOM   244  C CB  . PHE A 1 30  ? 0.441   -7.754  7.343   1.00 13.04 ? 30  PHE A CB  1 
ATOM   245  C CG  . PHE A 1 30  ? 0.171   -6.589  6.423   1.00 14.28 ? 30  PHE A CG  1 
ATOM   246  C CD1 . PHE A 1 30  ? 0.112   -6.765  5.042   1.00 13.94 ? 30  PHE A CD1 1 
ATOM   247  C CD2 . PHE A 1 30  ? 0.001   -5.307  6.941   1.00 13.80 ? 30  PHE A CD2 1 
ATOM   248  C CE1 . PHE A 1 30  ? -0.111  -5.679  4.191   1.00 13.85 ? 30  PHE A CE1 1 
ATOM   249  C CE2 . PHE A 1 30  ? -0.221  -4.214  6.099   1.00 12.89 ? 30  PHE A CE2 1 
ATOM   250  C CZ  . PHE A 1 30  ? -0.275  -4.401  4.722   1.00 11.86 ? 30  PHE A CZ  1 
ATOM   251  N N   . GLU A 1 31  ? 2.140   -9.568  9.542   1.00 14.77 ? 31  GLU A N   1 
ATOM   252  C CA  . GLU A 1 31  ? 2.129   -10.269 10.822  1.00 16.73 ? 31  GLU A CA  1 
ATOM   253  C C   . GLU A 1 31  ? 3.149   -9.597  11.745  1.00 16.17 ? 31  GLU A C   1 
ATOM   254  O O   . GLU A 1 31  ? 2.869   -9.344  12.918  1.00 15.78 ? 31  GLU A O   1 
ATOM   255  C CB  . GLU A 1 31  ? 2.476   -11.749 10.631  1.00 19.77 ? 31  GLU A CB  1 
ATOM   256  C CG  . GLU A 1 31  ? 1.515   -12.489 9.710   1.00 27.05 ? 31  GLU A CG  1 
ATOM   257  C CD  . GLU A 1 31  ? 1.867   -13.958 9.547   1.00 30.40 ? 31  GLU A CD  1 
ATOM   258  O OE1 . GLU A 1 31  ? 3.049   -14.264 9.281   1.00 33.37 ? 31  GLU A OE1 1 
ATOM   259  O OE2 . GLU A 1 31  ? 0.958   -14.805 9.675   1.00 33.15 ? 31  GLU A OE2 1 
ATOM   260  N N   . GLN A 1 32  ? 4.332   -9.306  11.209  1.00 14.73 ? 32  GLN A N   1 
ATOM   261  C CA  . GLN A 1 32  ? 5.382   -8.641  11.978  1.00 14.92 ? 32  GLN A CA  1 
ATOM   262  C C   . GLN A 1 32  ? 4.919   -7.240  12.375  1.00 13.85 ? 32  GLN A C   1 
ATOM   263  O O   . GLN A 1 32  ? 5.171   -6.777  13.490  1.00 12.46 ? 32  GLN A O   1 
ATOM   264  C CB  . GLN A 1 32  ? 6.662   -8.509  11.148  1.00 17.59 ? 32  GLN A CB  1 
ATOM   265  C CG  . GLN A 1 32  ? 7.489   -9.774  11.004  1.00 23.59 ? 32  GLN A CG  1 
ATOM   266  C CD  . GLN A 1 32  ? 8.675   -9.574  10.079  1.00 26.99 ? 32  GLN A CD  1 
ATOM   267  O OE1 . GLN A 1 32  ? 8.521   -9.495  8.861   1.00 29.79 ? 32  GLN A OE1 1 
ATOM   268  N NE2 . GLN A 1 32  ? 9.868   -9.469  10.658  1.00 30.11 ? 32  GLN A NE2 1 
ATOM   269  N N   . LEU A 1 33  ? 4.254   -6.568  11.440  1.00 13.04 ? 33  LEU A N   1 
ATOM   270  C CA  . LEU A 1 33  ? 3.758   -5.214  11.668  1.00 12.91 ? 33  LEU A CA  1 
ATOM   271  C C   . LEU A 1 33  ? 2.748   -5.171  12.811  1.00 13.52 ? 33  LEU A C   1 
ATOM   272  O O   . LEU A 1 33  ? 2.841   -4.321  13.701  1.00 13.38 ? 33  LEU A O   1 
ATOM   273  C CB  . LEU A 1 33  ? 3.116   -4.666  10.384  1.00 11.22 ? 33  LEU A CB  1 
ATOM   274  C CG  . LEU A 1 33  ? 2.615   -3.218  10.425  1.00 10.68 ? 33  LEU A CG  1 
ATOM   275  C CD1 . LEU A 1 33  ? 3.790   -2.271  10.640  1.00 11.56 ? 33  LEU A CD1 1 
ATOM   276  C CD2 . LEU A 1 33  ? 1.896   -2.887  9.116   1.00 9.78  ? 33  LEU A CD2 1 
ATOM   277  N N   . MET A 1 34  ? 1.782   -6.085  12.794  1.00 13.62 ? 34  MET A N   1 
ATOM   278  C CA  . MET A 1 34  ? 0.776   -6.119  13.850  1.00 15.50 ? 34  MET A CA  1 
ATOM   279  C C   . MET A 1 34  ? 1.394   -6.362  15.224  1.00 15.59 ? 34  MET A C   1 
ATOM   280  O O   . MET A 1 34  ? 0.985   -5.747  16.210  1.00 14.68 ? 34  MET A O   1 
ATOM   281  C CB  . MET A 1 34  ? -0.278  -7.190  13.555  1.00 18.49 ? 34  MET A CB  1 
ATOM   282  C CG  . MET A 1 34  ? -1.188  -6.837  12.393  1.00 24.31 ? 34  MET A CG  1 
ATOM   283  S SD  . MET A 1 34  ? -2.535  -8.009  12.185  1.00 30.06 ? 34  MET A SD  1 
ATOM   284  C CE  . MET A 1 34  ? -1.738  -9.250  11.159  1.00 29.92 ? 34  MET A CE  1 
ATOM   285  N N   . MET A 1 35  ? 2.376   -7.255  15.290  1.00 16.04 ? 35  MET A N   1 
ATOM   286  C CA  . MET A 1 35  ? 3.036   -7.550  16.559  1.00 17.02 ? 35  MET A CA  1 
ATOM   287  C C   . MET A 1 35  ? 3.742   -6.308  17.096  1.00 16.31 ? 35  MET A C   1 
ATOM   288  O O   . MET A 1 35  ? 3.667   -5.999  18.287  1.00 15.40 ? 35  MET A O   1 
ATOM   289  C CB  . MET A 1 35  ? 4.051   -8.682  16.378  1.00 20.78 ? 35  MET A CB  1 
ATOM   290  C CG  . MET A 1 35  ? 3.427   -10.006 15.972  1.00 26.30 ? 35  MET A CG  1 
ATOM   291  S SD  . MET A 1 35  ? 4.659   -11.308 15.807  1.00 35.25 ? 35  MET A SD  1 
ATOM   292  C CE  . MET A 1 35  ? 4.856   -11.796 17.510  1.00 33.56 ? 35  MET A CE  1 
ATOM   293  N N   . TRP A 1 36  ? 4.426   -5.591  16.211  1.00 13.27 ? 36  TRP A N   1 
ATOM   294  C CA  . TRP A 1 36  ? 5.139   -4.386  16.607  1.00 13.59 ? 36  TRP A CA  1 
ATOM   295  C C   . TRP A 1 36  ? 4.157   -3.297  17.043  1.00 13.34 ? 36  TRP A C   1 
ATOM   296  O O   . TRP A 1 36  ? 4.319   -2.684  18.103  1.00 11.57 ? 36  TRP A O   1 
ATOM   297  C CB  . TRP A 1 36  ? 5.999   -3.879  15.440  1.00 12.66 ? 36  TRP A CB  1 
ATOM   298  C CG  . TRP A 1 36  ? 6.741   -2.611  15.749  1.00 13.23 ? 36  TRP A CG  1 
ATOM   299  C CD1 . TRP A 1 36  ? 7.742   -2.443  16.667  1.00 13.60 ? 36  TRP A CD1 1 
ATOM   300  C CD2 . TRP A 1 36  ? 6.522   -1.328  15.157  1.00 14.09 ? 36  TRP A CD2 1 
ATOM   301  N NE1 . TRP A 1 36  ? 8.156   -1.132  16.682  1.00 13.67 ? 36  TRP A NE1 1 
ATOM   302  C CE2 . TRP A 1 36  ? 7.424   -0.425  15.764  1.00 15.06 ? 36  TRP A CE2 1 
ATOM   303  C CE3 . TRP A 1 36  ? 5.649   -0.851  14.169  1.00 14.36 ? 36  TRP A CE3 1 
ATOM   304  C CZ2 . TRP A 1 36  ? 7.478   0.929   15.415  1.00 15.66 ? 36  TRP A CZ2 1 
ATOM   305  C CZ3 . TRP A 1 36  ? 5.703   0.496   13.822  1.00 15.51 ? 36  TRP A CZ3 1 
ATOM   306  C CH2 . TRP A 1 36  ? 6.613   1.368   14.445  1.00 16.67 ? 36  TRP A CH2 1 
ATOM   307  N N   . VAL A 1 37  ? 3.136   -3.063  16.224  1.00 12.77 ? 37  VAL A N   1 
ATOM   308  C CA  . VAL A 1 37  ? 2.138   -2.048  16.530  1.00 13.24 ? 37  VAL A CA  1 
ATOM   309  C C   . VAL A 1 37  ? 1.513   -2.287  17.900  1.00 15.23 ? 37  VAL A C   1 
ATOM   310  O O   . VAL A 1 37  ? 1.373   -1.357  18.695  1.00 14.66 ? 37  VAL A O   1 
ATOM   311  C CB  . VAL A 1 37  ? 1.024   -2.029  15.458  1.00 13.01 ? 37  VAL A CB  1 
ATOM   312  C CG1 . VAL A 1 37  ? -0.164  -1.195  15.938  1.00 13.48 ? 37  VAL A CG1 1 
ATOM   313  C CG2 . VAL A 1 37  ? 1.574   -1.451  14.155  1.00 13.14 ? 37  VAL A CG2 1 
ATOM   314  N N   . ASP A 1 38  ? 1.143   -3.532  18.175  1.00 17.21 ? 38  ASP A N   1 
ATOM   315  C CA  . ASP A 1 38  ? 0.532   -3.860  19.461  1.00 19.37 ? 38  ASP A CA  1 
ATOM   316  C C   . ASP A 1 38  ? 1.506   -3.692  20.620  1.00 19.84 ? 38  ASP A C   1 
ATOM   317  O O   . ASP A 1 38  ? 1.165   -3.100  21.641  1.00 19.60 ? 38  ASP A O   1 
ATOM   318  C CB  . ASP A 1 38  ? -0.006  -5.295  19.462  1.00 22.45 ? 38  ASP A CB  1 
ATOM   319  C CG  . ASP A 1 38  ? -1.150  -5.490  18.488  1.00 25.79 ? 38  ASP A CG  1 
ATOM   320  O OD1 . ASP A 1 38  ? -1.916  -4.529  18.273  1.00 28.78 ? 38  ASP A OD1 1 
ATOM   321  O OD2 . ASP A 1 38  ? -1.292  -6.611  17.955  1.00 29.70 ? 38  ASP A OD2 1 
ATOM   322  N N   . SER A 1 39  ? 2.720   -4.207  20.454  1.00 18.93 ? 39  SER A N   1 
ATOM   323  C CA  . SER A 1 39  ? 3.723   -4.125  21.507  1.00 19.30 ? 39  SER A CA  1 
ATOM   324  C C   . SER A 1 39  ? 4.051   -2.691  21.908  1.00 18.92 ? 39  SER A C   1 
ATOM   325  O O   . SER A 1 39  ? 4.366   -2.420  23.070  1.00 18.31 ? 39  SER A O   1 
ATOM   326  C CB  . SER A 1 39  ? 5.004   -4.848  21.078  1.00 20.60 ? 39  SER A CB  1 
ATOM   327  O OG  . SER A 1 39  ? 5.637   -4.176  19.999  1.00 24.08 ? 39  SER A OG  1 
ATOM   328  N N   . LYS A 1 40  ? 3.959   -1.772  20.954  1.00 16.26 ? 40  LYS A N   1 
ATOM   329  C CA  . LYS A 1 40  ? 4.276   -0.370  21.212  1.00 16.24 ? 40  LYS A CA  1 
ATOM   330  C C   . LYS A 1 40  ? 3.050   0.516   21.438  1.00 15.31 ? 40  LYS A C   1 
ATOM   331  O O   . LYS A 1 40  ? 3.185   1.720   21.651  1.00 16.18 ? 40  LYS A O   1 
ATOM   332  C CB  . LYS A 1 40  ? 5.106   0.194   20.053  1.00 17.05 ? 40  LYS A CB  1 
ATOM   333  C CG  . LYS A 1 40  ? 6.352   -0.617  19.718  1.00 17.96 ? 40  LYS A CG  1 
ATOM   334  C CD  . LYS A 1 40  ? 7.310   -0.709  20.897  1.00 17.90 ? 40  LYS A CD  1 
ATOM   335  C CE  . LYS A 1 40  ? 8.577   -1.470  20.522  1.00 19.22 ? 40  LYS A CE  1 
ATOM   336  N NZ  . LYS A 1 40  ? 9.507   -1.650  21.681  1.00 19.50 ? 40  LYS A NZ  1 
ATOM   337  N N   . ASN A 1 41  ? 1.863   -0.079  21.391  1.00 15.62 ? 41  ASN A N   1 
ATOM   338  C CA  . ASN A 1 41  ? 0.625   0.665   21.594  1.00 16.54 ? 41  ASN A CA  1 
ATOM   339  C C   . ASN A 1 41  ? 0.509   1.825   20.607  1.00 16.10 ? 41  ASN A C   1 
ATOM   340  O O   . ASN A 1 41  ? 0.084   2.926   20.958  1.00 15.93 ? 41  ASN A O   1 
ATOM   341  C CB  . ASN A 1 41  ? 0.560   1.184   23.032  1.00 21.30 ? 41  ASN A CB  1 
ATOM   342  C CG  . ASN A 1 41  ? 0.499   0.058   24.052  1.00 23.81 ? 41  ASN A CG  1 
ATOM   343  O OD1 . ASN A 1 41  ? 1.278   0.023   25.002  1.00 28.62 ? 41  ASN A OD1 1 
ATOM   344  N ND2 . ASN A 1 41  ? -0.432  -0.868  23.855  1.00 27.35 ? 41  ASN A ND2 1 
ATOM   345  N N   . ILE A 1 42  ? 0.897   1.562   19.366  1.00 13.98 ? 42  ILE A N   1 
ATOM   346  C CA  . ILE A 1 42  ? 0.836   2.565   18.315  1.00 14.10 ? 42  ILE A CA  1 
ATOM   347  C C   . ILE A 1 42  ? -0.591  2.685   17.776  1.00 13.37 ? 42  ILE A C   1 
ATOM   348  O O   . ILE A 1 42  ? -1.310  1.691   17.666  1.00 12.07 ? 42  ILE A O   1 
ATOM   349  C CB  . ILE A 1 42  ? 1.805   2.199   17.167  1.00 13.71 ? 42  ILE A CB  1 
ATOM   350  C CG1 . ILE A 1 42  ? 3.249   2.379   17.644  1.00 16.64 ? 42  ILE A CG1 1 
ATOM   351  C CG2 . ILE A 1 42  ? 1.534   3.063   15.935  1.00 13.94 ? 42  ILE A CG2 1 
ATOM   352  C CD1 . ILE A 1 42  ? 4.283   1.931   16.650  1.00 18.03 ? 42  ILE A CD1 1 
ATOM   353  N N   . VAL A 1 43  ? -0.996  3.912   17.464  1.00 12.80 ? 43  VAL A N   1 
ATOM   354  C CA  . VAL A 1 43  ? -2.324  4.182   16.923  1.00 12.79 ? 43  VAL A CA  1 
ATOM   355  C C   . VAL A 1 43  ? -2.126  4.574   15.457  1.00 12.53 ? 43  VAL A C   1 
ATOM   356  O O   . VAL A 1 43  ? -1.878  5.736   15.145  1.00 11.28 ? 43  VAL A O   1 
ATOM   357  C CB  . VAL A 1 43  ? -3.003  5.345   17.674  1.00 12.79 ? 43  VAL A CB  1 
ATOM   358  C CG1 . VAL A 1 43  ? -4.430  5.516   17.182  1.00 13.66 ? 43  VAL A CG1 1 
ATOM   359  C CG2 . VAL A 1 43  ? -2.980  5.082   19.180  1.00 15.98 ? 43  VAL A CG2 1 
ATOM   360  N N   . PRO A 1 44  ? -2.241  3.606   14.540  1.00 12.07 ? 44  PRO A N   1 
ATOM   361  C CA  . PRO A 1 44  ? -2.056  3.902   13.117  1.00 11.92 ? 44  PRO A CA  1 
ATOM   362  C C   . PRO A 1 44  ? -3.182  4.687   12.456  1.00 10.51 ? 44  PRO A C   1 
ATOM   363  O O   . PRO A 1 44  ? -4.345  4.568   12.838  1.00 11.25 ? 44  PRO A O   1 
ATOM   364  C CB  . PRO A 1 44  ? -1.889  2.518   12.506  1.00 14.01 ? 44  PRO A CB  1 
ATOM   365  C CG  . PRO A 1 44  ? -2.820  1.689   13.332  1.00 16.40 ? 44  PRO A CG  1 
ATOM   366  C CD  . PRO A 1 44  ? -2.563  2.182   14.747  1.00 12.55 ? 44  PRO A CD  1 
ATOM   367  N N   . LYS A 1 45  ? -2.827  5.501   11.464  1.00 9.21  ? 45  LYS A N   1 
ATOM   368  C CA  . LYS A 1 45  ? -3.832  6.263   10.731  1.00 9.75  ? 45  LYS A CA  1 
ATOM   369  C C   . LYS A 1 45  ? -4.311  5.397   9.571   1.00 9.84  ? 45  LYS A C   1 
ATOM   370  O O   . LYS A 1 45  ? -5.475  5.469   9.168   1.00 9.71  ? 45  LYS A O   1 
ATOM   371  C CB  . LYS A 1 45  ? -3.247  7.574   10.190  1.00 10.07 ? 45  LYS A CB  1 
ATOM   372  C CG  . LYS A 1 45  ? -2.808  8.548   11.272  1.00 10.91 ? 45  LYS A CG  1 
ATOM   373  C CD  . LYS A 1 45  ? -2.802  9.992   10.773  1.00 15.98 ? 45  LYS A CD  1 
ATOM   374  C CE  . LYS A 1 45  ? -1.843  10.200  9.615   1.00 16.55 ? 45  LYS A CE  1 
ATOM   375  N NZ  . LYS A 1 45  ? -1.920  11.602  9.091   1.00 17.38 ? 45  LYS A NZ  1 
ATOM   376  N N   . GLU A 1 46  ? -3.405  4.572   9.046   1.00 9.53  ? 46  GLU A N   1 
ATOM   377  C CA  . GLU A 1 46  ? -3.712  3.676   7.931   1.00 10.01 ? 46  GLU A CA  1 
ATOM   378  C C   . GLU A 1 46  ? -2.838  2.425   7.977   1.00 9.49  ? 46  GLU A C   1 
ATOM   379  O O   . GLU A 1 46  ? -1.722  2.459   8.493   1.00 9.76  ? 46  GLU A O   1 
ATOM   380  C CB  . GLU A 1 46  ? -3.432  4.352   6.576   1.00 9.28  ? 46  GLU A CB  1 
ATOM   381  C CG  . GLU A 1 46  ? -4.045  5.728   6.346   1.00 10.58 ? 46  GLU A CG  1 
ATOM   382  C CD  . GLU A 1 46  ? -3.603  6.335   5.011   1.00 11.82 ? 46  GLU A CD  1 
ATOM   383  O OE1 . GLU A 1 46  ? -2.418  6.171   4.644   1.00 10.06 ? 46  GLU A OE1 1 
ATOM   384  O OE2 . GLU A 1 46  ? -4.430  6.985   4.336   1.00 12.03 ? 46  GLU A OE2 1 
ATOM   385  N N   . TRP A 1 47  ? -3.359  1.324   7.440   1.00 9.96  ? 47  TRP A N   1 
ATOM   386  C CA  . TRP A 1 47  ? -2.597  0.081   7.326   1.00 8.71  ? 47  TRP A CA  1 
ATOM   387  C C   . TRP A 1 47  ? -2.359  0.041   5.819   1.00 9.37  ? 47  TRP A C   1 
ATOM   388  O O   . TRP A 1 47  ? -3.312  0.029   5.031   1.00 10.33 ? 47  TRP A O   1 
ATOM   389  C CB  . TRP A 1 47  ? -3.413  -1.121  7.802   1.00 10.19 ? 47  TRP A CB  1 
ATOM   390  C CG  . TRP A 1 47  ? -3.573  -1.161  9.296   1.00 11.36 ? 47  TRP A CG  1 
ATOM   391  C CD1 . TRP A 1 47  ? -4.507  -0.500  10.040  1.00 11.91 ? 47  TRP A CD1 1 
ATOM   392  C CD2 . TRP A 1 47  ? -2.762  -1.891  10.228  1.00 11.15 ? 47  TRP A CD2 1 
ATOM   393  N NE1 . TRP A 1 47  ? -4.330  -0.773  11.379  1.00 12.72 ? 47  TRP A NE1 1 
ATOM   394  C CE2 . TRP A 1 47  ? -3.266  -1.623  11.521  1.00 13.02 ? 47  TRP A CE2 1 
ATOM   395  C CE3 . TRP A 1 47  ? -1.657  -2.742  10.094  1.00 12.17 ? 47  TRP A CE3 1 
ATOM   396  C CZ2 . TRP A 1 47  ? -2.705  -2.182  12.677  1.00 12.13 ? 47  TRP A CZ2 1 
ATOM   397  C CZ3 . TRP A 1 47  ? -1.096  -3.299  11.248  1.00 13.90 ? 47  TRP A CZ3 1 
ATOM   398  C CH2 . TRP A 1 47  ? -1.624  -3.013  12.521  1.00 13.07 ? 47  TRP A CH2 1 
ATOM   399  N N   . VAL A 1 48  ? -1.090  0.019   5.419   1.00 8.15  ? 48  VAL A N   1 
ATOM   400  C CA  . VAL A 1 48  ? -0.734  0.109   4.005   1.00 8.37  ? 48  VAL A CA  1 
ATOM   401  C C   . VAL A 1 48  ? 0.267   -0.892  3.443   1.00 8.34  ? 48  VAL A C   1 
ATOM   402  O O   . VAL A 1 48  ? 1.195   -1.315  4.128   1.00 7.86  ? 48  VAL A O   1 
ATOM   403  C CB  . VAL A 1 48  ? -0.146  1.523   3.724   1.00 9.38  ? 48  VAL A CB  1 
ATOM   404  C CG1 . VAL A 1 48  ? 0.151   1.703   2.240   1.00 10.22 ? 48  VAL A CG1 1 
ATOM   405  C CG2 . VAL A 1 48  ? -1.103  2.594   4.224   1.00 9.66  ? 48  VAL A CG2 1 
ATOM   406  N N   . ALA A 1 49  ? 0.064   -1.256  2.179   1.00 9.51  ? 49  ALA A N   1 
ATOM   407  C CA  . ALA A 1 49  ? 0.982   -2.135  1.463   1.00 9.11  ? 49  ALA A CA  1 
ATOM   408  C C   . ALA A 1 49  ? 1.480   -1.283  0.294   1.00 8.92  ? 49  ALA A C   1 
ATOM   409  O O   . ALA A 1 49  ? 0.671   -0.743  -0.473  1.00 8.07  ? 49  ALA A O   1 
ATOM   410  C CB  . ALA A 1 49  ? 0.259   -3.379  0.932   1.00 9.74  ? 49  ALA A CB  1 
ATOM   411  N N   . VAL A 1 50  ? 2.799   -1.142  0.177   1.00 8.47  ? 50  VAL A N   1 
ATOM   412  C CA  . VAL A 1 50  ? 3.405   -0.363  -0.905  1.00 8.83  ? 50  VAL A CA  1 
ATOM   413  C C   . VAL A 1 50  ? 4.103   -1.340  -1.847  1.00 8.59  ? 50  VAL A C   1 
ATOM   414  O O   . VAL A 1 50  ? 4.837   -2.221  -1.394  1.00 8.89  ? 50  VAL A O   1 
ATOM   415  C CB  . VAL A 1 50  ? 4.458   0.634   -0.364  1.00 9.83  ? 50  VAL A CB  1 
ATOM   416  C CG1 . VAL A 1 50  ? 4.955   1.537   -1.493  1.00 10.40 ? 50  VAL A CG1 1 
ATOM   417  C CG2 . VAL A 1 50  ? 3.858   1.464   0.760   1.00 10.79 ? 50  VAL A CG2 1 
ATOM   418  N N   . TYR A 1 51  ? 3.867   -1.187  -3.148  1.00 8.84  ? 51  TYR A N   1 
ATOM   419  C CA  . TYR A 1 51  ? 4.467   -2.073  -4.150  1.00 9.79  ? 51  TYR A CA  1 
ATOM   420  C C   . TYR A 1 51  ? 5.439   -1.305  -5.037  1.00 9.84  ? 51  TYR A C   1 
ATOM   421  O O   . TYR A 1 51  ? 5.082   -0.292  -5.634  1.00 10.29 ? 51  TYR A O   1 
ATOM   422  C CB  . TYR A 1 51  ? 3.371   -2.720  -5.006  1.00 10.36 ? 51  TYR A CB  1 
ATOM   423  C CG  . TYR A 1 51  ? 2.327   -3.447  -4.185  1.00 10.13 ? 51  TYR A CG  1 
ATOM   424  C CD1 . TYR A 1 51  ? 1.160   -2.800  -3.770  1.00 11.88 ? 51  TYR A CD1 1 
ATOM   425  C CD2 . TYR A 1 51  ? 2.526   -4.769  -3.784  1.00 12.15 ? 51  TYR A CD2 1 
ATOM   426  C CE1 . TYR A 1 51  ? 0.218   -3.453  -2.975  1.00 12.48 ? 51  TYR A CE1 1 
ATOM   427  C CE2 . TYR A 1 51  ? 1.595   -5.430  -2.987  1.00 10.80 ? 51  TYR A CE2 1 
ATOM   428  C CZ  . TYR A 1 51  ? 0.444   -4.768  -2.587  1.00 11.75 ? 51  TYR A CZ  1 
ATOM   429  O OH  . TYR A 1 51  ? -0.471  -5.421  -1.796  1.00 13.21 ? 51  TYR A OH  1 
ATOM   430  N N   . TYR A 1 52  ? 6.667   -1.803  -5.138  1.00 9.52  ? 52  TYR A N   1 
ATOM   431  C CA  . TYR A 1 52  ? 7.694   -1.125  -5.923  1.00 11.04 ? 52  TYR A CA  1 
ATOM   432  C C   . TYR A 1 52  ? 8.012   -1.721  -7.289  1.00 12.49 ? 52  TYR A C   1 
ATOM   433  O O   . TYR A 1 52  ? 8.775   -1.126  -8.058  1.00 16.12 ? 52  TYR A O   1 
ATOM   434  C CB  . TYR A 1 52  ? 8.992   -1.049  -5.112  1.00 11.01 ? 52  TYR A CB  1 
ATOM   435  C CG  . TYR A 1 52  ? 8.863   -0.271  -3.829  1.00 9.89  ? 52  TYR A CG  1 
ATOM   436  C CD1 . TYR A 1 52  ? 8.438   -0.889  -2.652  1.00 12.70 ? 52  TYR A CD1 1 
ATOM   437  C CD2 . TYR A 1 52  ? 9.138   1.093   -3.795  1.00 11.89 ? 52  TYR A CD2 1 
ATOM   438  C CE1 . TYR A 1 52  ? 8.291   -0.163  -1.472  1.00 11.66 ? 52  TYR A CE1 1 
ATOM   439  C CE2 . TYR A 1 52  ? 8.993   1.827   -2.626  1.00 12.07 ? 52  TYR A CE2 1 
ATOM   440  C CZ  . TYR A 1 52  ? 8.570   1.198   -1.470  1.00 12.11 ? 52  TYR A CZ  1 
ATOM   441  O OH  . TYR A 1 52  ? 8.417   1.932   -0.319  1.00 13.16 ? 52  TYR A OH  1 
ATOM   442  N N   . ASP A 1 53  ? 7.436   -2.877  -7.596  1.00 12.14 ? 53  ASP A N   1 
ATOM   443  C CA  . ASP A 1 53  ? 7.710   -3.540  -8.870  1.00 12.79 ? 53  ASP A CA  1 
ATOM   444  C C   . ASP A 1 53  ? 6.449   -4.133  -9.500  1.00 12.01 ? 53  ASP A C   1 
ATOM   445  O O   . ASP A 1 53  ? 5.424   -4.278  -8.836  1.00 13.24 ? 53  ASP A O   1 
ATOM   446  C CB  . ASP A 1 53  ? 8.733   -4.661  -8.652  1.00 13.37 ? 53  ASP A CB  1 
ATOM   447  C CG  . ASP A 1 53  ? 10.011  -4.171  -7.979  1.00 15.68 ? 53  ASP A CG  1 
ATOM   448  O OD1 . ASP A 1 53  ? 10.835  -3.521  -8.656  1.00 14.02 ? 53  ASP A OD1 1 
ATOM   449  O OD2 . ASP A 1 53  ? 10.186  -4.434  -6.768  1.00 13.64 ? 53  ASP A OD2 1 
ATOM   450  N N   . ASN A 1 54  ? 6.538   -4.464  -10.788 1.00 10.36 ? 54  ASN A N   1 
ATOM   451  C CA  . ASN A 1 54  ? 5.428   -5.075  -11.521 1.00 10.14 ? 54  ASN A CA  1 
ATOM   452  C C   . ASN A 1 54  ? 5.702   -6.576  -11.446 1.00 10.63 ? 54  ASN A C   1 
ATOM   453  O O   . ASN A 1 54  ? 6.688   -7.054  -12.009 1.00 9.74  ? 54  ASN A O   1 
ATOM   454  C CB  . ASN A 1 54  ? 5.448   -4.633  -12.990 1.00 12.54 ? 54  ASN A CB  1 
ATOM   455  C CG  . ASN A 1 54  ? 4.287   -5.202  -13.788 1.00 13.58 ? 54  ASN A CG  1 
ATOM   456  O OD1 . ASN A 1 54  ? 3.796   -6.290  -13.498 1.00 11.80 ? 54  ASN A OD1 1 
ATOM   457  N ND2 . ASN A 1 54  ? 3.853   -4.468  -14.811 1.00 14.42 ? 54  ASN A ND2 1 
ATOM   458  N N   . PRO A 1 55  ? 4.831   -7.339  -10.765 1.00 9.42  ? 55  PRO A N   1 
ATOM   459  C CA  . PRO A 1 55  ? 5.046   -8.785  -10.644 1.00 9.43  ? 55  PRO A CA  1 
ATOM   460  C C   . PRO A 1 55  ? 4.973   -9.604  -11.933 1.00 8.63  ? 55  PRO A C   1 
ATOM   461  O O   . PRO A 1 55  ? 5.311   -10.788 -11.931 1.00 9.46  ? 55  PRO A O   1 
ATOM   462  C CB  . PRO A 1 55  ? 3.995   -9.201  -9.618  1.00 10.55 ? 55  PRO A CB  1 
ATOM   463  C CG  . PRO A 1 55  ? 2.863   -8.262  -9.916  1.00 11.48 ? 55  PRO A CG  1 
ATOM   464  C CD  . PRO A 1 55  ? 3.574   -6.936  -10.106 1.00 10.42 ? 55  PRO A CD  1 
ATOM   465  N N   . ASP A 1 56  ? 4.527   -8.995  -13.027 1.00 9.98  ? 56  ASP A N   1 
ATOM   466  C CA  . ASP A 1 56  ? 4.477   -9.731  -14.287 1.00 9.71  ? 56  ASP A CA  1 
ATOM   467  C C   . ASP A 1 56  ? 5.729   -9.478  -15.120 1.00 10.47 ? 56  ASP A C   1 
ATOM   468  O O   . ASP A 1 56  ? 5.903   -10.072 -16.188 1.00 10.04 ? 56  ASP A O   1 
ATOM   469  C CB  . ASP A 1 56  ? 3.245   -9.349  -15.111 1.00 10.26 ? 56  ASP A CB  1 
ATOM   470  C CG  . ASP A 1 56  ? 2.982   -10.342 -16.231 1.00 10.04 ? 56  ASP A CG  1 
ATOM   471  O OD1 . ASP A 1 56  ? 2.987   -11.552 -15.935 1.00 11.21 ? 56  ASP A OD1 1 
ATOM   472  O OD2 . ASP A 1 56  ? 2.772   -9.924  -17.388 1.00 11.17 ? 56  ASP A OD2 1 
ATOM   473  N N   . GLU A 1 57  ? 6.603   -8.603  -14.632 1.00 10.64 ? 57  GLU A N   1 
ATOM   474  C CA  . GLU A 1 57  ? 7.828   -8.278  -15.353 1.00 12.73 ? 57  GLU A CA  1 
ATOM   475  C C   . GLU A 1 57  ? 9.099   -8.510  -14.535 1.00 13.12 ? 57  GLU A C   1 
ATOM   476  O O   . GLU A 1 57  ? 10.081  -9.033  -15.053 1.00 13.84 ? 57  GLU A O   1 
ATOM   477  C CB  . GLU A 1 57  ? 7.778   -6.821  -15.830 1.00 13.93 ? 57  GLU A CB  1 
ATOM   478  C CG  . GLU A 1 57  ? 6.516   -6.481  -16.608 1.00 19.16 ? 57  GLU A CG  1 
ATOM   479  C CD  . GLU A 1 57  ? 6.517   -5.062  -17.149 1.00 21.79 ? 57  GLU A CD  1 
ATOM   480  O OE1 . GLU A 1 57  ? 6.965   -4.150  -16.427 1.00 23.50 ? 57  GLU A OE1 1 
ATOM   481  O OE2 . GLU A 1 57  ? 6.055   -4.859  -18.292 1.00 25.27 ? 57  GLU A OE2 1 
ATOM   482  N N   . THR A 1 58  ? 9.078   -8.118  -13.265 1.00 11.39 ? 58  THR A N   1 
ATOM   483  C CA  . THR A 1 58  ? 10.237  -8.283  -12.387 1.00 10.39 ? 58  THR A CA  1 
ATOM   484  C C   . THR A 1 58  ? 10.254  -9.690  -11.791 1.00 9.76  ? 58  THR A C   1 
ATOM   485  O O   . THR A 1 58  ? 9.242   -10.164 -11.283 1.00 8.85  ? 58  THR A O   1 
ATOM   486  C CB  . THR A 1 58  ? 10.210  -7.253  -11.230 1.00 12.06 ? 58  THR A CB  1 
ATOM   487  O OG1 . THR A 1 58  ? 10.360  -5.930  -11.761 1.00 14.97 ? 58  THR A OG1 1 
ATOM   488  C CG2 . THR A 1 58  ? 11.337  -7.521  -10.240 1.00 11.91 ? 58  THR A CG2 1 
ATOM   489  N N   . PRO A 1 59  ? 11.407  -10.380 -11.852 1.00 10.08 ? 59  PRO A N   1 
ATOM   490  C CA  . PRO A 1 59  ? 11.488  -11.735 -11.294 1.00 9.50  ? 59  PRO A CA  1 
ATOM   491  C C   . PRO A 1 59  ? 11.054  -11.739 -9.827  1.00 9.66  ? 59  PRO A C   1 
ATOM   492  O O   . PRO A 1 59  ? 11.395  -10.829 -9.068  1.00 8.89  ? 59  PRO A O   1 
ATOM   493  C CB  . PRO A 1 59  ? 12.961  -12.096 -11.478 1.00 9.65  ? 59  PRO A CB  1 
ATOM   494  C CG  . PRO A 1 59  ? 13.330  -11.346 -12.738 1.00 11.81 ? 59  PRO A CG  1 
ATOM   495  C CD  . PRO A 1 59  ? 12.673  -9.999  -12.505 1.00 11.07 ? 59  PRO A CD  1 
ATOM   496  N N   . ALA A 1 60  ? 10.303  -12.763 -9.432  1.00 9.13  ? 60  ALA A N   1 
ATOM   497  C CA  . ALA A 1 60  ? 9.790   -12.857 -8.068  1.00 9.94  ? 60  ALA A CA  1 
ATOM   498  C C   . ALA A 1 60  ? 10.835  -12.683 -6.967  1.00 10.07 ? 60  ALA A C   1 
ATOM   499  O O   . ALA A 1 60  ? 10.553  -12.058 -5.942  1.00 9.13  ? 60  ALA A O   1 
ATOM   500  C CB  . ALA A 1 60  ? 9.044   -14.180 -7.878  1.00 9.83  ? 60  ALA A CB  1 
ATOM   501  N N   . GLU A 1 61  ? 12.030  -13.231 -7.168  1.00 10.89 ? 61  GLU A N   1 
ATOM   502  C CA  . GLU A 1 61  ? 13.094  -13.114 -6.169  1.00 13.37 ? 61  GLU A CA  1 
ATOM   503  C C   . GLU A 1 61  ? 13.505  -11.669 -5.905  1.00 13.42 ? 61  GLU A C   1 
ATOM   504  O O   . GLU A 1 61  ? 14.086  -11.365 -4.862  1.00 15.39 ? 61  GLU A O   1 
ATOM   505  C CB  . GLU A 1 61  ? 14.340  -13.888 -6.609  1.00 12.30 ? 61  GLU A CB  1 
ATOM   506  C CG  . GLU A 1 61  ? 14.130  -15.367 -6.809  1.00 17.05 ? 61  GLU A CG  1 
ATOM   507  C CD  . GLU A 1 61  ? 15.416  -16.083 -7.176  1.00 14.90 ? 61  GLU A CD  1 
ATOM   508  O OE1 . GLU A 1 61  ? 16.246  -15.494 -7.902  1.00 17.37 ? 61  GLU A OE1 1 
ATOM   509  O OE2 . GLU A 1 61  ? 15.590  -17.238 -6.747  1.00 18.17 ? 61  GLU A OE2 1 
ATOM   510  N N   . LYS A 1 62  ? 13.214  -10.784 -6.852  1.00 14.31 ? 62  LYS A N   1 
ATOM   511  C CA  . LYS A 1 62  ? 13.587  -9.383  -6.715  1.00 13.93 ? 62  LYS A CA  1 
ATOM   512  C C   . LYS A 1 62  ? 12.446  -8.432  -6.366  1.00 13.84 ? 62  LYS A C   1 
ATOM   513  O O   . LYS A 1 62  ? 12.666  -7.230  -6.214  1.00 14.57 ? 62  LYS A O   1 
ATOM   514  C CB  . LYS A 1 62  ? 14.262  -8.906  -8.002  1.00 16.45 ? 62  LYS A CB  1 
ATOM   515  C CG  . LYS A 1 62  ? 15.562  -9.627  -8.318  1.00 18.89 ? 62  LYS A CG  1 
ATOM   516  C CD  . LYS A 1 62  ? 16.143  -9.136  -9.637  1.00 23.12 ? 62  LYS A CD  1 
ATOM   517  C CE  . LYS A 1 62  ? 17.550  -9.672  -9.859  1.00 27.04 ? 62  LYS A CE  1 
ATOM   518  N NZ  . LYS A 1 62  ? 18.491  -9.189  -8.810  1.00 29.93 ? 62  LYS A NZ  1 
ATOM   519  N N   . LEU A 1 63  ? 11.229  -8.952  -6.238  1.00 10.51 ? 63  LEU A N   1 
ATOM   520  C CA  . LEU A 1 63  ? 10.093  -8.098  -5.911  1.00 9.71  ? 63  LEU A CA  1 
ATOM   521  C C   . LEU A 1 63  ? 10.257  -7.437  -4.545  1.00 10.86 ? 63  LEU A C   1 
ATOM   522  O O   . LEU A 1 63  ? 10.764  -8.049  -3.602  1.00 10.54 ? 63  LEU A O   1 
ATOM   523  C CB  . LEU A 1 63  ? 8.789   -8.903  -5.930  1.00 9.35  ? 63  LEU A CB  1 
ATOM   524  C CG  . LEU A 1 63  ? 8.332   -9.418  -7.296  1.00 9.42  ? 63  LEU A CG  1 
ATOM   525  C CD1 . LEU A 1 63  ? 7.079   -10.283 -7.122  1.00 11.79 ? 63  LEU A CD1 1 
ATOM   526  C CD2 . LEU A 1 63  ? 8.039   -8.240  -8.220  1.00 10.80 ? 63  LEU A CD2 1 
ATOM   527  N N   . ARG A 1 64  ? 9.817   -6.187  -4.449  1.00 10.12 ? 64  ARG A N   1 
ATOM   528  C CA  . ARG A 1 64  ? 9.907   -5.433  -3.206  1.00 9.47  ? 64  ARG A CA  1 
ATOM   529  C C   . ARG A 1 64  ? 8.558   -4.860  -2.794  1.00 9.97  ? 64  ARG A C   1 
ATOM   530  O O   . ARG A 1 64  ? 7.793   -4.388  -3.632  1.00 9.92  ? 64  ARG A O   1 
ATOM   531  C CB  . ARG A 1 64  ? 10.886  -4.267  -3.365  1.00 9.47  ? 64  ARG A CB  1 
ATOM   532  C CG  . ARG A 1 64  ? 12.307  -4.667  -3.691  1.00 10.50 ? 64  ARG A CG  1 
ATOM   533  C CD  . ARG A 1 64  ? 13.070  -3.456  -4.203  1.00 11.04 ? 64  ARG A CD  1 
ATOM   534  N NE  . ARG A 1 64  ? 12.491  -2.952  -5.446  1.00 11.62 ? 64  ARG A NE  1 
ATOM   535  C CZ  . ARG A 1 64  ? 12.862  -1.822  -6.036  1.00 14.32 ? 64  ARG A CZ  1 
ATOM   536  N NH1 . ARG A 1 64  ? 13.813  -1.074  -5.492  1.00 16.22 ? 64  ARG A NH1 1 
ATOM   537  N NH2 . ARG A 1 64  ? 12.284  -1.438  -7.168  1.00 15.86 ? 64  ARG A NH2 1 
ATOM   538  N N   . CYS A 1 65  ? 8.277   -4.899  -1.497  1.00 9.47  ? 65  CYS A N   1 
ATOM   539  C CA  . CYS A 1 65  ? 7.041   -4.330  -0.979  1.00 11.66 ? 65  CYS A CA  1 
ATOM   540  C C   . CYS A 1 65  ? 7.250   -3.926  0.474   1.00 11.49 ? 65  CYS A C   1 
ATOM   541  O O   . CYS A 1 65  ? 8.125   -4.463  1.154   1.00 12.72 ? 65  CYS A O   1 
ATOM   542  C CB  . CYS A 1 65  ? 5.896   -5.339  -1.068  1.00 12.87 ? 65  CYS A CB  1 
ATOM   543  S SG  . CYS A 1 65  ? 5.930   -6.610  0.197   1.00 18.40 ? 65  CYS A SG  1 
ATOM   544  N N   . ASP A 1 66  ? 6.469   -2.952  0.932   1.00 9.21  ? 66  ASP A N   1 
ATOM   545  C CA  . ASP A 1 66  ? 6.530   -2.509  2.319   1.00 9.76  ? 66  ASP A CA  1 
ATOM   546  C C   . ASP A 1 66  ? 5.160   -2.752  2.940   1.00 9.69  ? 66  ASP A C   1 
ATOM   547  O O   . ASP A 1 66  ? 4.137   -2.468  2.312   1.00 8.90  ? 66  ASP A O   1 
ATOM   548  C CB  . ASP A 1 66  ? 6.812   -1.004  2.441   1.00 10.63 ? 66  ASP A CB  1 
ATOM   549  C CG  . ASP A 1 66  ? 8.238   -0.631  2.098   1.00 10.60 ? 66  ASP A CG  1 
ATOM   550  O OD1 . ASP A 1 66  ? 9.130   -1.497  2.170   1.00 10.84 ? 66  ASP A OD1 1 
ATOM   551  O OD2 . ASP A 1 66  ? 8.463   0.555   1.773   1.00 12.58 ? 66  ASP A OD2 1 
ATOM   552  N N   . THR A 1 67  ? 5.144   -3.289  4.158   1.00 7.57  ? 67  THR A N   1 
ATOM   553  C CA  . THR A 1 67  ? 3.897   -3.501  4.891   1.00 8.56  ? 67  THR A CA  1 
ATOM   554  C C   . THR A 1 67  ? 4.098   -2.554  6.069   1.00 8.63  ? 67  THR A C   1 
ATOM   555  O O   . THR A 1 67  ? 4.907   -2.810  6.956   1.00 9.90  ? 67  THR A O   1 
ATOM   556  C CB  . THR A 1 67  ? 3.726   -4.968  5.364   1.00 8.52  ? 67  THR A CB  1 
ATOM   557  O OG1 . THR A 1 67  ? 4.892   -5.398  6.075   1.00 9.61  ? 67  THR A OG1 1 
ATOM   558  C CG2 . THR A 1 67  ? 3.498   -5.883  4.160   1.00 8.73  ? 67  THR A CG2 1 
ATOM   559  N N   . VAL A 1 68  ? 3.375   -1.442  6.053   1.00 8.65  ? 68  VAL A N   1 
ATOM   560  C CA  . VAL A 1 68  ? 3.561   -0.417  7.066   1.00 7.64  ? 68  VAL A CA  1 
ATOM   561  C C   . VAL A 1 68  ? 2.272   0.244   7.545   1.00 8.48  ? 68  VAL A C   1 
ATOM   562  O O   . VAL A 1 68  ? 1.190   -0.030  7.030   1.00 9.70  ? 68  VAL A O   1 
ATOM   563  C CB  . VAL A 1 68  ? 4.465   0.703   6.491   1.00 9.03  ? 68  VAL A CB  1 
ATOM   564  C CG1 . VAL A 1 68  ? 5.837   0.144   6.120   1.00 8.01  ? 68  VAL A CG1 1 
ATOM   565  C CG2 . VAL A 1 68  ? 3.808   1.297   5.232   1.00 9.92  ? 68  VAL A CG2 1 
ATOM   566  N N   . VAL A 1 69  ? 2.410   1.110   8.546   1.00 8.69  ? 69  VAL A N   1 
ATOM   567  C CA  . VAL A 1 69  ? 1.287   1.886   9.054   1.00 9.17  ? 69  VAL A CA  1 
ATOM   568  C C   . VAL A 1 69  ? 1.637   3.357   8.849   1.00 8.56  ? 69  VAL A C   1 
ATOM   569  O O   . VAL A 1 69  ? 2.788   3.762   9.019   1.00 9.19  ? 69  VAL A O   1 
ATOM   570  C CB  . VAL A 1 69  ? 0.998   1.646   10.567  1.00 9.32  ? 69  VAL A CB  1 
ATOM   571  C CG1 . VAL A 1 69  ? 0.393   0.262   10.766  1.00 10.23 ? 69  VAL A CG1 1 
ATOM   572  C CG2 . VAL A 1 69  ? 2.264   1.802   11.394  1.00 9.53  ? 69  VAL A CG2 1 
ATOM   573  N N   . THR A 1 70  ? 0.651   4.145   8.441   1.00 6.71  ? 70  THR A N   1 
ATOM   574  C CA  . THR A 1 70  ? 0.862   5.568   8.239   1.00 7.62  ? 70  THR A CA  1 
ATOM   575  C C   . THR A 1 70  ? 0.739   6.214   9.613   1.00 7.49  ? 70  THR A C   1 
ATOM   576  O O   . THR A 1 70  ? -0.208  5.939   10.350  1.00 9.86  ? 70  THR A O   1 
ATOM   577  C CB  . THR A 1 70  ? -0.204  6.156   7.295   1.00 8.08  ? 70  THR A CB  1 
ATOM   578  O OG1 . THR A 1 70  ? -0.107  5.513   6.017   1.00 7.64  ? 70  THR A OG1 1 
ATOM   579  C CG2 . THR A 1 70  ? -0.002  7.663   7.120   1.00 10.37 ? 70  THR A CG2 1 
ATOM   580  N N   . VAL A 1 71  ? 1.715   7.047   9.957   1.00 7.33  ? 71  VAL A N   1 
ATOM   581  C CA  . VAL A 1 71  ? 1.743   7.738   11.241  1.00 9.50  ? 71  VAL A CA  1 
ATOM   582  C C   . VAL A 1 71  ? 1.928   9.239   11.015  1.00 9.19  ? 71  VAL A C   1 
ATOM   583  O O   . VAL A 1 71  ? 2.208   9.674   9.896   1.00 8.19  ? 71  VAL A O   1 
ATOM   584  C CB  . VAL A 1 71  ? 2.900   7.209   12.121  1.00 9.99  ? 71  VAL A CB  1 
ATOM   585  C CG1 . VAL A 1 71  ? 2.652   5.747   12.482  1.00 9.76  ? 71  VAL A CG1 1 
ATOM   586  C CG2 . VAL A 1 71  ? 4.216   7.340   11.380  1.00 11.09 ? 71  VAL A CG2 1 
ATOM   587  N N   . PRO A 1 72  ? 1.755   10.054  12.070  1.00 9.44  ? 72  PRO A N   1 
ATOM   588  C CA  . PRO A 1 72  ? 1.922   11.503  11.913  1.00 10.48 ? 72  PRO A CA  1 
ATOM   589  C C   . PRO A 1 72  ? 3.359   11.863  11.542  1.00 10.87 ? 72  PRO A C   1 
ATOM   590  O O   . PRO A 1 72  ? 4.293   11.129  11.869  1.00 11.10 ? 72  PRO A O   1 
ATOM   591  C CB  . PRO A 1 72  ? 1.532   12.050  13.287  1.00 10.14 ? 72  PRO A CB  1 
ATOM   592  C CG  . PRO A 1 72  ? 0.560   11.042  13.799  1.00 10.54 ? 72  PRO A CG  1 
ATOM   593  C CD  . PRO A 1 72  ? 1.216   9.734   13.405  1.00 10.72 ? 72  PRO A CD  1 
ATOM   594  N N   . GLY A 1 73  ? 3.533   12.998  10.875  1.00 9.65  ? 73  GLY A N   1 
ATOM   595  C CA  . GLY A 1 73  ? 4.864   13.419  10.468  1.00 12.90 ? 73  GLY A CA  1 
ATOM   596  C C   . GLY A 1 73  ? 5.845   13.593  11.617  1.00 13.01 ? 73  GLY A C   1 
ATOM   597  O O   . GLY A 1 73  ? 7.053   13.454  11.431  1.00 15.06 ? 73  GLY A O   1 
ATOM   598  N N   . TYR A 1 74  ? 5.328   13.893  12.804  1.00 13.25 ? 74  TYR A N   1 
ATOM   599  C CA  . TYR A 1 74  ? 6.160   14.103  13.988  1.00 13.45 ? 74  TYR A CA  1 
ATOM   600  C C   . TYR A 1 74  ? 6.389   12.827  14.798  1.00 13.54 ? 74  TYR A C   1 
ATOM   601  O O   . TYR A 1 74  ? 6.949   12.872  15.892  1.00 13.50 ? 74  TYR A O   1 
ATOM   602  C CB  . TYR A 1 74  ? 5.513   15.162  14.882  1.00 14.01 ? 74  TYR A CB  1 
ATOM   603  C CG  . TYR A 1 74  ? 4.079   14.843  15.245  1.00 12.75 ? 74  TYR A CG  1 
ATOM   604  C CD1 . TYR A 1 74  ? 3.776   13.856  16.183  1.00 13.67 ? 74  TYR A CD1 1 
ATOM   605  C CD2 . TYR A 1 74  ? 3.021   15.507  14.624  1.00 13.63 ? 74  TYR A CD2 1 
ATOM   606  C CE1 . TYR A 1 74  ? 2.456   13.535  16.492  1.00 14.01 ? 74  TYR A CE1 1 
ATOM   607  C CE2 . TYR A 1 74  ? 1.700   15.194  14.926  1.00 13.89 ? 74  TYR A CE2 1 
ATOM   608  C CZ  . TYR A 1 74  ? 1.425   14.209  15.859  1.00 14.12 ? 74  TYR A CZ  1 
ATOM   609  O OH  . TYR A 1 74  ? 0.118   13.896  16.154  1.00 14.68 ? 74  TYR A OH  1 
ATOM   610  N N   . PHE A 1 75  ? 5.949   11.698  14.256  1.00 12.49 ? 75  PHE A N   1 
ATOM   611  C CA  . PHE A 1 75  ? 6.091   10.402  14.915  1.00 12.15 ? 75  PHE A CA  1 
ATOM   612  C C   . PHE A 1 75  ? 7.506   10.141  15.432  1.00 12.69 ? 75  PHE A C   1 
ATOM   613  O O   . PHE A 1 75  ? 8.483   10.307  14.702  1.00 13.15 ? 75  PHE A O   1 
ATOM   614  C CB  . PHE A 1 75  ? 5.703   9.291   13.933  1.00 11.81 ? 75  PHE A CB  1 
ATOM   615  C CG  . PHE A 1 75  ? 5.797   7.904   14.506  1.00 13.34 ? 75  PHE A CG  1 
ATOM   616  C CD1 . PHE A 1 75  ? 4.853   7.447   15.416  1.00 13.09 ? 75  PHE A CD1 1 
ATOM   617  C CD2 . PHE A 1 75  ? 6.827   7.051   14.122  1.00 11.78 ? 75  PHE A CD2 1 
ATOM   618  C CE1 . PHE A 1 75  ? 4.933   6.156   15.939  1.00 14.20 ? 75  PHE A CE1 1 
ATOM   619  C CE2 . PHE A 1 75  ? 6.913   5.759   14.639  1.00 14.22 ? 75  PHE A CE2 1 
ATOM   620  C CZ  . PHE A 1 75  ? 5.965   5.313   15.548  1.00 13.29 ? 75  PHE A CZ  1 
ATOM   621  N N   . THR A 1 76  ? 7.607   9.742   16.698  1.00 13.28 ? 76  THR A N   1 
ATOM   622  C CA  . THR A 1 76  ? 8.900   9.416   17.300  1.00 13.70 ? 76  THR A CA  1 
ATOM   623  C C   . THR A 1 76  ? 8.954   7.895   17.411  1.00 13.20 ? 76  THR A C   1 
ATOM   624  O O   . THR A 1 76  ? 8.124   7.287   18.084  1.00 13.97 ? 76  THR A O   1 
ATOM   625  C CB  . THR A 1 76  ? 9.048   10.020  18.720  1.00 16.41 ? 76  THR A CB  1 
ATOM   626  O OG1 . THR A 1 76  ? 9.053   11.451  18.642  1.00 18.75 ? 76  THR A OG1 1 
ATOM   627  C CG2 . THR A 1 76  ? 10.353  9.555   19.363  1.00 17.56 ? 76  THR A CG2 1 
ATOM   628  N N   . LEU A 1 77  ? 9.922   7.276   16.746  1.00 12.73 ? 77  LEU A N   1 
ATOM   629  C CA  . LEU A 1 77  ? 10.045  5.824   16.788  1.00 13.52 ? 77  LEU A CA  1 
ATOM   630  C C   . LEU A 1 77  ? 10.278  5.335   18.218  1.00 15.14 ? 77  LEU A C   1 
ATOM   631  O O   . LEU A 1 77  ? 11.211  5.778   18.890  1.00 15.11 ? 77  LEU A O   1 
ATOM   632  C CB  . LEU A 1 77  ? 11.201  5.366   15.897  1.00 13.33 ? 77  LEU A CB  1 
ATOM   633  C CG  . LEU A 1 77  ? 11.320  3.858   15.666  1.00 13.34 ? 77  LEU A CG  1 
ATOM   634  C CD1 . LEU A 1 77  ? 10.160  3.377   14.805  1.00 13.30 ? 77  LEU A CD1 1 
ATOM   635  C CD2 . LEU A 1 77  ? 12.647  3.555   14.981  1.00 13.54 ? 77  LEU A CD2 1 
ATOM   636  N N   . PRO A 1 78  ? 9.421   4.423   18.705  1.00 15.09 ? 78  PRO A N   1 
ATOM   637  C CA  . PRO A 1 78  ? 9.566   3.893   20.065  1.00 16.41 ? 78  PRO A CA  1 
ATOM   638  C C   . PRO A 1 78  ? 10.891  3.159   20.257  1.00 17.28 ? 78  PRO A C   1 
ATOM   639  O O   . PRO A 1 78  ? 11.455  2.613   19.309  1.00 16.18 ? 78  PRO A O   1 
ATOM   640  C CB  . PRO A 1 78  ? 8.372   2.948   20.199  1.00 17.58 ? 78  PRO A CB  1 
ATOM   641  C CG  . PRO A 1 78  ? 7.346   3.570   19.300  1.00 18.15 ? 78  PRO A CG  1 
ATOM   642  C CD  . PRO A 1 78  ? 8.170   3.946   18.090  1.00 15.52 ? 78  PRO A CD  1 
ATOM   643  N N   . GLU A 1 79  ? 11.388  3.150   21.488  1.00 18.89 ? 79  GLU A N   1 
ATOM   644  C CA  . GLU A 1 79  ? 12.634  2.456   21.784  1.00 20.46 ? 79  GLU A CA  1 
ATOM   645  C C   . GLU A 1 79  ? 12.462  0.970   21.477  1.00 18.97 ? 79  GLU A C   1 
ATOM   646  O O   . GLU A 1 79  ? 11.343  0.460   21.448  1.00 18.03 ? 79  GLU A O   1 
ATOM   647  C CB  . GLU A 1 79  ? 13.006  2.643   23.257  1.00 23.24 ? 79  GLU A CB  1 
ATOM   648  C CG  . GLU A 1 79  ? 13.564  4.025   23.583  1.00 29.05 ? 79  GLU A CG  1 
ATOM   649  C CD  . GLU A 1 79  ? 13.756  4.240   25.071  1.00 32.23 ? 79  GLU A CD  1 
ATOM   650  O OE1 . GLU A 1 79  ? 14.044  3.254   25.783  1.00 34.83 ? 79  GLU A OE1 1 
ATOM   651  O OE2 . GLU A 1 79  ? 13.630  5.395   25.526  1.00 35.03 ? 79  GLU A OE2 1 
ATOM   652  N N   . ASN A 1 80  ? 13.576  0.285   21.239  1.00 20.07 ? 80  ASN A N   1 
ATOM   653  C CA  . ASN A 1 80  ? 13.566  -1.142  20.938  1.00 19.98 ? 80  ASN A CA  1 
ATOM   654  C C   . ASN A 1 80  ? 12.650  -1.519  19.774  1.00 18.06 ? 80  ASN A C   1 
ATOM   655  O O   . ASN A 1 80  ? 11.756  -2.357  19.913  1.00 17.15 ? 80  ASN A O   1 
ATOM   656  C CB  . ASN A 1 80  ? 13.181  -1.936  22.189  1.00 22.67 ? 80  ASN A CB  1 
ATOM   657  C CG  . ASN A 1 80  ? 14.164  -1.729  23.328  1.00 25.77 ? 80  ASN A CG  1 
ATOM   658  O OD1 . ASN A 1 80  ? 15.365  -1.934  23.166  1.00 28.36 ? 80  ASN A OD1 1 
ATOM   659  N ND2 . ASN A 1 80  ? 13.656  -1.320  24.486  1.00 27.91 ? 80  ASN A ND2 1 
ATOM   660  N N   . SER A 1 81  ? 12.893  -0.896  18.623  1.00 16.92 ? 81  SER A N   1 
ATOM   661  C CA  . SER A 1 81  ? 12.124  -1.164  17.410  1.00 15.62 ? 81  SER A CA  1 
ATOM   662  C C   . SER A 1 81  ? 13.069  -1.697  16.334  1.00 16.02 ? 81  SER A C   1 
ATOM   663  O O   . SER A 1 81  ? 13.131  -1.166  15.227  1.00 13.58 ? 81  SER A O   1 
ATOM   664  C CB  . SER A 1 81  ? 11.445  0.119   16.911  1.00 16.20 ? 81  SER A CB  1 
ATOM   665  O OG  . SER A 1 81  ? 10.426  0.545   17.802  1.00 14.10 ? 81  SER A OG  1 
ATOM   666  N N   . GLU A 1 82  ? 13.809  -2.751  16.661  1.00 17.17 ? 82  GLU A N   1 
ATOM   667  C CA  . GLU A 1 82  ? 14.751  -3.315  15.704  1.00 18.05 ? 82  GLU A CA  1 
ATOM   668  C C   . GLU A 1 82  ? 14.066  -3.854  14.447  1.00 16.87 ? 82  GLU A C   1 
ATOM   669  O O   . GLU A 1 82  ? 12.970  -4.424  14.507  1.00 15.79 ? 82  GLU A O   1 
ATOM   670  C CB  . GLU A 1 82  ? 15.587  -4.419  16.364  1.00 24.31 ? 82  GLU A CB  1 
ATOM   671  C CG  . GLU A 1 82  ? 14.798  -5.625  16.839  1.00 30.75 ? 82  GLU A CG  1 
ATOM   672  C CD  . GLU A 1 82  ? 15.676  -6.642  17.550  1.00 35.51 ? 82  GLU A CD  1 
ATOM   673  O OE1 . GLU A 1 82  ? 16.309  -6.276  18.563  1.00 39.61 ? 82  GLU A OE1 1 
ATOM   674  O OE2 . GLU A 1 82  ? 15.733  -7.806  17.097  1.00 37.32 ? 82  GLU A OE2 1 
ATOM   675  N N   . GLY A 1 83  ? 14.720  -3.648  13.308  1.00 14.44 ? 83  GLY A N   1 
ATOM   676  C CA  . GLY A 1 83  ? 14.196  -4.117  12.038  1.00 13.09 ? 83  GLY A CA  1 
ATOM   677  C C   . GLY A 1 83  ? 13.110  -3.256  11.411  1.00 11.65 ? 83  GLY A C   1 
ATOM   678  O O   . GLY A 1 83  ? 12.707  -3.510  10.278  1.00 12.02 ? 83  GLY A O   1 
ATOM   679  N N   . VAL A 1 84  ? 12.648  -2.239  12.132  1.00 9.80  ? 84  VAL A N   1 
ATOM   680  C CA  . VAL A 1 84  ? 11.585  -1.362  11.635  1.00 8.76  ? 84  VAL A CA  1 
ATOM   681  C C   . VAL A 1 84  ? 12.094  -0.177  10.817  1.00 8.92  ? 84  VAL A C   1 
ATOM   682  O O   . VAL A 1 84  ? 12.959  0.573   11.269  1.00 10.14 ? 84  VAL A O   1 
ATOM   683  C CB  . VAL A 1 84  ? 10.735  -0.807  12.809  1.00 9.29  ? 84  VAL A CB  1 
ATOM   684  C CG1 . VAL A 1 84  ? 9.640   0.119   12.284  1.00 9.58  ? 84  VAL A CG1 1 
ATOM   685  C CG2 . VAL A 1 84  ? 10.116  -1.959  13.591  1.00 10.72 ? 84  VAL A CG2 1 
ATOM   686  N N   . ILE A 1 85  ? 11.557  -0.005  9.611   1.00 9.07  ? 85  ILE A N   1 
ATOM   687  C CA  . ILE A 1 85  ? 11.958  1.124   8.778   1.00 8.14  ? 85  ILE A CA  1 
ATOM   688  C C   . ILE A 1 85  ? 10.992  2.279   9.003   1.00 8.34  ? 85  ILE A C   1 
ATOM   689  O O   . ILE A 1 85  ? 9.831   2.075   9.374   1.00 8.97  ? 85  ILE A O   1 
ATOM   690  C CB  . ILE A 1 85  ? 11.944  0.788   7.257   1.00 7.83  ? 85  ILE A CB  1 
ATOM   691  C CG1 . ILE A 1 85  ? 10.556  0.295   6.836   1.00 8.90  ? 85  ILE A CG1 1 
ATOM   692  C CG2 . ILE A 1 85  ? 13.017  -0.246  6.937   1.00 10.18 ? 85  ILE A CG2 1 
ATOM   693  C CD1 . ILE A 1 85  ? 10.313  0.375   5.334   1.00 10.41 ? 85  ILE A CD1 1 
ATOM   694  N N   . LEU A 1 86  ? 11.485  3.496   8.806   1.00 7.94  ? 86  LEU A N   1 
ATOM   695  C CA  . LEU A 1 86  ? 10.662  4.688   8.937   1.00 9.96  ? 86  LEU A CA  1 
ATOM   696  C C   . LEU A 1 86  ? 11.037  5.537   7.733   1.00 10.39 ? 86  LEU A C   1 
ATOM   697  O O   . LEU A 1 86  ? 12.173  6.008   7.627   1.00 11.47 ? 86  LEU A O   1 
ATOM   698  C CB  . LEU A 1 86  ? 10.973  5.443   10.234  1.00 10.86 ? 86  LEU A CB  1 
ATOM   699  C CG  . LEU A 1 86  ? 10.098  6.677   10.503  1.00 13.40 ? 86  LEU A CG  1 
ATOM   700  C CD1 . LEU A 1 86  ? 8.641   6.256   10.651  1.00 13.92 ? 86  LEU A CD1 1 
ATOM   701  C CD2 . LEU A 1 86  ? 10.568  7.384   11.773  1.00 14.89 ? 86  LEU A CD2 1 
ATOM   702  N N   . THR A 1 87  ? 10.095  5.715   6.814   1.00 9.09  ? 87  THR A N   1 
ATOM   703  C CA  . THR A 1 87  ? 10.374  6.495   5.616   1.00 9.12  ? 87  THR A CA  1 
ATOM   704  C C   . THR A 1 87  ? 9.131   7.230   5.121   1.00 10.78 ? 87  THR A C   1 
ATOM   705  O O   . THR A 1 87  ? 8.173   7.419   5.879   1.00 9.44  ? 87  THR A O   1 
ATOM   706  C CB  . THR A 1 87  ? 10.947  5.583   4.504   1.00 9.67  ? 87  THR A CB  1 
ATOM   707  O OG1 . THR A 1 87  ? 11.424  6.392   3.422   1.00 10.90 ? 87  THR A OG1 1 
ATOM   708  C CG2 . THR A 1 87  ? 9.884   4.601   4.001   1.00 9.85  ? 87  THR A CG2 1 
ATOM   709  N N   . GLU A 1 88  ? 9.135   7.649   3.860   1.00 11.70 ? 88  GLU A N   1 
ATOM   710  C CA  . GLU A 1 88  ? 7.995   8.394   3.331   1.00 14.04 ? 88  GLU A CA  1 
ATOM   711  C C   . GLU A 1 88  ? 7.477   7.933   1.979   1.00 14.42 ? 88  GLU A C   1 
ATOM   712  O O   . GLU A 1 88  ? 8.222   7.399   1.161   1.00 16.45 ? 88  GLU A O   1 
ATOM   713  C CB  . GLU A 1 88  ? 8.344   9.878   3.172   1.00 15.95 ? 88  GLU A CB  1 
ATOM   714  C CG  . GLU A 1 88  ? 8.897   10.599  4.389   1.00 20.90 ? 88  GLU A CG  1 
ATOM   715  C CD  . GLU A 1 88  ? 8.968   12.105  4.163   1.00 23.32 ? 88  GLU A CD  1 
ATOM   716  O OE1 . GLU A 1 88  ? 9.101   12.524  2.989   1.00 22.10 ? 88  GLU A OE1 1 
ATOM   717  O OE2 . GLU A 1 88  ? 8.898   12.869  5.151   1.00 23.77 ? 88  GLU A OE2 1 
ATOM   718  N N   . ILE A 1 89  ? 6.184   8.154   1.766   1.00 12.25 ? 89  ILE A N   1 
ATOM   719  C CA  . ILE A 1 89  ? 5.541   7.878   0.486   1.00 10.75 ? 89  ILE A CA  1 
ATOM   720  C C   . ILE A 1 89  ? 5.302   9.317   0.043   1.00 10.77 ? 89  ILE A C   1 
ATOM   721  O O   . ILE A 1 89  ? 4.689   10.092  0.779   1.00 10.58 ? 89  ILE A O   1 
ATOM   722  C CB  . ILE A 1 89  ? 4.179   7.165   0.638   1.00 10.05 ? 89  ILE A CB  1 
ATOM   723  C CG1 . ILE A 1 89  ? 4.381   5.768   1.229   1.00 9.86  ? 89  ILE A CG1 1 
ATOM   724  C CG2 . ILE A 1 89  ? 3.497   7.060   -0.732  1.00 10.16 ? 89  ILE A CG2 1 
ATOM   725  C CD1 . ILE A 1 89  ? 3.094   4.973   1.390   1.00 12.47 ? 89  ILE A CD1 1 
ATOM   726  N N   . THR A 1 90  ? 5.793   9.690   -1.135  1.00 10.35 ? 90  THR A N   1 
ATOM   727  C CA  . THR A 1 90  ? 5.646   11.069  -1.596  1.00 10.36 ? 90  THR A CA  1 
ATOM   728  C C   . THR A 1 90  ? 4.223   11.536  -1.852  1.00 10.05 ? 90  THR A C   1 
ATOM   729  O O   . THR A 1 90  ? 3.317   10.735  -2.083  1.00 9.95  ? 90  THR A O   1 
ATOM   730  C CB  . THR A 1 90  ? 6.434   11.322  -2.896  1.00 11.69 ? 90  THR A CB  1 
ATOM   731  O OG1 . THR A 1 90  ? 5.874   10.536  -3.955  1.00 12.49 ? 90  THR A OG1 1 
ATOM   732  C CG2 . THR A 1 90  ? 7.893   10.957  -2.709  1.00 12.70 ? 90  THR A CG2 1 
ATOM   733  N N   . GLY A 1 91  ? 4.050   12.852  -1.805  1.00 10.56 ? 91  GLY A N   1 
ATOM   734  C CA  . GLY A 1 91  ? 2.760   13.450  -2.078  1.00 10.60 ? 91  GLY A CA  1 
ATOM   735  C C   . GLY A 1 91  ? 2.702   13.674  -3.577  1.00 11.40 ? 91  GLY A C   1 
ATOM   736  O O   . GLY A 1 91  ? 3.646   13.335  -4.294  1.00 11.62 ? 91  GLY A O   1 
ATOM   737  N N   . GLY A 1 92  ? 1.604   14.246  -4.050  1.00 9.63  ? 92  GLY A N   1 
ATOM   738  C CA  . GLY A 1 92  ? 1.438   14.493  -5.470  1.00 10.57 ? 92  GLY A CA  1 
ATOM   739  C C   . GLY A 1 92  ? 0.041   14.073  -5.877  1.00 10.30 ? 92  GLY A C   1 
ATOM   740  O O   . GLY A 1 92  ? -0.799  13.792  -5.018  1.00 8.62  ? 92  GLY A O   1 
ATOM   741  N N   . GLN A 1 93  ? -0.228  14.038  -7.176  1.00 9.71  ? 93  GLN A N   1 
ATOM   742  C CA  . GLN A 1 93  ? -1.548  13.622  -7.636  1.00 9.73  ? 93  GLN A CA  1 
ATOM   743  C C   . GLN A 1 93  ? -1.605  12.105  -7.736  1.00 9.75  ? 93  GLN A C   1 
ATOM   744  O O   . GLN A 1 93  ? -0.671  11.472  -8.227  1.00 9.94  ? 93  GLN A O   1 
ATOM   745  C CB  . GLN A 1 93  ? -1.875  14.221  -9.007  1.00 10.81 ? 93  GLN A CB  1 
ATOM   746  C CG  . GLN A 1 93  ? -1.991  15.730  -9.028  1.00 14.11 ? 93  GLN A CG  1 
ATOM   747  C CD  . GLN A 1 93  ? -2.432  16.248  -10.383 1.00 16.06 ? 93  GLN A CD  1 
ATOM   748  O OE1 . GLN A 1 93  ? -3.605  16.560  -10.595 1.00 18.51 ? 93  GLN A OE1 1 
ATOM   749  N NE2 . GLN A 1 93  ? -1.493  16.328  -11.314 1.00 15.89 ? 93  GLN A NE2 1 
ATOM   750  N N   . TYR A 1 94  ? -2.701  11.532  -7.254  1.00 8.70  ? 94  TYR A N   1 
ATOM   751  C CA  . TYR A 1 94  ? -2.907  10.092  -7.305  1.00 8.88  ? 94  TYR A CA  1 
ATOM   752  C C   . TYR A 1 94  ? -4.320  9.774   -7.760  1.00 9.74  ? 94  TYR A C   1 
ATOM   753  O O   . TYR A 1 94  ? -5.271  10.447  -7.369  1.00 10.57 ? 94  TYR A O   1 
ATOM   754  C CB  . TYR A 1 94  ? -2.730  9.439   -5.928  1.00 8.17  ? 94  TYR A CB  1 
ATOM   755  C CG  . TYR A 1 94  ? -1.309  9.339   -5.442  1.00 8.95  ? 94  TYR A CG  1 
ATOM   756  C CD1 . TYR A 1 94  ? -0.686  10.420  -4.822  1.00 7.63  ? 94  TYR A CD1 1 
ATOM   757  C CD2 . TYR A 1 94  ? -0.580  8.161   -5.612  1.00 9.00  ? 94  TYR A CD2 1 
ATOM   758  C CE1 . TYR A 1 94  ? 0.634   10.330  -4.383  1.00 7.54  ? 94  TYR A CE1 1 
ATOM   759  C CE2 . TYR A 1 94  ? 0.737   8.061   -5.178  1.00 8.08  ? 94  TYR A CE2 1 
ATOM   760  C CZ  . TYR A 1 94  ? 1.337   9.151   -4.566  1.00 8.23  ? 94  TYR A CZ  1 
ATOM   761  O OH  . TYR A 1 94  ? 2.650   9.068   -4.156  1.00 9.72  ? 94  TYR A OH  1 
ATOM   762  N N   . ALA A 1 95  ? -4.449  8.754   -8.597  1.00 9.17  ? 95  ALA A N   1 
ATOM   763  C CA  . ALA A 1 95  ? -5.762  8.303   -9.015  1.00 8.71  ? 95  ALA A CA  1 
ATOM   764  C C   . ALA A 1 95  ? -6.132  7.411   -7.831  1.00 9.34  ? 95  ALA A C   1 
ATOM   765  O O   . ALA A 1 95  ? -5.292  6.644   -7.349  1.00 8.84  ? 95  ALA A O   1 
ATOM   766  C CB  . ALA A 1 95  ? -5.663  7.481   -10.291 1.00 9.11  ? 95  ALA A CB  1 
ATOM   767  N N   . VAL A 1 96  ? -7.369  7.510   -7.360  1.00 7.08  ? 96  VAL A N   1 
ATOM   768  C CA  . VAL A 1 96  ? -7.808  6.724   -6.212  1.00 9.36  ? 96  VAL A CA  1 
ATOM   769  C C   . VAL A 1 96  ? -9.055  5.917   -6.540  1.00 9.61  ? 96  VAL A C   1 
ATOM   770  O O   . VAL A 1 96  ? -10.030 6.449   -7.081  1.00 8.59  ? 96  VAL A O   1 
ATOM   771  C CB  . VAL A 1 96  ? -8.102  7.647   -5.004  1.00 8.68  ? 96  VAL A CB  1 
ATOM   772  C CG1 . VAL A 1 96  ? -8.480  6.819   -3.780  1.00 11.04 ? 96  VAL A CG1 1 
ATOM   773  C CG2 . VAL A 1 96  ? -6.880  8.511   -4.709  1.00 9.58  ? 96  VAL A CG2 1 
ATOM   774  N N   . ALA A 1 97  ? -9.015  4.628   -6.217  1.00 8.24  ? 97  ALA A N   1 
ATOM   775  C CA  . ALA A 1 97  ? -10.142 3.738   -6.476  1.00 10.02 ? 97  ALA A CA  1 
ATOM   776  C C   . ALA A 1 97  ? -10.464 2.933   -5.222  1.00 10.55 ? 97  ALA A C   1 
ATOM   777  O O   . ALA A 1 97  ? -9.580  2.605   -4.435  1.00 11.61 ? 97  ALA A O   1 
ATOM   778  C CB  . ALA A 1 97  ? -9.815  2.802   -7.631  1.00 9.55  ? 97  ALA A CB  1 
ATOM   779  N N   . VAL A 1 98  ? -11.738 2.614   -5.038  1.00 9.90  ? 98  VAL A N   1 
ATOM   780  C CA  . VAL A 1 98  ? -12.161 1.855   -3.871  1.00 10.67 ? 98  VAL A CA  1 
ATOM   781  C C   . VAL A 1 98  ? -12.828 0.570   -4.339  1.00 12.68 ? 98  VAL A C   1 
ATOM   782  O O   . VAL A 1 98  ? -13.623 0.588   -5.278  1.00 13.84 ? 98  VAL A O   1 
ATOM   783  C CB  . VAL A 1 98  ? -13.148 2.674   -3.021  1.00 13.38 ? 98  VAL A CB  1 
ATOM   784  C CG1 . VAL A 1 98  ? -13.575 1.879   -1.808  1.00 15.71 ? 98  VAL A CG1 1 
ATOM   785  C CG2 . VAL A 1 98  ? -12.498 3.981   -2.595  1.00 14.36 ? 98  VAL A CG2 1 
ATOM   786  N N   . ALA A 1 99  ? -12.502 -0.541  -3.688  1.00 10.96 ? 99  ALA A N   1 
ATOM   787  C CA  . ALA A 1 99  ? -13.072 -1.823  -4.068  1.00 13.29 ? 99  ALA A CA  1 
ATOM   788  C C   . ALA A 1 99  ? -13.247 -2.763  -2.886  1.00 13.09 ? 99  ALA A C   1 
ATOM   789  O O   . ALA A 1 99  ? -12.616 -2.599  -1.843  1.00 11.71 ? 99  ALA A O   1 
ATOM   790  C CB  . ALA A 1 99  ? -12.191 -2.487  -5.130  1.00 13.92 ? 99  ALA A CB  1 
ATOM   791  N N   . ARG A 1 100 ? -14.120 -3.747  -3.062  1.00 12.95 ? 100 ARG A N   1 
ATOM   792  C CA  . ARG A 1 100 ? -14.377 -4.737  -2.029  1.00 14.21 ? 100 ARG A CA  1 
ATOM   793  C C   . ARG A 1 100 ? -13.915 -6.104  -2.519  1.00 16.58 ? 100 ARG A C   1 
ATOM   794  O O   . ARG A 1 100 ? -14.305 -6.555  -3.601  1.00 15.36 ? 100 ARG A O   1 
ATOM   795  C CB  . ARG A 1 100 ? -15.869 -4.778  -1.690  1.00 14.63 ? 100 ARG A CB  1 
ATOM   796  C CG  . ARG A 1 100 ? -16.271 -5.895  -0.730  1.00 15.22 ? 100 ARG A CG  1 
ATOM   797  C CD  . ARG A 1 100 ? -17.644 -5.621  -0.134  1.00 15.38 ? 100 ARG A CD  1 
ATOM   798  N NE  . ARG A 1 100 ? -17.590 -4.493  0.790   1.00 17.35 ? 100 ARG A NE  1 
ATOM   799  C CZ  . ARG A 1 100 ? -18.653 -3.872  1.288   1.00 17.91 ? 100 ARG A CZ  1 
ATOM   800  N NH1 . ARG A 1 100 ? -19.876 -4.264  0.951   1.00 20.54 ? 100 ARG A NH1 1 
ATOM   801  N NH2 . ARG A 1 100 ? -18.490 -2.856  2.124   1.00 18.96 ? 100 ARG A NH2 1 
ATOM   802  N N   . VAL A 1 101 ? -13.077 -6.749  -1.714  1.00 16.47 ? 101 VAL A N   1 
ATOM   803  C CA  . VAL A 1 101 ? -12.550 -8.067  -2.031  1.00 19.02 ? 101 VAL A CA  1 
ATOM   804  C C   . VAL A 1 101 ? -13.209 -9.140  -1.169  1.00 21.44 ? 101 VAL A C   1 
ATOM   805  O O   . VAL A 1 101 ? -13.075 -9.139  0.058   1.00 21.32 ? 101 VAL A O   1 
ATOM   806  C CB  . VAL A 1 101 ? -11.025 -8.138  -1.788  1.00 18.99 ? 101 VAL A CB  1 
ATOM   807  C CG1 . VAL A 1 101 ? -10.519 -9.554  -2.051  1.00 17.96 ? 101 VAL A CG1 1 
ATOM   808  C CG2 . VAL A 1 101 ? -10.308 -7.141  -2.678  1.00 18.86 ? 101 VAL A CG2 1 
ATOM   809  N N   . VAL A 1 102 ? -13.926 -10.049 -1.821  1.00 24.46 ? 102 VAL A N   1 
ATOM   810  C CA  . VAL A 1 102 ? -14.578 -11.159 -1.139  1.00 27.08 ? 102 VAL A CA  1 
ATOM   811  C C   . VAL A 1 102 ? -13.876 -12.411 -1.647  1.00 27.80 ? 102 VAL A C   1 
ATOM   812  O O   . VAL A 1 102 ? -14.055 -12.811 -2.795  1.00 29.90 ? 102 VAL A O   1 
ATOM   813  C CB  . VAL A 1 102 ? -16.078 -11.245 -1.483  1.00 27.72 ? 102 VAL A CB  1 
ATOM   814  C CG1 . VAL A 1 102 ? -16.698 -12.455 -0.797  1.00 29.62 ? 102 VAL A CG1 1 
ATOM   815  C CG2 . VAL A 1 102 ? -16.785 -9.972  -1.047  1.00 28.24 ? 102 VAL A CG2 1 
ATOM   816  N N   . GLY A 1 103 ? -13.069 -13.017 -0.789  1.00 28.51 ? 103 GLY A N   1 
ATOM   817  C CA  . GLY A 1 103 ? -12.326 -14.198 -1.182  1.00 28.21 ? 103 GLY A CA  1 
ATOM   818  C C   . GLY A 1 103 ? -10.853 -13.867 -1.073  1.00 28.50 ? 103 GLY A C   1 
ATOM   819  O O   . GLY A 1 103 ? -10.470 -13.036 -0.250  1.00 28.93 ? 103 GLY A O   1 
ATOM   820  N N   . ASP A 1 104 ? -10.024 -14.489 -1.903  1.00 26.34 ? 104 ASP A N   1 
ATOM   821  C CA  . ASP A 1 104 ? -8.591  -14.230 -1.848  1.00 27.05 ? 104 ASP A CA  1 
ATOM   822  C C   . ASP A 1 104 ? -8.020  -13.568 -3.096  1.00 23.58 ? 104 ASP A C   1 
ATOM   823  O O   . ASP A 1 104 ? -6.803  -13.494 -3.250  1.00 23.70 ? 104 ASP A O   1 
ATOM   824  C CB  . ASP A 1 104 ? -7.831  -15.534 -1.582  1.00 31.81 ? 104 ASP A CB  1 
ATOM   825  C CG  . ASP A 1 104 ? -8.143  -16.126 -0.223  1.00 36.99 ? 104 ASP A CG  1 
ATOM   826  O OD1 . ASP A 1 104 ? -7.834  -15.473 0.799   1.00 40.71 ? 104 ASP A OD1 1 
ATOM   827  O OD2 . ASP A 1 104 ? -8.699  -17.244 -0.174  1.00 40.39 ? 104 ASP A OD2 1 
ATOM   828  N N   . ASP A 1 105 ? -8.876  -13.082 -3.988  1.00 20.51 ? 105 ASP A N   1 
ATOM   829  C CA  . ASP A 1 105 ? -8.365  -12.453 -5.199  1.00 17.83 ? 105 ASP A CA  1 
ATOM   830  C C   . ASP A 1 105 ? -8.101  -10.960 -5.013  1.00 17.35 ? 105 ASP A C   1 
ATOM   831  O O   . ASP A 1 105 ? -8.891  -10.118 -5.445  1.00 15.89 ? 105 ASP A O   1 
ATOM   832  C CB  . ASP A 1 105 ? -9.326  -12.663 -6.370  1.00 16.27 ? 105 ASP A CB  1 
ATOM   833  C CG  . ASP A 1 105 ? -8.635  -12.503 -7.711  1.00 18.08 ? 105 ASP A CG  1 
ATOM   834  O OD1 . ASP A 1 105 ? -7.550  -11.882 -7.738  1.00 17.20 ? 105 ASP A OD1 1 
ATOM   835  O OD2 . ASP A 1 105 ? -9.169  -12.985 -8.732  1.00 15.37 ? 105 ASP A OD2 1 
ATOM   836  N N   . PHE A 1 106 ? -6.979  -10.640 -4.377  1.00 16.92 ? 106 PHE A N   1 
ATOM   837  C CA  . PHE A 1 106 ? -6.605  -9.250  -4.131  1.00 17.07 ? 106 PHE A CA  1 
ATOM   838  C C   . PHE A 1 106 ? -5.967  -8.584  -5.342  1.00 17.41 ? 106 PHE A C   1 
ATOM   839  O O   . PHE A 1 106 ? -5.821  -7.365  -5.384  1.00 16.60 ? 106 PHE A O   1 
ATOM   840  C CB  . PHE A 1 106 ? -5.646  -9.159  -2.944  1.00 18.55 ? 106 PHE A CB  1 
ATOM   841  C CG  . PHE A 1 106 ? -6.299  -9.422  -1.622  1.00 22.49 ? 106 PHE A CG  1 
ATOM   842  C CD1 . PHE A 1 106 ? -6.604  -10.720 -1.226  1.00 23.96 ? 106 PHE A CD1 1 
ATOM   843  C CD2 . PHE A 1 106 ? -6.641  -8.366  -0.783  1.00 25.01 ? 106 PHE A CD2 1 
ATOM   844  C CE1 . PHE A 1 106 ? -7.242  -10.964 -0.015  1.00 25.52 ? 106 PHE A CE1 1 
ATOM   845  C CE2 . PHE A 1 106 ? -7.280  -8.600  0.430   1.00 26.21 ? 106 PHE A CE2 1 
ATOM   846  C CZ  . PHE A 1 106 ? -7.581  -9.901  0.815   1.00 25.60 ? 106 PHE A CZ  1 
ATOM   847  N N   . ALA A 1 107 ? -5.586  -9.385  -6.330  1.00 16.44 ? 107 ALA A N   1 
ATOM   848  C CA  . ALA A 1 107 ? -4.964  -8.849  -7.533  1.00 16.49 ? 107 ALA A CA  1 
ATOM   849  C C   . ALA A 1 107 ? -6.001  -8.297  -8.509  1.00 16.46 ? 107 ALA A C   1 
ATOM   850  O O   . ALA A 1 107 ? -5.728  -7.345  -9.241  1.00 16.04 ? 107 ALA A O   1 
ATOM   851  C CB  . ALA A 1 107 ? -4.134  -9.932  -8.215  1.00 17.80 ? 107 ALA A CB  1 
ATOM   852  N N   . LYS A 1 108 ? -7.189  -8.894  -8.512  1.00 14.63 ? 108 LYS A N   1 
ATOM   853  C CA  . LYS A 1 108 ? -8.248  -8.478  -9.423  1.00 14.63 ? 108 LYS A CA  1 
ATOM   854  C C   . LYS A 1 108 ? -8.508  -6.975  -9.433  1.00 12.24 ? 108 LYS A C   1 
ATOM   855  O O   . LYS A 1 108 ? -8.444  -6.341  -10.483 1.00 14.77 ? 108 LYS A O   1 
ATOM   856  C CB  . LYS A 1 108 ? -9.550  -9.226  -9.109  1.00 16.48 ? 108 LYS A CB  1 
ATOM   857  C CG  . LYS A 1 108 ? -10.709 -8.833  -10.016 1.00 22.08 ? 108 LYS A CG  1 
ATOM   858  C CD  . LYS A 1 108 ? -11.997 -9.554  -9.642  1.00 26.53 ? 108 LYS A CD  1 
ATOM   859  C CE  . LYS A 1 108 ? -11.936 -11.020 -10.010 1.00 29.92 ? 108 LYS A CE  1 
ATOM   860  N NZ  . LYS A 1 108 ? -11.761 -11.175 -11.476 1.00 34.81 ? 108 LYS A NZ  1 
ATOM   861  N N   . PRO A 1 109 ? -8.804  -6.379  -8.267  1.00 12.77 ? 109 PRO A N   1 
ATOM   862  C CA  . PRO A 1 109 ? -9.055  -4.934  -8.285  1.00 12.51 ? 109 PRO A CA  1 
ATOM   863  C C   . PRO A 1 109 ? -7.913  -4.101  -8.869  1.00 11.40 ? 109 PRO A C   1 
ATOM   864  O O   . PRO A 1 109 ? -8.159  -3.095  -9.536  1.00 11.77 ? 109 PRO A O   1 
ATOM   865  C CB  . PRO A 1 109 ? -9.352  -4.608  -6.818  1.00 12.94 ? 109 PRO A CB  1 
ATOM   866  C CG  . PRO A 1 109 ? -8.648  -5.701  -6.061  1.00 16.09 ? 109 PRO A CG  1 
ATOM   867  C CD  . PRO A 1 109 ? -8.920  -6.922  -6.904  1.00 11.50 ? 109 PRO A CD  1 
ATOM   868  N N   . TRP A 1 110 ? -6.672  -4.513  -8.623  1.00 11.61 ? 110 TRP A N   1 
ATOM   869  C CA  . TRP A 1 110 ? -5.520  -3.792  -9.162  1.00 11.31 ? 110 TRP A CA  1 
ATOM   870  C C   . TRP A 1 110 ? -5.528  -3.848  -10.690 1.00 11.40 ? 110 TRP A C   1 
ATOM   871  O O   . TRP A 1 110 ? -5.337  -2.833  -11.362 1.00 10.49 ? 110 TRP A O   1 
ATOM   872  C CB  . TRP A 1 110 ? -4.209  -4.390  -8.641  1.00 11.31 ? 110 TRP A CB  1 
ATOM   873  C CG  . TRP A 1 110 ? -3.784  -3.901  -7.284  1.00 8.87  ? 110 TRP A CG  1 
ATOM   874  C CD1 . TRP A 1 110 ? -3.670  -4.640  -6.140  1.00 11.27 ? 110 TRP A CD1 1 
ATOM   875  C CD2 . TRP A 1 110 ? -3.360  -2.572  -6.947  1.00 10.94 ? 110 TRP A CD2 1 
ATOM   876  N NE1 . TRP A 1 110 ? -3.194  -3.855  -5.111  1.00 11.30 ? 110 TRP A NE1 1 
ATOM   877  C CE2 . TRP A 1 110 ? -2.996  -2.583  -5.579  1.00 11.02 ? 110 TRP A CE2 1 
ATOM   878  C CE3 . TRP A 1 110 ? -3.248  -1.375  -7.669  1.00 12.36 ? 110 TRP A CE3 1 
ATOM   879  C CZ2 . TRP A 1 110 ? -2.529  -1.439  -4.916  1.00 11.97 ? 110 TRP A CZ2 1 
ATOM   880  C CZ3 . TRP A 1 110 ? -2.782  -0.234  -7.007  1.00 12.32 ? 110 TRP A CZ3 1 
ATOM   881  C CH2 . TRP A 1 110 ? -2.428  -0.280  -5.644  1.00 12.08 ? 110 TRP A CH2 1 
ATOM   882  N N   . TYR A 1 111 ? -5.742  -5.037  -11.244 1.00 12.90 ? 111 TYR A N   1 
ATOM   883  C CA  . TYR A 1 111 ? -5.768  -5.185  -12.696 1.00 13.73 ? 111 TYR A CA  1 
ATOM   884  C C   . TYR A 1 111 ? -6.892  -4.345  -13.297 1.00 12.78 ? 111 TYR A C   1 
ATOM   885  O O   . TYR A 1 111 ? -6.714  -3.693  -14.328 1.00 12.77 ? 111 TYR A O   1 
ATOM   886  C CB  . TYR A 1 111 ? -5.969  -6.652  -13.087 1.00 15.51 ? 111 TYR A CB  1 
ATOM   887  C CG  . TYR A 1 111 ? -4.823  -7.572  -12.718 1.00 19.44 ? 111 TYR A CG  1 
ATOM   888  C CD1 . TYR A 1 111 ? -4.911  -8.943  -12.947 1.00 22.52 ? 111 TYR A CD1 1 
ATOM   889  C CD2 . TYR A 1 111 ? -3.659  -7.081  -12.126 1.00 21.00 ? 111 TYR A CD2 1 
ATOM   890  C CE1 . TYR A 1 111 ? -3.876  -9.807  -12.596 1.00 23.03 ? 111 TYR A CE1 1 
ATOM   891  C CE2 . TYR A 1 111 ? -2.614  -7.937  -11.770 1.00 23.65 ? 111 TYR A CE2 1 
ATOM   892  C CZ  . TYR A 1 111 ? -2.732  -9.298  -12.007 1.00 21.75 ? 111 TYR A CZ  1 
ATOM   893  O OH  . TYR A 1 111 ? -1.716  -10.155 -11.643 1.00 19.37 ? 111 TYR A OH  1 
ATOM   894  N N   . GLN A 1 112 ? -8.051  -4.372  -12.654 1.00 12.92 ? 112 GLN A N   1 
ATOM   895  C CA  . GLN A 1 112 ? -9.197  -3.608  -13.133 1.00 12.62 ? 112 GLN A CA  1 
ATOM   896  C C   . GLN A 1 112 ? -8.884  -2.116  -13.128 1.00 11.68 ? 112 GLN A C   1 
ATOM   897  O O   . GLN A 1 112 ? -9.194  -1.397  -14.080 1.00 12.39 ? 112 GLN A O   1 
ATOM   898  C CB  . GLN A 1 112 ? -10.419 -3.899  -12.259 1.00 14.41 ? 112 GLN A CB  1 
ATOM   899  C CG  . GLN A 1 112 ? -11.039 -5.271  -12.511 1.00 15.64 ? 112 GLN A CG  1 
ATOM   900  C CD  . GLN A 1 112 ? -12.134 -5.616  -11.519 1.00 19.83 ? 112 GLN A CD  1 
ATOM   901  O OE1 . GLN A 1 112 ? -12.983 -6.473  -11.784 1.00 21.90 ? 112 GLN A OE1 1 
ATOM   902  N NE2 . GLN A 1 112 ? -12.112 -4.962  -10.364 1.00 18.15 ? 112 GLN A NE2 1 
ATOM   903  N N   . PHE A 1 113 ? -8.250  -1.664  -12.053 1.00 10.38 ? 113 PHE A N   1 
ATOM   904  C CA  . PHE A 1 113 ? -7.879  -0.262  -11.889 1.00 10.99 ? 113 PHE A CA  1 
ATOM   905  C C   . PHE A 1 113 ? -6.876  0.166   -12.970 1.00 11.30 ? 113 PHE A C   1 
ATOM   906  O O   . PHE A 1 113 ? -7.076  1.163   -13.667 1.00 10.82 ? 113 PHE A O   1 
ATOM   907  C CB  . PHE A 1 113 ? -7.281  -0.073  -10.484 1.00 10.29 ? 113 PHE A CB  1 
ATOM   908  C CG  . PHE A 1 113 ? -7.077  1.367   -10.077 1.00 9.59  ? 113 PHE A CG  1 
ATOM   909  C CD1 . PHE A 1 113 ? -6.415  1.663   -8.886  1.00 11.60 ? 113 PHE A CD1 1 
ATOM   910  C CD2 . PHE A 1 113 ? -7.539  2.414   -10.862 1.00 10.01 ? 113 PHE A CD2 1 
ATOM   911  C CE1 . PHE A 1 113 ? -6.217  2.984   -8.486  1.00 10.57 ? 113 PHE A CE1 1 
ATOM   912  C CE2 . PHE A 1 113 ? -7.347  3.743   -10.472 1.00 11.11 ? 113 PHE A CE2 1 
ATOM   913  C CZ  . PHE A 1 113 ? -6.682  4.025   -9.280  1.00 10.38 ? 113 PHE A CZ  1 
ATOM   914  N N   . PHE A 1 114 ? -5.798  -0.593  -13.123 1.00 11.51 ? 114 PHE A N   1 
ATOM   915  C CA  . PHE A 1 114 ? -4.796  -0.250  -14.123 1.00 12.26 ? 114 PHE A CA  1 
ATOM   916  C C   . PHE A 1 114 ? -5.366  -0.195  -15.539 1.00 12.81 ? 114 PHE A C   1 
ATOM   917  O O   . PHE A 1 114 ? -5.079  0.735   -16.292 1.00 12.36 ? 114 PHE A O   1 
ATOM   918  C CB  . PHE A 1 114 ? -3.629  -1.235  -14.057 1.00 13.65 ? 114 PHE A CB  1 
ATOM   919  C CG  . PHE A 1 114 ? -2.737  -1.033  -12.866 1.00 14.35 ? 114 PHE A CG  1 
ATOM   920  C CD1 . PHE A 1 114 ? -2.437  -2.094  -12.018 1.00 17.02 ? 114 PHE A CD1 1 
ATOM   921  C CD2 . PHE A 1 114 ? -2.188  0.217   -12.597 1.00 16.17 ? 114 PHE A CD2 1 
ATOM   922  C CE1 . PHE A 1 114 ? -1.604  -1.913  -10.918 1.00 17.62 ? 114 PHE A CE1 1 
ATOM   923  C CE2 . PHE A 1 114 ? -1.351  0.407   -11.496 1.00 15.47 ? 114 PHE A CE2 1 
ATOM   924  C CZ  . PHE A 1 114 ? -1.061  -0.659  -10.657 1.00 15.92 ? 114 PHE A CZ  1 
ATOM   925  N N   . ASN A 1 115 ? -6.184  -1.175  -15.904 1.00 13.42 ? 115 ASN A N   1 
ATOM   926  C CA  . ASN A 1 115 ? -6.757  -1.177  -17.243 1.00 14.96 ? 115 ASN A CA  1 
ATOM   927  C C   . ASN A 1 115 ? -7.627  0.049   -17.503 1.00 16.04 ? 115 ASN A C   1 
ATOM   928  O O   . ASN A 1 115 ? -7.601  0.618   -18.592 1.00 16.68 ? 115 ASN A O   1 
ATOM   929  C CB  . ASN A 1 115 ? -7.588  -2.435  -17.483 1.00 16.78 ? 115 ASN A CB  1 
ATOM   930  C CG  . ASN A 1 115 ? -8.297  -2.404  -18.823 1.00 18.16 ? 115 ASN A CG  1 
ATOM   931  O OD1 . ASN A 1 115 ? -9.484  -2.083  -18.906 1.00 20.12 ? 115 ASN A OD1 1 
ATOM   932  N ND2 . ASN A 1 115 ? -7.562  -2.712  -19.881 1.00 18.10 ? 115 ASN A ND2 1 
ATOM   933  N N   . SER A 1 116 ? -8.401  0.455   -16.503 1.00 15.76 ? 116 SER A N   1 
ATOM   934  C CA  . SER A 1 116 ? -9.271  1.615   -16.661 1.00 16.84 ? 116 SER A CA  1 
ATOM   935  C C   . SER A 1 116 ? -8.480  2.915   -16.718 1.00 16.06 ? 116 SER A C   1 
ATOM   936  O O   . SER A 1 116 ? -8.810  3.817   -17.489 1.00 15.10 ? 116 SER A O   1 
ATOM   937  C CB  . SER A 1 116 ? -10.285 1.671   -15.519 1.00 18.33 ? 116 SER A CB  1 
ATOM   938  O OG  . SER A 1 116 ? -11.155 0.555   -15.578 1.00 24.63 ? 116 SER A OG  1 
ATOM   939  N N   . LEU A 1 117 ? -7.433  3.006   -15.903 1.00 16.27 ? 117 LEU A N   1 
ATOM   940  C CA  . LEU A 1 117 ? -6.604  4.202   -15.860 1.00 17.02 ? 117 LEU A CA  1 
ATOM   941  C C   . LEU A 1 117 ? -5.842  4.370   -17.169 1.00 18.41 ? 117 LEU A C   1 
ATOM   942  O O   . LEU A 1 117 ? -5.568  5.487   -17.602 1.00 17.39 ? 117 LEU A O   1 
ATOM   943  C CB  . LEU A 1 117 ? -5.622  4.116   -14.683 1.00 17.58 ? 117 LEU A CB  1 
ATOM   944  C CG  . LEU A 1 117 ? -4.855  5.386   -14.299 1.00 19.55 ? 117 LEU A CG  1 
ATOM   945  C CD1 . LEU A 1 117 ? -5.828  6.526   -14.044 1.00 19.05 ? 117 LEU A CD1 1 
ATOM   946  C CD2 . LEU A 1 117 ? -4.013  5.111   -13.060 1.00 19.88 ? 117 LEU A CD2 1 
ATOM   947  N N   . LEU A 1 118 ? -5.513  3.251   -17.809 1.00 19.66 ? 118 LEU A N   1 
ATOM   948  C CA  . LEU A 1 118 ? -4.776  3.292   -19.065 1.00 22.08 ? 118 LEU A CA  1 
ATOM   949  C C   . LEU A 1 118 ? -5.589  3.977   -20.163 1.00 22.71 ? 118 LEU A C   1 
ATOM   950  O O   . LEU A 1 118 ? -5.029  4.470   -21.142 1.00 23.38 ? 118 LEU A O   1 
ATOM   951  C CB  . LEU A 1 118 ? -4.405  1.872   -19.500 1.00 25.13 ? 118 LEU A CB  1 
ATOM   952  C CG  . LEU A 1 118 ? -3.301  1.753   -20.549 1.00 27.82 ? 118 LEU A CG  1 
ATOM   953  C CD1 . LEU A 1 118 ? -1.988  2.255   -19.957 1.00 28.45 ? 118 LEU A CD1 1 
ATOM   954  C CD2 . LEU A 1 118 ? -3.165  0.299   -20.989 1.00 30.21 ? 118 LEU A CD2 1 
ATOM   955  N N   . GLN A 1 119 ? -6.908  4.015   -19.994 1.00 23.22 ? 119 GLN A N   1 
ATOM   956  C CA  . GLN A 1 119 ? -7.796  4.637   -20.976 1.00 24.75 ? 119 GLN A CA  1 
ATOM   957  C C   . GLN A 1 119 ? -8.076  6.118   -20.719 1.00 23.30 ? 119 GLN A C   1 
ATOM   958  O O   . GLN A 1 119 ? -8.810  6.757   -21.477 1.00 21.62 ? 119 GLN A O   1 
ATOM   959  C CB  . GLN A 1 119 ? -9.128  3.878   -21.036 1.00 27.29 ? 119 GLN A CB  1 
ATOM   960  C CG  . GLN A 1 119 ? -9.247  2.887   -22.191 1.00 34.84 ? 119 GLN A CG  1 
ATOM   961  C CD  . GLN A 1 119 ? -8.278  1.725   -22.093 1.00 37.12 ? 119 GLN A CD  1 
ATOM   962  O OE1 . GLN A 1 119 ? -8.174  0.915   -23.015 1.00 40.66 ? 119 GLN A OE1 1 
ATOM   963  N NE2 . GLN A 1 119 ? -7.569  1.631   -20.976 1.00 39.37 ? 119 GLN A NE2 1 
ATOM   964  N N   . ASP A 1 120 ? -7.488  6.666   -19.659 1.00 20.17 ? 120 ASP A N   1 
ATOM   965  C CA  . ASP A 1 120 ? -7.701  8.068   -19.311 1.00 20.90 ? 120 ASP A CA  1 
ATOM   966  C C   . ASP A 1 120 ? -7.095  9.001   -20.359 1.00 20.42 ? 120 ASP A C   1 
ATOM   967  O O   . ASP A 1 120 ? -5.919  8.889   -20.695 1.00 20.84 ? 120 ASP A O   1 
ATOM   968  C CB  . ASP A 1 120 ? -7.088  8.360   -17.939 1.00 19.63 ? 120 ASP A CB  1 
ATOM   969  C CG  . ASP A 1 120 ? -7.657  9.612   -17.301 1.00 20.61 ? 120 ASP A CG  1 
ATOM   970  O OD1 . ASP A 1 120 ? -7.442  10.715  -17.843 1.00 21.56 ? 120 ASP A OD1 1 
ATOM   971  O OD2 . ASP A 1 120 ? -8.327  9.487   -16.255 1.00 21.03 ? 120 ASP A OD2 1 
ATOM   972  N N   . SER A 1 121 ? -7.899  9.929   -20.867 1.00 21.57 ? 121 SER A N   1 
ATOM   973  C CA  . SER A 1 121 ? -7.423  10.860  -21.884 1.00 23.21 ? 121 SER A CA  1 
ATOM   974  C C   . SER A 1 121 ? -6.759  12.107  -21.308 1.00 23.22 ? 121 SER A C   1 
ATOM   975  O O   . SER A 1 121 ? -6.194  12.908  -22.053 1.00 24.32 ? 121 SER A O   1 
ATOM   976  C CB  . SER A 1 121 ? -8.584  11.286  -22.790 1.00 24.23 ? 121 SER A CB  1 
ATOM   977  O OG  . SER A 1 121 ? -9.551  12.025  -22.064 1.00 25.73 ? 121 SER A OG  1 
ATOM   978  N N   . ALA A 1 122 ? -6.814  12.269  -19.989 1.00 21.22 ? 122 ALA A N   1 
ATOM   979  C CA  . ALA A 1 122 ? -6.231  13.446  -19.356 1.00 20.13 ? 122 ALA A CA  1 
ATOM   980  C C   . ALA A 1 122 ? -5.017  13.174  -18.471 1.00 20.15 ? 122 ALA A C   1 
ATOM   981  O O   . ALA A 1 122 ? -4.176  14.057  -18.290 1.00 19.60 ? 122 ALA A O   1 
ATOM   982  C CB  . ALA A 1 122 ? -7.301  14.177  -18.553 1.00 21.56 ? 122 ALA A CB  1 
ATOM   983  N N   . TYR A 1 123 ? -4.921  11.966  -17.923 1.00 18.05 ? 123 TYR A N   1 
ATOM   984  C CA  . TYR A 1 123 ? -3.802  11.625  -17.049 1.00 18.27 ? 123 TYR A CA  1 
ATOM   985  C C   . TYR A 1 123 ? -3.042  10.375  -17.465 1.00 16.91 ? 123 TYR A C   1 
ATOM   986  O O   . TYR A 1 123 ? -3.594  9.486   -18.107 1.00 16.76 ? 123 TYR A O   1 
ATOM   987  C CB  . TYR A 1 123 ? -4.291  11.437  -15.610 1.00 18.79 ? 123 TYR A CB  1 
ATOM   988  C CG  . TYR A 1 123 ? -4.819  12.698  -14.976 1.00 21.34 ? 123 TYR A CG  1 
ATOM   989  C CD1 . TYR A 1 123 ? -6.134  13.109  -15.186 1.00 22.94 ? 123 TYR A CD1 1 
ATOM   990  C CD2 . TYR A 1 123 ? -3.995  13.495  -14.184 1.00 22.96 ? 123 TYR A CD2 1 
ATOM   991  C CE1 . TYR A 1 123 ? -6.615  14.287  -14.620 1.00 26.20 ? 123 TYR A CE1 1 
ATOM   992  C CE2 . TYR A 1 123 ? -4.465  14.673  -13.616 1.00 24.47 ? 123 TYR A CE2 1 
ATOM   993  C CZ  . TYR A 1 123 ? -5.772  15.062  -13.838 1.00 26.36 ? 123 TYR A CZ  1 
ATOM   994  O OH  . TYR A 1 123 ? -6.235  16.231  -13.281 1.00 30.34 ? 123 TYR A OH  1 
ATOM   995  N N   . GLU A 1 124 ? -1.770  10.320  -17.084 1.00 17.00 ? 124 GLU A N   1 
ATOM   996  C CA  . GLU A 1 124 ? -0.918  9.178   -17.388 1.00 18.23 ? 124 GLU A CA  1 
ATOM   997  C C   . GLU A 1 124 ? -0.202  8.769   -16.104 1.00 17.12 ? 124 GLU A C   1 
ATOM   998  O O   . GLU A 1 124 ? 0.056   9.605   -15.236 1.00 16.54 ? 124 GLU A O   1 
ATOM   999  C CB  . GLU A 1 124 ? 0.092   9.542   -18.484 1.00 20.74 ? 124 GLU A CB  1 
ATOM   1000 C CG  . GLU A 1 124 ? 1.186   10.518  -18.075 1.00 23.20 ? 124 GLU A CG  1 
ATOM   1001 C CD  . GLU A 1 124 ? 1.918   11.100  -19.280 1.00 29.05 ? 124 GLU A CD  1 
ATOM   1002 O OE1 . GLU A 1 124 ? 2.090   10.372  -20.282 1.00 29.54 ? 124 GLU A OE1 1 
ATOM   1003 O OE2 . GLU A 1 124 ? 2.326   12.282  -19.225 1.00 30.52 ? 124 GLU A OE2 1 
ATOM   1004 N N   . MET A 1 125 ? 0.108   7.484   -15.978 1.00 17.14 ? 125 MET A N   1 
ATOM   1005 C CA  . MET A 1 125 ? 0.775   6.983   -14.780 1.00 15.90 ? 125 MET A CA  1 
ATOM   1006 C C   . MET A 1 125 ? 2.252   7.348   -14.695 1.00 16.52 ? 125 MET A C   1 
ATOM   1007 O O   . MET A 1 125 ? 2.964   7.354   -15.700 1.00 16.08 ? 125 MET A O   1 
ATOM   1008 C CB  . MET A 1 125 ? 0.610   5.467   -14.694 1.00 15.80 ? 125 MET A CB  1 
ATOM   1009 C CG  . MET A 1 125 ? -0.828  5.035   -14.504 1.00 16.04 ? 125 MET A CG  1 
ATOM   1010 S SD  . MET A 1 125 ? -1.032  3.252   -14.478 1.00 20.27 ? 125 MET A SD  1 
ATOM   1011 C CE  . MET A 1 125 ? -1.532  2.951   -16.194 1.00 21.55 ? 125 MET A CE  1 
ATOM   1012 N N   . LEU A 1 126 ? 2.701   7.653   -13.482 1.00 14.87 ? 126 LEU A N   1 
ATOM   1013 C CA  . LEU A 1 126 ? 4.092   8.018   -13.230 1.00 15.29 ? 126 LEU A CA  1 
ATOM   1014 C C   . LEU A 1 126 ? 4.882   6.823   -12.709 1.00 15.33 ? 126 LEU A C   1 
ATOM   1015 O O   . LEU A 1 126 ? 4.310   5.883   -12.149 1.00 14.82 ? 126 LEU A O   1 
ATOM   1016 C CB  . LEU A 1 126 ? 4.165   9.140   -12.189 1.00 15.44 ? 126 LEU A CB  1 
ATOM   1017 C CG  . LEU A 1 126 ? 3.720   10.552  -12.574 1.00 15.26 ? 126 LEU A CG  1 
ATOM   1018 C CD1 . LEU A 1 126 ? 3.591   11.401  -11.320 1.00 13.89 ? 126 LEU A CD1 1 
ATOM   1019 C CD2 . LEU A 1 126 ? 4.734   11.161  -13.539 1.00 17.25 ? 126 LEU A CD2 1 
ATOM   1020 N N   . PRO A 1 127 ? 6.213   6.844   -12.889 1.00 15.91 ? 127 PRO A N   1 
ATOM   1021 C CA  . PRO A 1 127 ? 7.083   5.759   -12.428 1.00 16.13 ? 127 PRO A CA  1 
ATOM   1022 C C   . PRO A 1 127 ? 7.339   5.886   -10.928 1.00 16.76 ? 127 PRO A C   1 
ATOM   1023 O O   . PRO A 1 127 ? 8.460   6.166   -10.496 1.00 16.81 ? 127 PRO A O   1 
ATOM   1024 C CB  . PRO A 1 127 ? 8.348   5.966   -13.252 1.00 16.05 ? 127 PRO A CB  1 
ATOM   1025 C CG  . PRO A 1 127 ? 8.423   7.450   -13.343 1.00 16.78 ? 127 PRO A CG  1 
ATOM   1026 C CD  . PRO A 1 127 ? 6.985   7.839   -13.659 1.00 17.01 ? 127 PRO A CD  1 
ATOM   1027 N N   . LYS A 1 128 ? 6.286   5.687   -10.142 1.00 14.82 ? 128 LYS A N   1 
ATOM   1028 C CA  . LYS A 1 128 ? 6.370   5.780   -8.689  1.00 13.51 ? 128 LYS A CA  1 
ATOM   1029 C C   . LYS A 1 128 ? 5.644   4.589   -8.073  1.00 13.40 ? 128 LYS A C   1 
ATOM   1030 O O   . LYS A 1 128 ? 4.737   4.018   -8.682  1.00 13.45 ? 128 LYS A O   1 
ATOM   1031 C CB  . LYS A 1 128 ? 5.715   7.080   -8.206  1.00 14.78 ? 128 LYS A CB  1 
ATOM   1032 C CG  . LYS A 1 128 ? 6.410   8.346   -8.692  1.00 15.09 ? 128 LYS A CG  1 
ATOM   1033 C CD  . LYS A 1 128 ? 5.607   9.601   -8.361  1.00 14.97 ? 128 LYS A CD  1 
ATOM   1034 C CE  . LYS A 1 128 ? 5.356   9.741   -6.862  1.00 15.91 ? 128 LYS A CE  1 
ATOM   1035 N NZ  . LYS A 1 128 ? 4.757   11.068  -6.525  1.00 14.92 ? 128 LYS A NZ  1 
ATOM   1036 N N   . PRO A 1 129 ? 6.029   4.194   -6.853  1.00 12.61 ? 129 PRO A N   1 
ATOM   1037 C CA  . PRO A 1 129 ? 5.329   3.051   -6.266  1.00 12.20 ? 129 PRO A CA  1 
ATOM   1038 C C   . PRO A 1 129 ? 3.847   3.336   -6.040  1.00 11.88 ? 129 PRO A C   1 
ATOM   1039 O O   . PRO A 1 129 ? 3.449   4.481   -5.829  1.00 10.28 ? 129 PRO A O   1 
ATOM   1040 C CB  . PRO A 1 129 ? 6.082   2.816   -4.957  1.00 13.85 ? 129 PRO A CB  1 
ATOM   1041 C CG  . PRO A 1 129 ? 6.556   4.186   -4.589  1.00 16.30 ? 129 PRO A CG  1 
ATOM   1042 C CD  . PRO A 1 129 ? 7.019   4.756   -5.917  1.00 13.82 ? 129 PRO A CD  1 
ATOM   1043 N N   . CYS A 1 130 ? 3.031   2.290   -6.114  1.00 10.86 ? 130 CYS A N   1 
ATOM   1044 C CA  . CYS A 1 130 ? 1.603   2.428   -5.872  1.00 10.47 ? 130 CYS A CA  1 
ATOM   1045 C C   . CYS A 1 130 ? 1.352   1.781   -4.516  1.00 9.96  ? 130 CYS A C   1 
ATOM   1046 O O   . CYS A 1 130 ? 2.190   1.027   -4.019  1.00 10.83 ? 130 CYS A O   1 
ATOM   1047 C CB  . CYS A 1 130 ? 0.782   1.740   -6.972  1.00 9.98  ? 130 CYS A CB  1 
ATOM   1048 S SG  . CYS A 1 130 ? 1.130   -0.024  -7.238  1.00 11.70 ? 130 CYS A SG  1 
ATOM   1049 N N   . PHE A 1 131 ? 0.217   2.078   -3.899  1.00 8.26  ? 131 PHE A N   1 
ATOM   1050 C CA  . PHE A 1 131 ? -0.054  1.493   -2.597  1.00 8.51  ? 131 PHE A CA  1 
ATOM   1051 C C   . PHE A 1 131 ? -1.538  1.378   -2.330  1.00 8.47  ? 131 PHE A C   1 
ATOM   1052 O O   . PHE A 1 131 ? -2.361  1.977   -3.030  1.00 9.10  ? 131 PHE A O   1 
ATOM   1053 C CB  . PHE A 1 131 ? 0.621   2.327   -1.499  1.00 6.35  ? 131 PHE A CB  1 
ATOM   1054 C CG  . PHE A 1 131 ? 0.135   3.752   -1.420  1.00 9.25  ? 131 PHE A CG  1 
ATOM   1055 C CD1 . PHE A 1 131 ? -0.880  4.112   -0.537  1.00 9.88  ? 131 PHE A CD1 1 
ATOM   1056 C CD2 . PHE A 1 131 ? 0.709   4.740   -2.216  1.00 10.69 ? 131 PHE A CD2 1 
ATOM   1057 C CE1 . PHE A 1 131 ? -1.317  5.443   -0.440  1.00 10.95 ? 131 PHE A CE1 1 
ATOM   1058 C CE2 . PHE A 1 131 ? 0.283   6.071   -2.129  1.00 11.90 ? 131 PHE A CE2 1 
ATOM   1059 C CZ  . PHE A 1 131 ? -0.734  6.421   -1.237  1.00 11.81 ? 131 PHE A CZ  1 
ATOM   1060 N N   . GLU A 1 132 ? -1.885  0.586   -1.327  1.00 8.05  ? 132 GLU A N   1 
ATOM   1061 C CA  . GLU A 1 132 ? -3.284  0.440   -0.982  1.00 9.13  ? 132 GLU A CA  1 
ATOM   1062 C C   . GLU A 1 132 ? -3.454  0.514   0.521   1.00 10.58 ? 132 GLU A C   1 
ATOM   1063 O O   . GLU A 1 132 ? -2.586  0.082   1.289   1.00 9.28  ? 132 GLU A O   1 
ATOM   1064 C CB  . GLU A 1 132 ? -3.844  -0.882  -1.517  1.00 10.57 ? 132 GLU A CB  1 
ATOM   1065 C CG  . GLU A 1 132 ? -3.305  -2.131  -0.829  1.00 9.33  ? 132 GLU A CG  1 
ATOM   1066 C CD  . GLU A 1 132 ? -3.696  -3.400  -1.561  1.00 12.25 ? 132 GLU A CD  1 
ATOM   1067 O OE1 . GLU A 1 132 ? -2.792  -4.091  -2.069  1.00 13.51 ? 132 GLU A OE1 1 
ATOM   1068 O OE2 . GLU A 1 132 ? -4.906  -3.704  -1.633  1.00 13.30 ? 132 GLU A OE2 1 
ATOM   1069 N N   . VAL A 1 133 ? -4.576  1.093   0.926   1.00 9.41  ? 133 VAL A N   1 
ATOM   1070 C CA  . VAL A 1 133 ? -4.930  1.235   2.328   1.00 9.70  ? 133 VAL A CA  1 
ATOM   1071 C C   . VAL A 1 133 ? -6.014  0.200   2.603   1.00 9.48  ? 133 VAL A C   1 
ATOM   1072 O O   . VAL A 1 133 ? -6.985  0.110   1.853   1.00 9.53  ? 133 VAL A O   1 
ATOM   1073 C CB  . VAL A 1 133 ? -5.518  2.640   2.617   1.00 9.33  ? 133 VAL A CB  1 
ATOM   1074 C CG1 . VAL A 1 133 ? -6.104  2.687   4.032   1.00 8.83  ? 133 VAL A CG1 1 
ATOM   1075 C CG2 . VAL A 1 133 ? -4.443  3.700   2.447   1.00 9.51  ? 133 VAL A CG2 1 
ATOM   1076 N N   . TYR A 1 134 ? -5.840  -0.596  3.654   1.00 9.75  ? 134 TYR A N   1 
ATOM   1077 C CA  . TYR A 1 134 ? -6.851  -1.591  4.008   1.00 11.42 ? 134 TYR A CA  1 
ATOM   1078 C C   . TYR A 1 134 ? -7.780  -0.886  4.988   1.00 11.66 ? 134 TYR A C   1 
ATOM   1079 O O   . TYR A 1 134 ? -7.425  -0.646  6.144   1.00 12.93 ? 134 TYR A O   1 
ATOM   1080 C CB  . TYR A 1 134 ? -6.204  -2.828  4.644   1.00 11.55 ? 134 TYR A CB  1 
ATOM   1081 C CG  . TYR A 1 134 ? -5.266  -3.550  3.705   1.00 13.04 ? 134 TYR A CG  1 
ATOM   1082 C CD1 . TYR A 1 134 ? -3.938  -3.146  3.566   1.00 13.19 ? 134 TYR A CD1 1 
ATOM   1083 C CD2 . TYR A 1 134 ? -5.718  -4.603  2.912   1.00 12.81 ? 134 TYR A CD2 1 
ATOM   1084 C CE1 . TYR A 1 134 ? -3.085  -3.768  2.658   1.00 12.87 ? 134 TYR A CE1 1 
ATOM   1085 C CE2 . TYR A 1 134 ? -4.872  -5.234  2.000   1.00 13.26 ? 134 TYR A CE2 1 
ATOM   1086 C CZ  . TYR A 1 134 ? -3.559  -4.812  1.878   1.00 13.46 ? 134 TYR A CZ  1 
ATOM   1087 O OH  . TYR A 1 134 ? -2.720  -5.421  0.972   1.00 15.46 ? 134 TYR A OH  1 
ATOM   1088 N N   . LEU A 1 135 ? -8.967  -0.544  4.500   1.00 11.96 ? 135 LEU A N   1 
ATOM   1089 C CA  . LEU A 1 135 ? -9.960  0.196   5.267   1.00 14.61 ? 135 LEU A CA  1 
ATOM   1090 C C   . LEU A 1 135 ? -10.570 -0.497  6.481   1.00 17.26 ? 135 LEU A C   1 
ATOM   1091 O O   . LEU A 1 135 ? -10.863 0.153   7.486   1.00 19.16 ? 135 LEU A O   1 
ATOM   1092 C CB  . LEU A 1 135 ? -11.068 0.658   4.319   1.00 14.00 ? 135 LEU A CB  1 
ATOM   1093 C CG  . LEU A 1 135 ? -10.577 1.528   3.155   1.00 12.94 ? 135 LEU A CG  1 
ATOM   1094 C CD1 . LEU A 1 135 ? -11.703 1.756   2.157   1.00 13.06 ? 135 LEU A CD1 1 
ATOM   1095 C CD2 . LEU A 1 135 ? -10.054 2.855   3.694   1.00 13.80 ? 135 LEU A CD2 1 
ATOM   1096 N N   . ASN A 1 136 ? -10.760 -1.808  6.398   1.00 17.42 ? 136 ASN A N   1 
ATOM   1097 C CA  . ASN A 1 136 ? -11.351 -2.547  7.506   1.00 18.78 ? 136 ASN A CA  1 
ATOM   1098 C C   . ASN A 1 136 ? -10.557 -3.808  7.806   1.00 19.75 ? 136 ASN A C   1 
ATOM   1099 O O   . ASN A 1 136 ? -9.634  -4.168  7.076   1.00 18.42 ? 136 ASN A O   1 
ATOM   1100 C CB  . ASN A 1 136 ? -12.790 -2.939  7.163   1.00 17.44 ? 136 ASN A CB  1 
ATOM   1101 C CG  . ASN A 1 136 ? -12.856 -3.980  6.067   1.00 18.38 ? 136 ASN A CG  1 
ATOM   1102 O OD1 . ASN A 1 136 ? -12.203 -3.846  5.036   1.00 17.47 ? 136 ASN A OD1 1 
ATOM   1103 N ND2 . ASN A 1 136 ? -13.649 -5.027  6.284   1.00 18.23 ? 136 ASN A ND2 1 
ATOM   1104 N N   . ASN A 1 137 ? -10.933 -4.480  8.888   1.00 21.40 ? 137 ASN A N   1 
ATOM   1105 C CA  . ASN A 1 137 ? -10.274 -5.713  9.287   1.00 22.88 ? 137 ASN A CA  1 
ATOM   1106 C C   . ASN A 1 137 ? -11.049 -6.880  8.679   1.00 23.05 ? 137 ASN A C   1 
ATOM   1107 O O   . ASN A 1 137 ? -12.022 -7.359  9.262   1.00 23.34 ? 137 ASN A O   1 
ATOM   1108 C CB  . ASN A 1 137 ? -10.268 -5.838  10.809  1.00 24.78 ? 137 ASN A CB  1 
ATOM   1109 C CG  . ASN A 1 137 ? -9.415  -6.986  11.290  1.00 26.04 ? 137 ASN A CG  1 
ATOM   1110 O OD1 . ASN A 1 137 ? -9.481  -8.090  10.753  1.00 27.10 ? 137 ASN A OD1 1 
ATOM   1111 N ND2 . ASN A 1 137 ? -8.610  -6.736  12.315  1.00 30.14 ? 137 ASN A ND2 1 
ATOM   1112 N N   . GLY A 1 138 ? -10.613 -7.326  7.506   1.00 23.26 ? 138 GLY A N   1 
ATOM   1113 C CA  . GLY A 1 138 ? -11.287 -8.422  6.833   1.00 24.87 ? 138 GLY A CA  1 
ATOM   1114 C C   . GLY A 1 138 ? -11.175 -9.757  7.548   1.00 26.76 ? 138 GLY A C   1 
ATOM   1115 O O   . GLY A 1 138 ? -11.970 -10.667 7.302   1.00 26.51 ? 138 GLY A O   1 
ATOM   1116 N N   . ALA A 1 139 ? -10.187 -9.882  8.428   1.00 27.22 ? 139 ALA A N   1 
ATOM   1117 C CA  . ALA A 1 139 ? -9.991  -11.117 9.175   1.00 30.51 ? 139 ALA A CA  1 
ATOM   1118 C C   . ALA A 1 139 ? -11.165 -11.340 10.123  1.00 32.38 ? 139 ALA A C   1 
ATOM   1119 O O   . ALA A 1 139 ? -11.366 -12.444 10.635  1.00 33.84 ? 139 ALA A O   1 
ATOM   1120 C CB  . ALA A 1 139 ? -8.683  -11.056 9.955   1.00 31.04 ? 139 ALA A CB  1 
ATOM   1121 N N   . GLU A 1 140 ? -11.952 -10.269 10.332  1.00 33.51 ? 140 GLU A N   1 
ATOM   1122 C CA  . GLU A 1 140 ? -13.098 -10.350 11.228  1.00 34.63 ? 140 GLU A CA  1 
ATOM   1123 C C   . GLU A 1 140 ? -14.424 -10.070 10.527  1.00 33.70 ? 140 GLU A C   1 
ATOM   1124 O O   . GLU A 1 140 ? -15.471 -10.558 10.955  1.00 33.60 ? 140 GLU A O   1 
ATOM   1125 C CB  . GLU A 1 140 ? -12.917 -9.378  12.397  1.00 36.60 ? 140 GLU A CB  1 
ATOM   1126 C CG  . GLU A 1 140 ? -11.650 -9.616  13.204  1.00 40.13 ? 140 GLU A CG  1 
ATOM   1127 C CD  . GLU A 1 140 ? -11.493 -8.646  14.358  1.00 42.87 ? 140 GLU A CD  1 
ATOM   1128 O OE1 . GLU A 1 140 ? -12.212 -7.623  14.381  1.00 43.64 ? 140 GLU A OE1 1 
ATOM   1129 O OE2 . GLU A 1 140 ? -10.638 -8.903  15.236  1.00 44.28 ? 140 GLU A OE2 1 
ATOM   1130 N N   . ASP A 1 141 ? -14.389 -9.296  9.448   1.00 31.35 ? 141 ASP A N   1 
ATOM   1131 C CA  . ASP A 1 141 ? -15.609 -8.962  8.719   1.00 30.84 ? 141 ASP A CA  1 
ATOM   1132 C C   . ASP A 1 141 ? -15.952 -9.960  7.615   1.00 29.12 ? 141 ASP A C   1 
ATOM   1133 O O   . ASP A 1 141 ? -17.109 -10.079 7.219   1.00 30.33 ? 141 ASP A O   1 
ATOM   1134 C CB  . ASP A 1 141 ? -15.505 -7.555  8.123   1.00 31.62 ? 141 ASP A CB  1 
ATOM   1135 C CG  . ASP A 1 141 ? -15.279 -6.492  9.180   1.00 33.17 ? 141 ASP A CG  1 
ATOM   1136 O OD1 . ASP A 1 141 ? -15.544 -6.773  10.368  1.00 32.87 ? 141 ASP A OD1 1 
ATOM   1137 O OD2 . ASP A 1 141 ? -14.850 -5.373  8.822   1.00 33.15 ? 141 ASP A OD2 1 
ATOM   1138 N N   . GLY A 1 142 ? -14.947 -10.672 7.118   1.00 27.34 ? 142 GLY A N   1 
ATOM   1139 C CA  . GLY A 1 142 ? -15.192 -11.641 6.065   1.00 24.83 ? 142 GLY A CA  1 
ATOM   1140 C C   . GLY A 1 142 ? -15.011 -11.080 4.667   1.00 23.13 ? 142 GLY A C   1 
ATOM   1141 O O   . GLY A 1 142 ? -15.219 -11.784 3.680   1.00 21.82 ? 142 GLY A O   1 
ATOM   1142 N N   . TYR A 1 143 ? -14.635 -9.808  4.584   1.00 20.16 ? 143 TYR A N   1 
ATOM   1143 C CA  . TYR A 1 143 ? -14.407 -9.138  3.306   1.00 18.33 ? 143 TYR A CA  1 
ATOM   1144 C C   . TYR A 1 143 ? -13.432 -7.995  3.562   1.00 15.96 ? 143 TYR A C   1 
ATOM   1145 O O   . TYR A 1 143 ? -13.370 -7.470  4.672   1.00 14.81 ? 143 TYR A O   1 
ATOM   1146 C CB  . TYR A 1 143 ? -15.722 -8.594  2.728   1.00 19.54 ? 143 TYR A CB  1 
ATOM   1147 C CG  . TYR A 1 143 ? -16.394 -7.540  3.583   1.00 22.45 ? 143 TYR A CG  1 
ATOM   1148 C CD1 . TYR A 1 143 ? -15.959 -6.215  3.564   1.00 22.02 ? 143 TYR A CD1 1 
ATOM   1149 C CD2 . TYR A 1 143 ? -17.451 -7.874  4.429   1.00 22.97 ? 143 TYR A CD2 1 
ATOM   1150 C CE1 . TYR A 1 143 ? -16.555 -5.249  4.367   1.00 23.73 ? 143 TYR A CE1 1 
ATOM   1151 C CE2 . TYR A 1 143 ? -18.057 -6.914  5.238   1.00 24.75 ? 143 TYR A CE2 1 
ATOM   1152 C CZ  . TYR A 1 143 ? -17.603 -5.605  5.203   1.00 25.76 ? 143 TYR A CZ  1 
ATOM   1153 O OH  . TYR A 1 143 ? -18.186 -4.654  6.007   1.00 25.80 ? 143 TYR A OH  1 
ATOM   1154 N N   . TRP A 1 144 ? -12.666 -7.625  2.543   1.00 14.44 ? 144 TRP A N   1 
ATOM   1155 C CA  . TRP A 1 144 ? -11.692 -6.554  2.685   1.00 13.76 ? 144 TRP A CA  1 
ATOM   1156 C C   . TRP A 1 144 ? -11.980 -5.383  1.757   1.00 12.00 ? 144 TRP A C   1 
ATOM   1157 O O   . TRP A 1 144 ? -12.012 -5.546  0.539   1.00 13.90 ? 144 TRP A O   1 
ATOM   1158 C CB  . TRP A 1 144 ? -10.278 -7.063  2.386   1.00 15.23 ? 144 TRP A CB  1 
ATOM   1159 C CG  . TRP A 1 144 ? -9.781  -8.134  3.309   1.00 18.15 ? 144 TRP A CG  1 
ATOM   1160 C CD1 . TRP A 1 144 ? -10.080 -9.465  3.261   1.00 18.33 ? 144 TRP A CD1 1 
ATOM   1161 C CD2 . TRP A 1 144 ? -8.898  -7.961  4.421   1.00 19.97 ? 144 TRP A CD2 1 
ATOM   1162 N NE1 . TRP A 1 144 ? -9.437  -10.133 4.276   1.00 19.08 ? 144 TRP A NE1 1 
ATOM   1163 C CE2 . TRP A 1 144 ? -8.704  -9.234  5.003   1.00 20.97 ? 144 TRP A CE2 1 
ATOM   1164 C CE3 . TRP A 1 144 ? -8.252  -6.854  4.985   1.00 20.60 ? 144 TRP A CE3 1 
ATOM   1165 C CZ2 . TRP A 1 144 ? -7.889  -9.428  6.124   1.00 22.90 ? 144 TRP A CZ2 1 
ATOM   1166 C CZ3 . TRP A 1 144 ? -7.441  -7.048  6.101   1.00 23.20 ? 144 TRP A CZ3 1 
ATOM   1167 C CH2 . TRP A 1 144 ? -7.269  -8.328  6.656   1.00 22.03 ? 144 TRP A CH2 1 
ATOM   1168 N N   . ASP A 1 145 ? -12.194 -4.205  2.336   1.00 10.88 ? 145 ASP A N   1 
ATOM   1169 C CA  . ASP A 1 145 ? -12.423 -3.009  1.537   1.00 10.59 ? 145 ASP A CA  1 
ATOM   1170 C C   . ASP A 1 145 ? -11.060 -2.355  1.399   1.00 9.62  ? 145 ASP A C   1 
ATOM   1171 O O   . ASP A 1 145 ? -10.370 -2.130  2.397   1.00 9.58  ? 145 ASP A O   1 
ATOM   1172 C CB  . ASP A 1 145 ? -13.387 -2.043  2.233   1.00 11.19 ? 145 ASP A CB  1 
ATOM   1173 C CG  . ASP A 1 145 ? -14.811 -2.564  2.271   1.00 13.71 ? 145 ASP A CG  1 
ATOM   1174 O OD1 . ASP A 1 145 ? -15.117 -3.521  1.529   1.00 15.70 ? 145 ASP A OD1 1 
ATOM   1175 O OD2 . ASP A 1 145 ? -15.625 -2.003  3.034   1.00 14.90 ? 145 ASP A OD2 1 
ATOM   1176 N N   . ILE A 1 146 ? -10.668 -2.067  0.164   1.00 10.45 ? 146 ILE A N   1 
ATOM   1177 C CA  . ILE A 1 146 ? -9.376  -1.460  -0.093  1.00 9.09  ? 146 ILE A CA  1 
ATOM   1178 C C   . ILE A 1 146 ? -9.483  -0.162  -0.874  1.00 10.23 ? 146 ILE A C   1 
ATOM   1179 O O   . ILE A 1 146 ? -10.435 0.063   -1.627  1.00 10.41 ? 146 ILE A O   1 
ATOM   1180 C CB  . ILE A 1 146 ? -8.446  -2.424  -0.867  1.00 9.70  ? 146 ILE A CB  1 
ATOM   1181 C CG1 . ILE A 1 146 ? -9.030  -2.721  -2.251  1.00 10.86 ? 146 ILE A CG1 1 
ATOM   1182 C CG2 . ILE A 1 146 ? -8.283  -3.725  -0.083  1.00 12.14 ? 146 ILE A CG2 1 
ATOM   1183 C CD1 . ILE A 1 146 ? -8.158  -3.637  -3.092  1.00 11.58 ? 146 ILE A CD1 1 
ATOM   1184 N N   . GLU A 1 147 ? -8.484  0.688   -0.671  1.00 9.33  ? 147 GLU A N   1 
ATOM   1185 C CA  . GLU A 1 147 ? -8.403  1.977   -1.333  1.00 9.41  ? 147 GLU A CA  1 
ATOM   1186 C C   . GLU A 1 147 ? -7.037  1.995   -2.018  1.00 9.53  ? 147 GLU A C   1 
ATOM   1187 O O   . GLU A 1 147 ? -5.997  2.047   -1.354  1.00 9.66  ? 147 GLU A O   1 
ATOM   1188 C CB  . GLU A 1 147 ? -8.518  3.077   -0.280  1.00 12.89 ? 147 GLU A CB  1 
ATOM   1189 C CG  . GLU A 1 147 ? -8.566  4.485   -0.811  1.00 14.82 ? 147 GLU A CG  1 
ATOM   1190 C CD  . GLU A 1 147 ? -8.824  5.484   0.301   1.00 21.17 ? 147 GLU A CD  1 
ATOM   1191 O OE1 . GLU A 1 147 ? -8.130  5.412   1.342   1.00 23.92 ? 147 GLU A OE1 1 
ATOM   1192 O OE2 . GLU A 1 147 ? -9.714  6.338   0.134   1.00 23.42 ? 147 GLU A OE2 1 
ATOM   1193 N N   . MET A 1 148 ? -7.050  1.923   -3.347  1.00 8.27  ? 148 MET A N   1 
ATOM   1194 C CA  . MET A 1 148 ? -5.824  1.894   -4.141  1.00 7.96  ? 148 MET A CA  1 
ATOM   1195 C C   . MET A 1 148 ? -5.407  3.274   -4.625  1.00 7.60  ? 148 MET A C   1 
ATOM   1196 O O   . MET A 1 148 ? -6.245  4.072   -5.050  1.00 8.50  ? 148 MET A O   1 
ATOM   1197 C CB  . MET A 1 148 ? -6.006  0.963   -5.348  1.00 8.13  ? 148 MET A CB  1 
ATOM   1198 C CG  . MET A 1 148 ? -6.294  -0.481  -4.979  1.00 8.45  ? 148 MET A CG  1 
ATOM   1199 S SD  . MET A 1 148 ? -6.907  -1.465  -6.387  1.00 9.86  ? 148 MET A SD  1 
ATOM   1200 C CE  . MET A 1 148 ? -8.545  -0.793  -6.528  1.00 11.40 ? 148 MET A CE  1 
ATOM   1201 N N   . TYR A 1 149 ? -4.103  3.536   -4.557  1.00 9.14  ? 149 TYR A N   1 
ATOM   1202 C CA  . TYR A 1 149 ? -3.521  4.806   -4.977  1.00 8.23  ? 149 TYR A CA  1 
ATOM   1203 C C   . TYR A 1 149 ? -2.463  4.583   -6.050  1.00 7.67  ? 149 TYR A C   1 
ATOM   1204 O O   . TYR A 1 149 ? -1.516  3.816   -5.845  1.00 9.07  ? 149 TYR A O   1 
ATOM   1205 C CB  . TYR A 1 149 ? -2.850  5.512   -3.796  1.00 8.12  ? 149 TYR A CB  1 
ATOM   1206 C CG  . TYR A 1 149 ? -3.783  6.027   -2.727  1.00 10.15 ? 149 TYR A CG  1 
ATOM   1207 C CD1 . TYR A 1 149 ? -4.373  5.161   -1.803  1.00 8.36  ? 149 TYR A CD1 1 
ATOM   1208 C CD2 . TYR A 1 149 ? -4.049  7.391   -2.616  1.00 10.82 ? 149 TYR A CD2 1 
ATOM   1209 C CE1 . TYR A 1 149 ? -5.202  5.650   -0.789  1.00 8.17  ? 149 TYR A CE1 1 
ATOM   1210 C CE2 . TYR A 1 149 ? -4.878  7.886   -1.612  1.00 10.62 ? 149 TYR A CE2 1 
ATOM   1211 C CZ  . TYR A 1 149 ? -5.447  7.010   -0.701  1.00 10.67 ? 149 TYR A CZ  1 
ATOM   1212 O OH  . TYR A 1 149 ? -6.249  7.502   0.301   1.00 9.83  ? 149 TYR A OH  1 
ATOM   1213 N N   . VAL A 1 150 ? -2.621  5.261   -7.184  1.00 7.88  ? 150 VAL A N   1 
ATOM   1214 C CA  . VAL A 1 150 ? -1.671  5.158   -8.291  1.00 8.21  ? 150 VAL A CA  1 
ATOM   1215 C C   . VAL A 1 150 ? -1.242  6.566   -8.705  1.00 9.30  ? 150 VAL A C   1 
ATOM   1216 O O   . VAL A 1 150 ? -2.073  7.405   -9.053  1.00 9.58  ? 150 VAL A O   1 
ATOM   1217 C CB  . VAL A 1 150 ? -2.299  4.435   -9.507  1.00 9.38  ? 150 VAL A CB  1 
ATOM   1218 C CG1 . VAL A 1 150 ? -1.323  4.435   -10.673 1.00 9.64  ? 150 VAL A CG1 1 
ATOM   1219 C CG2 . VAL A 1 150 ? -2.673  3.007   -9.124  1.00 8.17  ? 150 VAL A CG2 1 
ATOM   1220 N N   . ALA A 1 151 ? 0.061   6.824   -8.655  1.00 9.67  ? 151 ALA A N   1 
ATOM   1221 C CA  . ALA A 1 151 ? 0.593   8.141   -9.007  1.00 10.43 ? 151 ALA A CA  1 
ATOM   1222 C C   . ALA A 1 151 ? 0.367   8.508   -10.475 1.00 11.18 ? 151 ALA A C   1 
ATOM   1223 O O   . ALA A 1 151 ? 0.600   7.693   -11.367 1.00 10.86 ? 151 ALA A O   1 
ATOM   1224 C CB  . ALA A 1 151 ? 2.086   8.192   -8.681  1.00 11.30 ? 151 ALA A CB  1 
ATOM   1225 N N   . VAL A 1 152 ? -0.086  9.737   -10.722 1.00 10.69 ? 152 VAL A N   1 
ATOM   1226 C CA  . VAL A 1 152 ? -0.324  10.210  -12.087 1.00 11.65 ? 152 VAL A CA  1 
ATOM   1227 C C   . VAL A 1 152 ? 0.051   11.683  -12.271 1.00 12.28 ? 152 VAL A C   1 
ATOM   1228 O O   . VAL A 1 152 ? 0.320   12.403  -11.305 1.00 11.69 ? 152 VAL A O   1 
ATOM   1229 C CB  . VAL A 1 152 ? -1.815  10.074  -12.492 1.00 11.10 ? 152 VAL A CB  1 
ATOM   1230 C CG1 . VAL A 1 152 ? -2.271  8.628   -12.385 1.00 11.53 ? 152 VAL A CG1 1 
ATOM   1231 C CG2 . VAL A 1 152 ? -2.675  10.977  -11.609 1.00 12.95 ? 152 VAL A CG2 1 
ATOM   1232 N N   . GLN A 1 153 ? 0.067   12.116  -13.528 1.00 14.51 ? 153 GLN A N   1 
ATOM   1233 C CA  . GLN A 1 153 ? 0.351   13.504  -13.877 1.00 17.54 ? 153 GLN A CA  1 
ATOM   1234 C C   . GLN A 1 153 ? -0.429  13.775  -15.162 1.00 18.27 ? 153 GLN A C   1 
ATOM   1235 O O   . GLN A 1 153 ? -0.754  12.846  -15.902 1.00 18.46 ? 153 GLN A O   1 
ATOM   1236 C CB  . GLN A 1 153 ? 1.854   13.725  -14.109 1.00 19.99 ? 153 GLN A CB  1 
ATOM   1237 C CG  . GLN A 1 153 ? 2.353   13.340  -15.496 1.00 23.04 ? 153 GLN A CG  1 
ATOM   1238 C CD  . GLN A 1 153 ? 3.850   13.556  -15.660 1.00 26.64 ? 153 GLN A CD  1 
ATOM   1239 O OE1 . GLN A 1 153 ? 4.417   14.499  -15.111 1.00 25.74 ? 153 GLN A OE1 1 
ATOM   1240 N NE2 . GLN A 1 153 ? 4.493   12.685  -16.433 1.00 28.31 ? 153 GLN A NE2 1 
ATOM   1241 N N   . PRO A 1 154 ? -0.760  15.045  -15.438 1.00 20.93 ? 154 PRO A N   1 
ATOM   1242 C CA  . PRO A 1 154 ? -1.510  15.347  -16.663 1.00 22.11 ? 154 PRO A CA  1 
ATOM   1243 C C   . PRO A 1 154 ? -0.739  14.945  -17.918 1.00 23.96 ? 154 PRO A C   1 
ATOM   1244 O O   . PRO A 1 154 ? 0.491   15.011  -17.942 1.00 25.56 ? 154 PRO A O   1 
ATOM   1245 C CB  . PRO A 1 154 ? -1.718  16.858  -16.575 1.00 21.86 ? 154 PRO A CB  1 
ATOM   1246 C CG  . PRO A 1 154 ? -1.744  17.111  -15.096 1.00 21.49 ? 154 PRO A CG  1 
ATOM   1247 C CD  . PRO A 1 154 ? -0.605  16.252  -14.608 1.00 19.88 ? 154 PRO A CD  1 
ATOM   1248 N N   . LYS A 1 155 ? -1.457  14.520  -18.953 1.00 25.68 ? 155 LYS A N   1 
ATOM   1249 C CA  . LYS A 1 155 ? -0.820  14.130  -20.207 1.00 29.38 ? 155 LYS A CA  1 
ATOM   1250 C C   . LYS A 1 155 ? -0.349  15.365  -20.969 1.00 30.83 ? 155 LYS A C   1 
ATOM   1251 O O   . LYS A 1 155 ? -0.694  16.488  -20.542 1.00 32.51 ? 155 LYS A O   1 
ATOM   1252 C CB  . LYS A 1 155 ? -1.792  13.339  -21.089 1.00 30.00 ? 155 LYS A CB  1 
ATOM   1253 C CG  . LYS A 1 155 ? -1.967  11.884  -20.694 1.00 30.68 ? 155 LYS A CG  1 
ATOM   1254 C CD  . LYS A 1 155 ? -2.770  11.130  -21.744 1.00 31.62 ? 155 LYS A CD  1 
ATOM   1255 C CE  . LYS A 1 155 ? -2.822  9.640   -21.439 1.00 32.16 ? 155 LYS A CE  1 
ATOM   1256 N NZ  . LYS A 1 155 ? -3.582  8.883   -22.472 1.00 32.91 ? 155 LYS A NZ  1 
HETATM 1257 O O   . HOH B 2 .   ? 7.298   -11.916 -10.218 1.00 10.49 ? 158 HOH A O   1 
HETATM 1258 O O   . HOH B 2 .   ? -10.778 14.403  0.493   1.00 10.36 ? 159 HOH A O   1 
HETATM 1259 O O   . HOH B 2 .   ? 1.098   10.238  0.170   1.00 10.11 ? 160 HOH A O   1 
HETATM 1260 O O   . HOH B 2 .   ? 8.335   -8.634  -1.485  1.00 12.75 ? 161 HOH A O   1 
HETATM 1261 O O   . HOH B 2 .   ? 4.420   6.829   -4.628  1.00 13.71 ? 162 HOH A O   1 
HETATM 1262 O O   . HOH B 2 .   ? -6.248  1.494   7.369   1.00 10.91 ? 163 HOH A O   1 
HETATM 1263 O O   . HOH B 2 .   ? 14.436  0.627   13.488  1.00 10.34 ? 164 HOH A O   1 
HETATM 1264 O O   . HOH B 2 .   ? -12.400 6.684   -5.658  1.00 13.64 ? 165 HOH A O   1 
HETATM 1265 O O   . HOH B 2 .   ? 12.135  5.491   0.962   1.00 14.25 ? 166 HOH A O   1 
HETATM 1266 O O   . HOH B 2 .   ? 1.710   10.814  7.496   1.00 14.42 ? 167 HOH A O   1 
HETATM 1267 O O   . HOH B 2 .   ? 12.216  -3.794  7.454   1.00 12.92 ? 168 HOH A O   1 
HETATM 1268 O O   . HOH B 2 .   ? 1.848   4.615   -8.574  1.00 13.61 ? 169 HOH A O   1 
HETATM 1269 O O   . HOH B 2 .   ? 6.621   7.622   -3.197  1.00 13.27 ? 170 HOH A O   1 
HETATM 1270 O O   . HOH B 2 .   ? 1.029   -7.060  -12.986 1.00 14.00 ? 171 HOH A O   1 
HETATM 1271 O O   . HOH B 2 .   ? 6.152   -5.995  -20.699 1.00 13.95 ? 172 HOH A O   1 
HETATM 1272 O O   . HOH B 2 .   ? -12.412 8.768   -3.952  1.00 13.80 ? 173 HOH A O   1 
HETATM 1273 O O   . HOH B 2 .   ? 8.385   14.141  9.088   1.00 23.40 ? 174 HOH A O   1 
HETATM 1274 O O   . HOH B 2 .   ? 2.088   11.479  -7.504  1.00 17.17 ? 175 HOH A O   1 
HETATM 1275 O O   . HOH B 2 .   ? 1.782   5.078   -11.304 1.00 18.45 ? 176 HOH A O   1 
HETATM 1276 O O   . HOH B 2 .   ? -6.050  2.899   14.130  1.00 14.05 ? 177 HOH A O   1 
HETATM 1277 O O   . HOH B 2 .   ? 4.026   13.026  7.020   1.00 18.36 ? 178 HOH A O   1 
HETATM 1278 O O   . HOH B 2 .   ? 1.737   13.917  -9.270  1.00 18.23 ? 179 HOH A O   1 
HETATM 1279 O O   . HOH B 2 .   ? -9.245  -4.024  4.063   1.00 18.13 ? 180 HOH A O   1 
HETATM 1280 O O   . HOH B 2 .   ? -9.310  9.107   -0.581  1.00 17.30 ? 181 HOH A O   1 
HETATM 1281 O O   . HOH B 2 .   ? 0.168   20.924  5.278   1.00 19.08 ? 182 HOH A O   1 
HETATM 1282 O O   . HOH B 2 .   ? -12.587 12.257  -2.889  1.00 22.43 ? 183 HOH A O   1 
HETATM 1283 O O   . HOH B 2 .   ? -7.040  10.286  0.170   1.00 16.35 ? 184 HOH A O   1 
HETATM 1284 O O   . HOH B 2 .   ? -1.039  10.963  6.369   1.00 16.30 ? 185 HOH A O   1 
HETATM 1285 O O   . HOH B 2 .   ? 13.893  7.821   8.886   1.00 20.26 ? 186 HOH A O   1 
HETATM 1286 O O   . HOH B 2 .   ? 13.242  7.516   18.198  1.00 18.30 ? 187 HOH A O   1 
HETATM 1287 O O   . HOH B 2 .   ? -0.895  5.911   -18.012 1.00 21.33 ? 188 HOH A O   1 
HETATM 1288 O O   . HOH B 2 .   ? 10.712  -2.439  -11.047 1.00 23.36 ? 189 HOH A O   1 
HETATM 1289 O O   . HOH B 2 .   ? -5.044  -5.921  -3.101  1.00 18.08 ? 190 HOH A O   1 
HETATM 1290 O O   . HOH B 2 .   ? -0.034  20.424  1.241   1.00 17.67 ? 191 HOH A O   1 
HETATM 1291 O O   . HOH B 2 .   ? -2.551  -6.953  -3.471  1.00 17.51 ? 192 HOH A O   1 
HETATM 1292 O O   . HOH B 2 .   ? 1.049   6.015   18.022  1.00 21.73 ? 193 HOH A O   1 
HETATM 1293 O O   . HOH B 2 .   ? 3.439   16.818  1.430   1.00 16.42 ? 194 HOH A O   1 
HETATM 1294 O O   . HOH B 2 .   ? 10.190  4.069   -0.673  1.00 19.97 ? 195 HOH A O   1 
HETATM 1295 O O   . HOH B 2 .   ? 17.385  -2.617  13.702  1.00 17.12 ? 196 HOH A O   1 
HETATM 1296 O O   . HOH B 2 .   ? 8.874   -3.814  -12.384 1.00 16.31 ? 197 HOH A O   1 
HETATM 1297 O O   . HOH B 2 .   ? -13.176 -5.417  -7.969  1.00 23.52 ? 198 HOH A O   1 
HETATM 1298 O O   . HOH B 2 .   ? 13.216  -9.333  2.851   1.00 20.30 ? 199 HOH A O   1 
HETATM 1299 O O   . HOH B 2 .   ? -5.531  17.423  -8.483  1.00 23.43 ? 200 HOH A O   1 
HETATM 1300 O O   . HOH B 2 .   ? 0.536   17.648  -2.196  1.00 18.24 ? 201 HOH A O   1 
HETATM 1301 O O   . HOH B 2 .   ? 11.027  -10.920 -16.756 1.00 16.66 ? 202 HOH A O   1 
HETATM 1302 O O   . HOH B 2 .   ? 7.412   -7.589  15.089  1.00 24.95 ? 203 HOH A O   1 
HETATM 1303 O O   . HOH B 2 .   ? 6.673   -18.306 -3.516  1.00 18.26 ? 204 HOH A O   1 
HETATM 1304 O O   . HOH B 2 .   ? -10.780 13.311  -10.895 1.00 18.13 ? 205 HOH A O   1 
HETATM 1305 O O   . HOH B 2 .   ? -3.297  14.288  1.796   1.00 22.02 ? 206 HOH A O   1 
HETATM 1306 O O   . HOH B 2 .   ? -1.888  -0.546  19.178  1.00 21.12 ? 207 HOH A O   1 
HETATM 1307 O O   . HOH B 2 .   ? 10.641  14.788  3.219   1.00 26.79 ? 208 HOH A O   1 
HETATM 1308 O O   . HOH B 2 .   ? 8.441   11.821  7.553   1.00 22.79 ? 209 HOH A O   1 
HETATM 1309 O O   . HOH B 2 .   ? 17.394  -13.022 -8.670  1.00 27.81 ? 210 HOH A O   1 
HETATM 1310 O O   . HOH B 2 .   ? -6.384  14.325  -1.159  1.00 16.54 ? 211 HOH A O   1 
HETATM 1311 O O   . HOH B 2 .   ? 1.188   -12.823 1.279   1.00 20.24 ? 212 HOH A O   1 
HETATM 1312 O O   . HOH B 2 .   ? 1.805   14.748  5.445   1.00 20.70 ? 213 HOH A O   1 
HETATM 1313 O O   . HOH B 2 .   ? -5.759  -12.856 -9.289  1.00 20.95 ? 214 HOH A O   1 
HETATM 1314 O O   . HOH B 2 .   ? 13.216  -5.163  -8.032  1.00 22.88 ? 215 HOH A O   1 
HETATM 1315 O O   . HOH B 2 .   ? 15.216  -6.520  -5.404  1.00 21.91 ? 216 HOH A O   1 
HETATM 1316 O O   . HOH B 2 .   ? 13.107  -6.207  9.388   1.00 24.75 ? 217 HOH A O   1 
HETATM 1317 O O   . HOH B 2 .   ? 11.883  -6.779  7.006   1.00 19.92 ? 218 HOH A O   1 
HETATM 1318 O O   . HOH B 2 .   ? -13.483 -7.592  -14.479 1.00 23.46 ? 219 HOH A O   1 
HETATM 1319 O O   . HOH B 2 .   ? -15.872 1.015   -9.727  1.00 26.56 ? 220 HOH A O   1 
HETATM 1320 O O   . HOH B 2 .   ? -3.421  6.751   -18.806 1.00 21.18 ? 221 HOH A O   1 
HETATM 1321 O O   . HOH B 2 .   ? -18.025 3.138   -8.317  1.00 25.94 ? 222 HOH A O   1 
HETATM 1322 O O   . HOH B 2 .   ? -13.977 14.604  -5.479  1.00 26.61 ? 223 HOH A O   1 
HETATM 1323 O O   . HOH B 2 .   ? -0.209  11.970  17.732  1.00 19.40 ? 224 HOH A O   1 
HETATM 1324 O O   . HOH B 2 .   ? 11.038  -9.385  7.472   1.00 23.80 ? 225 HOH A O   1 
HETATM 1325 O O   . HOH B 2 .   ? -4.640  -4.517  -15.895 1.00 20.82 ? 226 HOH A O   1 
HETATM 1326 O O   . HOH B 2 .   ? -3.380  -7.648  -0.367  1.00 24.47 ? 227 HOH A O   1 
HETATM 1327 O O   . HOH B 2 .   ? 13.942  -18.201 -4.862  1.00 19.25 ? 228 HOH A O   1 
HETATM 1328 O O   . HOH B 2 .   ? -16.073 -3.403  -5.081  1.00 23.61 ? 229 HOH A O   1 
HETATM 1329 O O   . HOH B 2 .   ? -11.903 -12.616 -4.268  1.00 27.94 ? 230 HOH A O   1 
HETATM 1330 O O   . HOH B 2 .   ? 19.035  -16.315 -7.429  1.00 35.38 ? 231 HOH A O   1 
HETATM 1331 O O   . HOH B 2 .   ? 10.119  -4.243  18.369  1.00 31.53 ? 232 HOH A O   1 
HETATM 1332 O O   . HOH B 2 .   ? -12.955 -7.043  -5.924  1.00 29.70 ? 233 HOH A O   1 
HETATM 1333 O O   . HOH B 2 .   ? 15.376  -12.088 -0.420  1.00 40.21 ? 234 HOH A O   1 
HETATM 1334 O O   . HOH B 2 .   ? 7.912   -5.446  19.163  1.00 27.08 ? 235 HOH A O   1 
HETATM 1335 O O   . HOH B 2 .   ? 16.591  -10.218 -4.485  1.00 23.84 ? 236 HOH A O   1 
HETATM 1336 O O   . HOH B 2 .   ? -14.887 12.813  -9.285  1.00 24.37 ? 237 HOH A O   1 
HETATM 1337 O O   . HOH B 2 .   ? -20.912 -6.501  -0.851  1.00 32.22 ? 238 HOH A O   1 
HETATM 1338 O O   . HOH B 2 .   ? 8.736   -17.507 -0.648  1.00 21.58 ? 239 HOH A O   1 
HETATM 1339 O O   . HOH B 2 .   ? 9.051   -3.368  -14.943 1.00 31.93 ? 240 HOH A O   1 
HETATM 1340 O O   . HOH B 2 .   ? 1.776   -7.956  -18.857 1.00 24.65 ? 241 HOH A O   1 
HETATM 1341 O O   . HOH B 2 .   ? -11.811 -9.222  -13.391 1.00 30.14 ? 242 HOH A O   1 
HETATM 1342 O O   . HOH B 2 .   ? 2.885   -7.817  20.301  1.00 23.75 ? 243 HOH A O   1 
HETATM 1343 O O   . HOH B 2 .   ? 8.647   11.003  12.211  1.00 25.48 ? 244 HOH A O   1 
HETATM 1344 O O   . HOH B 2 .   ? 14.922  -13.030 -2.871  1.00 22.95 ? 245 HOH A O   1 
HETATM 1345 O O   . HOH B 2 .   ? -11.725 -13.860 -8.730  1.00 25.99 ? 246 HOH A O   1 
HETATM 1346 O O   . HOH B 2 .   ? -11.648 -9.583  -6.064  1.00 25.02 ? 247 HOH A O   1 
HETATM 1347 O O   . HOH B 2 .   ? 5.235   9.967   18.473  1.00 25.58 ? 248 HOH A O   1 
HETATM 1348 O O   . HOH B 2 .   ? 16.127  1.252   21.477  1.00 33.01 ? 249 HOH A O   1 
HETATM 1349 O O   . HOH B 2 .   ? -0.755  8.058   15.401  1.00 31.44 ? 250 HOH A O   1 
HETATM 1350 O O   . HOH B 2 .   ? -14.863 -9.840  -4.518  1.00 37.38 ? 251 HOH A O   1 
HETATM 1351 O O   . HOH B 2 .   ? 14.294  -4.034  19.274  1.00 25.69 ? 252 HOH A O   1 
HETATM 1352 O O   . HOH B 2 .   ? 12.683  -5.603  -12.942 1.00 34.84 ? 253 HOH A O   1 
HETATM 1353 O O   . HOH B 2 .   ? 5.841   7.337   19.424  1.00 23.85 ? 254 HOH A O   1 
HETATM 1354 O O   . HOH B 2 .   ? -13.902 4.365   -15.160 1.00 42.46 ? 255 HOH A O   1 
HETATM 1355 O O   . HOH B 2 .   ? -7.019  6.674   3.576   1.00 32.87 ? 256 HOH A O   1 
HETATM 1356 O O   . HOH B 2 .   ? -1.039  4.781   22.578  1.00 34.94 ? 257 HOH A O   1 
HETATM 1357 O O   . HOH B 2 .   ? -3.446  11.834  2.543   1.00 29.63 ? 258 HOH A O   1 
HETATM 1358 O O   . HOH B 2 .   ? 5.035   -1.774  -15.479 1.00 33.12 ? 259 HOH A O   1 
HETATM 1359 O O   . HOH B 2 .   ? 1.719   17.576  -7.401  1.00 33.23 ? 260 HOH A O   1 
HETATM 1360 O O   . HOH B 2 .   ? -11.102 14.302  -7.488  1.00 35.35 ? 261 HOH A O   1 
HETATM 1361 O O   . HOH B 2 .   ? 1.102   16.163  -10.828 1.00 33.08 ? 262 HOH A O   1 
HETATM 1362 O O   . HOH B 2 .   ? -15.232 -7.294  -9.953  1.00 35.50 ? 263 HOH A O   1 
HETATM 1363 O O   . HOH B 2 .   ? -13.668 10.896  -11.838 1.00 39.88 ? 264 HOH A O   1 
HETATM 1364 O O   . HOH B 2 .   ? -13.025 -3.503  10.718  1.00 34.70 ? 265 HOH A O   1 
HETATM 1365 O O   . HOH B 2 .   ? 0.624   -11.096 13.991  1.00 39.40 ? 266 HOH A O   1 
HETATM 1366 O O   . HOH B 2 .   ? 14.353  1.695   -6.803  1.00 40.35 ? 267 HOH A O   1 
HETATM 1367 O O   . HOH B 2 .   ? 1.800   -4.921  -16.719 1.00 34.57 ? 268 HOH A O   1 
HETATM 1368 O O   . HOH B 2 .   ? -10.797 -2.501  -16.132 1.00 33.21 ? 269 HOH A O   1 
HETATM 1369 O O   . HOH B 2 .   ? -1.427  19.477  -0.836  1.00 20.40 ? 270 HOH A O   1 
HETATM 1370 O O   . HOH B 2 .   ? 0.225   -5.379  -11.044 1.00 18.52 ? 271 HOH A O   1 
HETATM 1371 O O   . HOH B 2 .   ? 6.544   -4.205  -22.425 1.00 25.91 ? 272 HOH A O   1 
HETATM 1372 O O   . HOH B 2 .   ? -14.866 -0.387  -7.342  1.00 21.57 ? 273 HOH A O   1 
HETATM 1373 O O   . HOH B 2 .   ? -12.482 -6.054  -16.470 1.00 27.44 ? 274 HOH A O   1 
HETATM 1374 O O   . HOH B 2 .   ? -3.251  9.416   5.900   1.00 25.90 ? 275 HOH A O   1 
HETATM 1375 O O   . HOH B 2 .   ? -15.063 -3.079  -7.780  1.00 29.82 ? 276 HOH A O   1 
HETATM 1376 O O   . HOH B 2 .   ? -14.239 6.894   -13.280 1.00 27.06 ? 277 HOH A O   1 
HETATM 1377 O O   . HOH B 2 .   ? -9.863  -5.345  -16.500 1.00 27.49 ? 278 HOH A O   1 
HETATM 1378 O O   . HOH B 2 .   ? 8.536   7.856   -5.671  1.00 27.74 ? 279 HOH A O   1 
HETATM 1379 O O   . HOH B 2 .   ? -9.782  6.691   3.378   1.00 23.38 ? 280 HOH A O   1 
HETATM 1380 O O   . HOH B 2 .   ? 13.186  -14.699 -1.756  1.00 30.69 ? 281 HOH A O   1 
HETATM 1381 O O   . HOH B 2 .   ? -3.212  -9.973  1.048   1.00 34.53 ? 282 HOH A O   1 
HETATM 1382 O O   . HOH B 2 .   ? 14.772  -5.464  -10.489 1.00 34.85 ? 283 HOH A O   1 
HETATM 1383 O O   . HOH B 2 .   ? 12.324  -16.601 -3.376  1.00 26.27 ? 284 HOH A O   1 
HETATM 1384 O O   . HOH B 2 .   ? 3.522   5.574   19.588  1.00 34.16 ? 285 HOH A O   1 
HETATM 1385 O O   . HOH B 2 .   ? -4.748  -7.048  -16.788 1.00 32.07 ? 286 HOH A O   1 
HETATM 1386 O O   . HOH B 2 .   ? -1.862  -10.249 -1.206  1.00 42.51 ? 287 HOH A O   1 
HETATM 1387 O O   . HOH B 2 .   ? 8.268   5.856   -1.381  1.00 32.99 ? 288 HOH A O   1 
HETATM 1388 O O   . HOH B 2 .   ? -0.202  -5.979  -15.365 1.00 35.65 ? 289 HOH A O   1 
HETATM 1389 O O   . HOH B 2 .   ? -0.061  23.020  0.911   1.00 33.78 ? 290 HOH A O   1 
HETATM 1390 O O   . HOH B 2 .   ? -1.535  9.241   17.918  1.00 38.43 ? 291 HOH A O   1 
HETATM 1391 O O   . HOH B 2 .   ? -10.345 5.929   -17.855 1.00 26.87 ? 292 HOH A O   1 
HETATM 1392 O O   . HOH B 2 .   ? 16.158  3.522   20.208  1.00 43.07 ? 293 HOH A O   1 
HETATM 1393 O O   . HOH B 2 .   ? 2.504   6.593   -18.281 1.00 32.39 ? 294 HOH A O   1 
HETATM 1394 O O   . HOH B 2 .   ? 1.583   7.874   16.369  1.00 38.86 ? 295 HOH A O   1 
HETATM 1395 O O   . HOH B 2 .   ? -0.630  -14.922 1.168   1.00 38.34 ? 296 HOH A O   1 
HETATM 1396 O O   . HOH B 2 .   ? -9.602  11.635  -15.336 1.00 29.27 ? 297 HOH A O   1 
HETATM 1397 O O   . HOH B 2 .   ? -0.334  7.731   19.862  1.00 31.07 ? 298 HOH A O   1 
HETATM 1398 O O   . HOH B 2 .   ? -5.210  11.307  4.325   1.00 43.49 ? 299 HOH A O   1 
HETATM 1399 O O   . HOH B 2 .   ? -9.332  -7.880  -13.786 1.00 38.85 ? 300 HOH A O   1 
HETATM 1400 O O   . HOH B 2 .   ? -1.401  -8.792  -5.101  1.00 33.88 ? 301 HOH A O   1 
HETATM 1401 O O   . HOH B 2 .   ? 5.497   2.892   22.621  1.00 28.57 ? 302 HOH A O   1 
HETATM 1402 O O   . HOH B 2 .   ? 3.284   17.526  4.601   1.00 42.93 ? 303 HOH A O   1 
HETATM 1403 O O   . HOH B 2 .   ? -12.636 14.848  -9.579  1.00 40.54 ? 304 HOH A O   1 
HETATM 1404 O O   . HOH B 2 .   ? -13.269 2.111   7.810   1.00 46.12 ? 305 HOH A O   1 
HETATM 1405 O O   . HOH B 2 .   ? 10.715  -10.064 -19.475 1.00 28.52 ? 306 HOH A O   1 
HETATM 1406 O O   . HOH B 2 .   ? 1.375   -3.492  -8.629  1.00 24.32 ? 307 HOH A O   1 
HETATM 1407 O O   . HOH B 2 .   ? 2.019   -2.958  -11.096 1.00 30.57 ? 308 HOH A O   1 
HETATM 1408 O O   . HOH B 2 .   ? -0.173  -8.857  -7.830  1.00 25.75 ? 309 HOH A O   1 
HETATM 1409 O O   . HOH B 2 .   ? -0.300  -6.183  -7.936  1.00 31.72 ? 310 HOH A O   1 
HETATM 1410 O O   . HOH B 2 .   ? -0.850  -11.258 -3.519  1.00 31.56 ? 311 HOH A O   1 
HETATM 1411 O O   . HOH B 2 .   ? 2.863   23.662  0.470   1.00 42.94 ? 312 HOH A O   1 
HETATM 1412 O O   . HOH B 2 .   ? -0.056  -18.579 4.087   1.00 47.09 ? 313 HOH A O   1 
HETATM 1413 O O   . HOH B 2 .   ? -0.900  -10.912 7.782   1.00 31.89 ? 314 HOH A O   1 
HETATM 1414 O O   . HOH B 2 .   ? 2.883   10.144  17.362  1.00 31.67 ? 315 HOH A O   1 
HETATM 1415 O O   . HOH B 2 .   ? 1.030   -3.085  -13.486 1.00 41.17 ? 316 HOH A O   1 
HETATM 1416 O O   . HOH B 2 .   ? 0.381   -11.458 -6.184  1.00 33.04 ? 317 HOH A O   1 
HETATM 1417 O O   . HOH B 2 .   ? 9.933   1.204   -7.661  1.00 30.36 ? 318 HOH A O   1 
HETATM 1418 O O   . HOH B 2 .   ? -17.794 -0.245  -11.157 1.00 43.55 ? 319 HOH A O   1 
HETATM 1419 O O   . HOH B 2 .   ? -7.559  -2.987  -22.715 1.00 46.09 ? 320 HOH A O   1 
HETATM 1420 O O   . HOH B 2 .   ? 17.282  -10.121 -0.290  1.00 39.36 ? 321 HOH A O   1 
HETATM 1421 O O   . HOH B 2 .   ? -17.351 -1.859  5.413   1.00 39.42 ? 322 HOH A O   1 
HETATM 1422 O O   . HOH B 2 .   ? 11.736  6.818   21.430  1.00 39.82 ? 323 HOH A O   1 
HETATM 1423 O O   . HOH B 2 .   ? 11.534  -13.731 0.383   1.00 33.80 ? 324 HOH A O   1 
HETATM 1424 O O   . HOH B 2 .   ? 3.599   -15.743 4.437   1.00 39.33 ? 325 HOH A O   1 
HETATM 1425 O O   . HOH B 2 .   ? 12.940  0.790   -9.148  1.00 42.91 ? 326 HOH A O   1 
HETATM 1426 O O   . HOH B 2 .   ? 12.204  -7.216  13.666  1.00 39.38 ? 327 HOH A O   1 
HETATM 1427 O O   . HOH B 2 .   ? 9.214   -15.172 0.577   1.00 39.30 ? 328 HOH A O   1 
HETATM 1428 O O   . HOH B 2 .   ? 7.293   -2.024  -18.784 1.00 42.59 ? 329 HOH A O   1 
HETATM 1429 O O   . HOH B 2 .   ? 19.978  -13.044 -9.437  1.00 36.32 ? 330 HOH A O   1 
HETATM 1430 O O   . HOH B 2 .   ? -2.274  -11.451 4.694   1.00 39.99 ? 331 HOH A O   1 
HETATM 1431 O O   . HOH B 2 .   ? 8.827   15.035  16.529  1.00 40.19 ? 332 HOH A O   1 
HETATM 1432 O O   . HOH B 2 .   ? -4.104  -8.879  3.922   1.00 30.53 ? 333 HOH A O   1 
HETATM 1433 O O   . HOH B 2 .   ? -10.601 10.283  -19.556 1.00 39.57 ? 334 HOH A O   1 
# 
